data_1XA5
# 
_entry.id   1XA5 
# 
_audit_conform.dict_name       mmcif_pdbx.dic 
_audit_conform.dict_version    5.380 
_audit_conform.dict_location   http://mmcif.pdb.org/dictionaries/ascii/mmcif_pdbx.dic 
# 
loop_
_database_2.database_id 
_database_2.database_code 
_database_2.pdbx_database_accession 
_database_2.pdbx_DOI 
PDB   1XA5         pdb_00001xa5 10.2210/pdb1xa5/pdb 
RCSB  RCSB030131   ?            ?                   
WWPDB D_1000030131 ?            ?                   
# 
_pdbx_database_status.status_code                     REL 
_pdbx_database_status.entry_id                        1XA5 
_pdbx_database_status.recvd_initial_deposition_date   2004-08-25 
_pdbx_database_status.deposit_site                    RCSB 
_pdbx_database_status.process_site                    PDBJ 
_pdbx_database_status.status_code_sf                  REL 
_pdbx_database_status.status_code_mr                  ? 
_pdbx_database_status.SG_entry                        ? 
_pdbx_database_status.pdb_format_compatible           Y 
_pdbx_database_status.status_code_cs                  ? 
_pdbx_database_status.methods_development_category    ? 
_pdbx_database_status.status_code_nmr_data            ? 
# 
loop_
_audit_author.name 
_audit_author.pdbx_ordinal 
'Horvath, I.'     1 
'Harmat, V.'      2 
'Hlavanda, E.'    3 
'Naray-Szabo, G.' 4 
'Ovadi, J.'       5 
# 
_citation.id                        primary 
_citation.title                     
'The structure of the complex of calmodulin with KAR-2: a novel mode of binding explains the unique pharmacology of the drug' 
_citation.journal_abbrev            J.Biol.Chem. 
_citation.journal_volume            280 
_citation.page_first                8266 
_citation.page_last                 8274 
_citation.year                      2005 
_citation.journal_id_ASTM           JBCHA3 
_citation.country                   US 
_citation.journal_id_ISSN           0021-9258 
_citation.journal_id_CSD            0071 
_citation.book_publisher            ? 
_citation.pdbx_database_id_PubMed   15596444 
_citation.pdbx_database_id_DOI      10.1074/jbc.M410353200 
# 
loop_
_citation_author.citation_id 
_citation_author.name 
_citation_author.ordinal 
_citation_author.identifier_ORCID 
primary 'Horvath, I.'     1 ? 
primary 'Harmat, V.'      2 ? 
primary 'Perczel, A.'     3 ? 
primary 'Palfi, V.'       4 ? 
primary 'Nyitrai, L.'     5 ? 
primary 'Nagy, A.'        6 ? 
primary 'Hlavanda, E.'    7 ? 
primary 'Naray-Szabo, G.' 8 ? 
primary 'Ovadi, J.'       9 ? 
# 
_cell.entry_id           1XA5 
_cell.length_a           37.573 
_cell.length_b           37.573 
_cell.length_c           356.662 
_cell.angle_alpha        90.00 
_cell.angle_beta         90.00 
_cell.angle_gamma        120.00 
_cell.Z_PDB              12 
_cell.pdbx_unique_axis   ? 
# 
_symmetry.entry_id                         1XA5 
_symmetry.space_group_name_H-M             'P 61 2 2' 
_symmetry.pdbx_full_space_group_name_H-M   ? 
_symmetry.cell_setting                     ? 
_symmetry.Int_Tables_number                178 
_symmetry.space_group_name_Hall            ? 
# 
loop_
_entity.id 
_entity.type 
_entity.src_method 
_entity.pdbx_description 
_entity.formula_weight 
_entity.pdbx_number_of_molecules 
_entity.pdbx_ec 
_entity.pdbx_mutation 
_entity.pdbx_fragment 
_entity.details 
1 polymer     nat Calmodulin                                                                          16721.350 1  ? ? ? ? 
2 non-polymer syn 'CALCIUM ION'                                                                       40.078    4  ? ? ? ? 
3 non-polymer syn 
;3"-(BETA-CHLOROETHYL)-2",4"-DIOXO-3, 5"-SPIRO-OXAZOLIDINO-4-DEACETOXY-VINBLASTINE
;
826.419   1  ? ? ? ? 
4 water       nat water                                                                               18.015    53 ? ? ? ? 
# 
_entity_poly.entity_id                      1 
_entity_poly.type                           'polypeptide(L)' 
_entity_poly.nstd_linkage                   no 
_entity_poly.nstd_monomer                   no 
_entity_poly.pdbx_seq_one_letter_code       
;ADQLTEEQIAEFKEAFSLFDKDGDGTITTKELGTVMRSLGQNPTEAELQDMINEVDADGNGTIDFPEFLTMMARKMKDTD
SEEEIREAFRVFDKDGNGYISAAELRHVMTNLGEKLTDEEVDEMIREADIDGDGQVNYEEFVQMMTAK
;
_entity_poly.pdbx_seq_one_letter_code_can   
;ADQLTEEQIAEFKEAFSLFDKDGDGTITTKELGTVMRSLGQNPTEAELQDMINEVDADGNGTIDFPEFLTMMARKMKDTD
SEEEIREAFRVFDKDGNGYISAAELRHVMTNLGEKLTDEEVDEMIREADIDGDGQVNYEEFVQMMTAK
;
_entity_poly.pdbx_strand_id                 A 
_entity_poly.pdbx_target_identifier         ? 
# 
loop_
_entity_poly_seq.entity_id 
_entity_poly_seq.num 
_entity_poly_seq.mon_id 
_entity_poly_seq.hetero 
1 1   ALA n 
1 2   ASP n 
1 3   GLN n 
1 4   LEU n 
1 5   THR n 
1 6   GLU n 
1 7   GLU n 
1 8   GLN n 
1 9   ILE n 
1 10  ALA n 
1 11  GLU n 
1 12  PHE n 
1 13  LYS n 
1 14  GLU n 
1 15  ALA n 
1 16  PHE n 
1 17  SER n 
1 18  LEU n 
1 19  PHE n 
1 20  ASP n 
1 21  LYS n 
1 22  ASP n 
1 23  GLY n 
1 24  ASP n 
1 25  GLY n 
1 26  THR n 
1 27  ILE n 
1 28  THR n 
1 29  THR n 
1 30  LYS n 
1 31  GLU n 
1 32  LEU n 
1 33  GLY n 
1 34  THR n 
1 35  VAL n 
1 36  MET n 
1 37  ARG n 
1 38  SER n 
1 39  LEU n 
1 40  GLY n 
1 41  GLN n 
1 42  ASN n 
1 43  PRO n 
1 44  THR n 
1 45  GLU n 
1 46  ALA n 
1 47  GLU n 
1 48  LEU n 
1 49  GLN n 
1 50  ASP n 
1 51  MET n 
1 52  ILE n 
1 53  ASN n 
1 54  GLU n 
1 55  VAL n 
1 56  ASP n 
1 57  ALA n 
1 58  ASP n 
1 59  GLY n 
1 60  ASN n 
1 61  GLY n 
1 62  THR n 
1 63  ILE n 
1 64  ASP n 
1 65  PHE n 
1 66  PRO n 
1 67  GLU n 
1 68  PHE n 
1 69  LEU n 
1 70  THR n 
1 71  MET n 
1 72  MET n 
1 73  ALA n 
1 74  ARG n 
1 75  LYS n 
1 76  MET n 
1 77  LYS n 
1 78  ASP n 
1 79  THR n 
1 80  ASP n 
1 81  SER n 
1 82  GLU n 
1 83  GLU n 
1 84  GLU n 
1 85  ILE n 
1 86  ARG n 
1 87  GLU n 
1 88  ALA n 
1 89  PHE n 
1 90  ARG n 
1 91  VAL n 
1 92  PHE n 
1 93  ASP n 
1 94  LYS n 
1 95  ASP n 
1 96  GLY n 
1 97  ASN n 
1 98  GLY n 
1 99  TYR n 
1 100 ILE n 
1 101 SER n 
1 102 ALA n 
1 103 ALA n 
1 104 GLU n 
1 105 LEU n 
1 106 ARG n 
1 107 HIS n 
1 108 VAL n 
1 109 MET n 
1 110 THR n 
1 111 ASN n 
1 112 LEU n 
1 113 GLY n 
1 114 GLU n 
1 115 LYS n 
1 116 LEU n 
1 117 THR n 
1 118 ASP n 
1 119 GLU n 
1 120 GLU n 
1 121 VAL n 
1 122 ASP n 
1 123 GLU n 
1 124 MET n 
1 125 ILE n 
1 126 ARG n 
1 127 GLU n 
1 128 ALA n 
1 129 ASP n 
1 130 ILE n 
1 131 ASP n 
1 132 GLY n 
1 133 ASP n 
1 134 GLY n 
1 135 GLN n 
1 136 VAL n 
1 137 ASN n 
1 138 TYR n 
1 139 GLU n 
1 140 GLU n 
1 141 PHE n 
1 142 VAL n 
1 143 GLN n 
1 144 MET n 
1 145 MET n 
1 146 THR n 
1 147 ALA n 
1 148 LYS n 
# 
_entity_src_nat.entity_id                  1 
_entity_src_nat.pdbx_src_id                1 
_entity_src_nat.pdbx_alt_source_flag       sample 
_entity_src_nat.pdbx_beg_seq_num           ? 
_entity_src_nat.pdbx_end_seq_num           ? 
_entity_src_nat.common_name                cattle 
_entity_src_nat.pdbx_organism_scientific   'Bos taurus' 
_entity_src_nat.pdbx_ncbi_taxonomy_id      9913 
_entity_src_nat.genus                      Bos 
_entity_src_nat.species                    ? 
_entity_src_nat.strain                     ? 
_entity_src_nat.tissue                     brain 
_entity_src_nat.tissue_fraction            ? 
_entity_src_nat.pdbx_secretion             ? 
_entity_src_nat.pdbx_fragment              ? 
_entity_src_nat.pdbx_variant               ? 
_entity_src_nat.pdbx_cell_line             ? 
_entity_src_nat.pdbx_atcc                  ? 
_entity_src_nat.pdbx_cellular_location     ? 
_entity_src_nat.pdbx_organ                 ? 
_entity_src_nat.pdbx_organelle             ? 
_entity_src_nat.pdbx_cell                  ? 
_entity_src_nat.pdbx_plasmid_name          ? 
_entity_src_nat.pdbx_plasmid_details       ? 
_entity_src_nat.details                    ? 
# 
_struct_ref.id                         1 
_struct_ref.db_name                    UNP 
_struct_ref.db_code                    CALM_BOVIN 
_struct_ref.entity_id                  1 
_struct_ref.pdbx_seq_one_letter_code   
;ADQLTEEQIAEFKEAFSLFDKDGDGTITTKELGTVMRSLGQNPTEAELQDMINEVDADGNGTIDFPEFLTMMARKMKDTD
SEEEIREAFRVFDKDGNGYISAAELRHVMTNLGEKLTDEEVDEMIREADIDGDGQVNYEEFVQMMTAK
;
_struct_ref.pdbx_align_begin           1 
_struct_ref.pdbx_db_accession          P62157 
_struct_ref.pdbx_db_isoform            ? 
# 
_struct_ref_seq.align_id                      1 
_struct_ref_seq.ref_id                        1 
_struct_ref_seq.pdbx_PDB_id_code              1XA5 
_struct_ref_seq.pdbx_strand_id                A 
_struct_ref_seq.seq_align_beg                 1 
_struct_ref_seq.pdbx_seq_align_beg_ins_code   ? 
_struct_ref_seq.seq_align_end                 148 
_struct_ref_seq.pdbx_seq_align_end_ins_code   ? 
_struct_ref_seq.pdbx_db_accession             P62157 
_struct_ref_seq.db_align_beg                  1 
_struct_ref_seq.pdbx_db_align_beg_ins_code    ? 
_struct_ref_seq.db_align_end                  148 
_struct_ref_seq.pdbx_db_align_end_ins_code    ? 
_struct_ref_seq.pdbx_auth_seq_align_beg       1 
_struct_ref_seq.pdbx_auth_seq_align_end       148 
# 
loop_
_chem_comp.id 
_chem_comp.type 
_chem_comp.mon_nstd_flag 
_chem_comp.name 
_chem_comp.pdbx_synonyms 
_chem_comp.formula 
_chem_comp.formula_weight 
ALA 'L-peptide linking' y ALANINE                                                                             ? 'C3 H7 N O2'       
89.093  
ARG 'L-peptide linking' y ARGININE                                                                            ? 'C6 H15 N4 O2 1'   
175.209 
ASN 'L-peptide linking' y ASPARAGINE                                                                          ? 'C4 H8 N2 O3'      
132.118 
ASP 'L-peptide linking' y 'ASPARTIC ACID'                                                                     ? 'C4 H7 N O4'       
133.103 
CA  non-polymer         . 'CALCIUM ION'                                                                       ? 'Ca 2'             
40.078  
GLN 'L-peptide linking' y GLUTAMINE                                                                           ? 'C5 H10 N2 O3'     
146.144 
GLU 'L-peptide linking' y 'GLUTAMIC ACID'                                                                     ? 'C5 H9 N O4'       
147.129 
GLY 'peptide linking'   y GLYCINE                                                                             ? 'C2 H5 N O2'       
75.067  
HIS 'L-peptide linking' y HISTIDINE                                                                           ? 'C6 H10 N3 O2 1'   
156.162 
HOH non-polymer         . WATER                                                                               ? 'H2 O'             
18.015  
ILE 'L-peptide linking' y ISOLEUCINE                                                                          ? 'C6 H13 N O2'      
131.173 
KAR non-polymer         . 
;3"-(BETA-CHLOROETHYL)-2",4"-DIOXO-3, 5"-SPIRO-OXAZOLIDINO-4-DEACETOXY-VINBLASTINE
;
? 'C46 H56 Cl N5 O7' 826.419 
LEU 'L-peptide linking' y LEUCINE                                                                             ? 'C6 H13 N O2'      
131.173 
LYS 'L-peptide linking' y LYSINE                                                                              ? 'C6 H15 N2 O2 1'   
147.195 
MET 'L-peptide linking' y METHIONINE                                                                          ? 'C5 H11 N O2 S'    
149.211 
PHE 'L-peptide linking' y PHENYLALANINE                                                                       ? 'C9 H11 N O2'      
165.189 
PRO 'L-peptide linking' y PROLINE                                                                             ? 'C5 H9 N O2'       
115.130 
SER 'L-peptide linking' y SERINE                                                                              ? 'C3 H7 N O3'       
105.093 
THR 'L-peptide linking' y THREONINE                                                                           ? 'C4 H9 N O3'       
119.119 
TYR 'L-peptide linking' y TYROSINE                                                                            ? 'C9 H11 N O3'      
181.189 
VAL 'L-peptide linking' y VALINE                                                                              ? 'C5 H11 N O2'      
117.146 
# 
_exptl.entry_id          1XA5 
_exptl.method            'X-RAY DIFFRACTION' 
_exptl.crystals_number   1 
# 
_exptl_crystal.id                    1 
_exptl_crystal.density_meas          ? 
_exptl_crystal.density_Matthews      2.25 
_exptl_crystal.density_percent_sol   44.79 
_exptl_crystal.description           ? 
_exptl_crystal.F_000                 ? 
_exptl_crystal.preparation           ? 
# 
_exptl_crystal_grow.crystal_id      1 
_exptl_crystal_grow.method          'VAPOR DIFFUSION, HANGING DROP' 
_exptl_crystal_grow.temp            279 
_exptl_crystal_grow.temp_details    ? 
_exptl_crystal_grow.pH              4.7 
_exptl_crystal_grow.pdbx_details    'CaCl2, MgCl2, cacodylate, PEG 8000, pH 4.7, VAPOR DIFFUSION, HANGING DROP, temperature 279K' 
_exptl_crystal_grow.pdbx_pH_range   . 
# 
_diffrn.id                     1 
_diffrn.ambient_temp           100 
_diffrn.ambient_temp_details   ? 
_diffrn.crystal_id             1 
# 
_diffrn_detector.diffrn_id              1 
_diffrn_detector.detector               CCD 
_diffrn_detector.type                   MARRESEARCH 
_diffrn_detector.pdbx_collection_date   2003-02-24 
_diffrn_detector.details                'Triangular monochromator, Bent mirror' 
# 
_diffrn_radiation.diffrn_id                        1 
_diffrn_radiation.wavelength_id                    1 
_diffrn_radiation.pdbx_monochromatic_or_laue_m_l   M 
_diffrn_radiation.monochromator                    mirror 
_diffrn_radiation.pdbx_diffrn_protocol             'SINGLE WAVELENGTH' 
_diffrn_radiation.pdbx_scattering_type             x-ray 
# 
_diffrn_radiation_wavelength.id           1 
_diffrn_radiation_wavelength.wavelength   0.813 
_diffrn_radiation_wavelength.wt           1.0 
# 
_diffrn_source.diffrn_id                   1 
_diffrn_source.source                      SYNCHROTRON 
_diffrn_source.type                        'EMBL/DESY, HAMBURG BEAMLINE X11' 
_diffrn_source.pdbx_synchrotron_site       'EMBL/DESY, HAMBURG' 
_diffrn_source.pdbx_synchrotron_beamline   X11 
_diffrn_source.pdbx_wavelength             ? 
_diffrn_source.pdbx_wavelength_list        0.813 
# 
_reflns.entry_id                     1XA5 
_reflns.observed_criterion_sigma_F   -0 
_reflns.observed_criterion_sigma_I   -3 
_reflns.d_resolution_high            2.12 
_reflns.d_resolution_low             20.00 
_reflns.number_all                   9429 
_reflns.number_obs                   9429 
_reflns.percent_possible_obs         98.7 
_reflns.pdbx_Rmerge_I_obs            0.077 
_reflns.pdbx_Rsym_value              ? 
_reflns.pdbx_netI_over_sigmaI        23.39 
_reflns.B_iso_Wilson_estimate        33.408 
_reflns.pdbx_redundancy              13.5 
_reflns.R_free_details               ? 
_reflns.limit_h_max                  ? 
_reflns.limit_h_min                  ? 
_reflns.limit_k_max                  ? 
_reflns.limit_k_min                  ? 
_reflns.limit_l_max                  ? 
_reflns.limit_l_min                  ? 
_reflns.observed_criterion_F_max     ? 
_reflns.observed_criterion_F_min     ? 
_reflns.pdbx_chi_squared             ? 
_reflns.pdbx_scaling_rejects         ? 
_reflns.pdbx_ordinal                 1 
_reflns.pdbx_diffrn_id               1 
# 
_reflns_shell.d_res_high             2.12 
_reflns_shell.d_res_low              2.20 
_reflns_shell.percent_possible_all   88.7 
_reflns_shell.Rmerge_I_obs           0.306 
_reflns_shell.pdbx_Rsym_value        ? 
_reflns_shell.meanI_over_sigI_obs    8.00 
_reflns_shell.pdbx_redundancy        9.38 
_reflns_shell.percent_possible_obs   ? 
_reflns_shell.number_unique_all      858 
_reflns_shell.number_measured_all    ? 
_reflns_shell.number_measured_obs    ? 
_reflns_shell.number_unique_obs      ? 
_reflns_shell.pdbx_chi_squared       ? 
_reflns_shell.pdbx_ordinal           1 
_reflns_shell.pdbx_diffrn_id         1 
# 
_refine.entry_id                                 1XA5 
_refine.ls_number_reflns_obs                     8981 
_refine.ls_number_reflns_all                     8981 
_refine.pdbx_ls_sigma_I                          ? 
_refine.pdbx_ls_sigma_F                          ? 
_refine.pdbx_data_cutoff_high_absF               ? 
_refine.pdbx_data_cutoff_low_absF                ? 
_refine.pdbx_data_cutoff_high_rms_absF           ? 
_refine.ls_d_res_low                             20.0 
_refine.ls_d_res_high                            2.12 
_refine.ls_percent_reflns_obs                    99.15 
_refine.ls_R_factor_obs                          0.21992 
_refine.ls_R_factor_all                          0.21992 
_refine.ls_R_factor_R_work                       0.2179 
_refine.ls_R_factor_R_free                       0.26105 
_refine.ls_R_factor_R_free_error                 ? 
_refine.ls_R_factor_R_free_error_details         ? 
_refine.ls_percent_reflns_R_free                 4.8 
_refine.ls_number_reflns_R_free                  448 
_refine.ls_number_parameters                     ? 
_refine.ls_number_restraints                     ? 
_refine.occupancy_min                            ? 
_refine.occupancy_max                            ? 
_refine.correlation_coeff_Fo_to_Fc               0.933 
_refine.correlation_coeff_Fo_to_Fc_free          0.909 
_refine.B_iso_mean                               17.023 
_refine.aniso_B[1][1]                            0.26 
_refine.aniso_B[2][2]                            0.26 
_refine.aniso_B[3][3]                            -0.40 
_refine.aniso_B[1][2]                            0.13 
_refine.aniso_B[1][3]                            0.00 
_refine.aniso_B[2][3]                            0.00 
_refine.solvent_model_details                    'BABINET MODEL WITH MASK' 
_refine.solvent_model_param_ksol                 ? 
_refine.solvent_model_param_bsol                 ? 
_refine.pdbx_solvent_vdw_probe_radii             1.40 
_refine.pdbx_solvent_ion_probe_radii             0.80 
_refine.pdbx_solvent_shrinkage_radii             0.80 
_refine.pdbx_ls_cross_valid_method               THROUGHOUT 
_refine.details                                  'HYDROGENS HAVE BEEN ADDED IN THE RIDING POSITIONS' 
_refine.pdbx_starting_model                      'C-terminal domain of pdb entry 1lin truncated to poly-ALA' 
_refine.pdbx_method_to_determine_struct          'MOLECULAR REPLACEMENT' 
_refine.pdbx_isotropic_thermal_model             ? 
_refine.pdbx_stereochemistry_target_values       ? 
_refine.pdbx_stereochem_target_val_spec_case     ? 
_refine.pdbx_R_Free_selection_details            RANDOM 
_refine.pdbx_overall_ESU_R                       0.255 
_refine.pdbx_overall_ESU_R_Free                  0.207 
_refine.overall_SU_ML                            0.164 
_refine.overall_SU_B                             6.383 
_refine.ls_redundancy_reflns_obs                 ? 
_refine.B_iso_min                                ? 
_refine.B_iso_max                                ? 
_refine.overall_SU_R_Cruickshank_DPI             ? 
_refine.overall_SU_R_free                        ? 
_refine.ls_wR_factor_R_free                      ? 
_refine.ls_wR_factor_R_work                      ? 
_refine.overall_FOM_free_R_set                   ? 
_refine.overall_FOM_work_R_set                   ? 
_refine.pdbx_refine_id                           'X-RAY DIFFRACTION' 
_refine.pdbx_TLS_residual_ADP_flag               'LIKELY RESIDUAL' 
_refine.pdbx_diffrn_id                           1 
_refine.pdbx_overall_phase_error                 ? 
_refine.pdbx_overall_SU_R_free_Cruickshank_DPI   ? 
_refine.pdbx_overall_SU_R_Blow_DPI               ? 
_refine.pdbx_overall_SU_R_free_Blow_DPI          ? 
# 
_refine_hist.pdbx_refine_id                   'X-RAY DIFFRACTION' 
_refine_hist.cycle_id                         LAST 
_refine_hist.pdbx_number_atoms_protein        1093 
_refine_hist.pdbx_number_atoms_nucleic_acid   0 
_refine_hist.pdbx_number_atoms_ligand         63 
_refine_hist.number_atoms_solvent             53 
_refine_hist.number_atoms_total               1209 
_refine_hist.d_res_high                       2.12 
_refine_hist.d_res_low                        20.0 
# 
loop_
_refine_ls_restr.type 
_refine_ls_restr.dev_ideal 
_refine_ls_restr.dev_ideal_target 
_refine_ls_restr.weight 
_refine_ls_restr.number 
_refine_ls_restr.pdbx_refine_id 
_refine_ls_restr.pdbx_restraint_function 
r_bond_refined_d         0.005 0.021 ? 1172 'X-RAY DIFFRACTION' ? 
r_bond_other_d           0.000 0.020 ? 953  'X-RAY DIFFRACTION' ? 
r_angle_refined_deg      1.232 2.025 ? 1598 'X-RAY DIFFRACTION' ? 
r_angle_other_deg        0.552 3.000 ? 2217 'X-RAY DIFFRACTION' ? 
r_dihedral_angle_1_deg   6.018 5.000 ? 142  'X-RAY DIFFRACTION' ? 
r_chiral_restr           0.106 0.200 ? 176  'X-RAY DIFFRACTION' ? 
r_gen_planes_refined     0.002 0.020 ? 1307 'X-RAY DIFFRACTION' ? 
r_gen_planes_other       0.000 0.020 ? 206  'X-RAY DIFFRACTION' ? 
r_nbd_refined            0.247 0.300 ? 341  'X-RAY DIFFRACTION' ? 
r_nbd_other              0.266 0.300 ? 1109 'X-RAY DIFFRACTION' ? 
r_nbtor_other            0.088 0.500 ? 585  'X-RAY DIFFRACTION' ? 
r_xyhbond_nbd_refined    0.207 0.500 ? 85   'X-RAY DIFFRACTION' ? 
r_metal_ion_refined      0.134 0.500 ? 14   'X-RAY DIFFRACTION' ? 
r_symmetry_vdw_refined   0.225 0.300 ? 13   'X-RAY DIFFRACTION' ? 
r_symmetry_vdw_other     0.252 0.300 ? 51   'X-RAY DIFFRACTION' ? 
r_symmetry_hbond_refined 0.339 0.500 ? 8    'X-RAY DIFFRACTION' ? 
r_mcbond_it              1.067 2.000 ? 709  'X-RAY DIFFRACTION' ? 
r_mcangle_it             1.778 3.000 ? 1127 'X-RAY DIFFRACTION' ? 
r_scbond_it              1.115 2.000 ? 463  'X-RAY DIFFRACTION' ? 
r_scangle_it             1.719 3.000 ? 471  'X-RAY DIFFRACTION' ? 
# 
_refine_ls_shell.pdbx_total_number_of_bins_used   20 
_refine_ls_shell.d_res_high                       2.124 
_refine_ls_shell.d_res_low                        2.179 
_refine_ls_shell.number_reflns_R_work             596 
_refine_ls_shell.R_factor_R_work                  0.253 
_refine_ls_shell.percent_reflns_obs               ? 
_refine_ls_shell.R_factor_R_free                  0.296 
_refine_ls_shell.R_factor_R_free_error            ? 
_refine_ls_shell.percent_reflns_R_free            ? 
_refine_ls_shell.number_reflns_R_free             29 
_refine_ls_shell.number_reflns_obs                ? 
_refine_ls_shell.redundancy_reflns_obs            ? 
_refine_ls_shell.number_reflns_all                ? 
_refine_ls_shell.pdbx_refine_id                   'X-RAY DIFFRACTION' 
_refine_ls_shell.R_factor_all                     ? 
# 
_struct.entry_id                  1XA5 
_struct.title                     'Structure of Calmodulin in complex with KAR-2, a bis-indol alkaloid' 
_struct.pdbx_model_details        ? 
_struct.pdbx_CASP_flag            ? 
_struct.pdbx_model_type_details   ? 
# 
_struct_keywords.entry_id        1XA5 
_struct_keywords.pdbx_keywords   'METAL BINDING PROTEIN' 
_struct_keywords.text            'calmodulin, vinca alkaloid, KAR-2, drug binding, METAL BINDING PROTEIN' 
# 
loop_
_struct_asym.id 
_struct_asym.pdbx_blank_PDB_chainid_flag 
_struct_asym.pdbx_modified 
_struct_asym.entity_id 
_struct_asym.details 
A N N 1 ? 
B N N 2 ? 
C N N 2 ? 
D N N 2 ? 
E N N 2 ? 
F N N 3 ? 
G N N 4 ? 
# 
_struct_biol.id   1 
# 
loop_
_struct_conf.conf_type_id 
_struct_conf.id 
_struct_conf.pdbx_PDB_helix_id 
_struct_conf.beg_label_comp_id 
_struct_conf.beg_label_asym_id 
_struct_conf.beg_label_seq_id 
_struct_conf.pdbx_beg_PDB_ins_code 
_struct_conf.end_label_comp_id 
_struct_conf.end_label_asym_id 
_struct_conf.end_label_seq_id 
_struct_conf.pdbx_end_PDB_ins_code 
_struct_conf.beg_auth_comp_id 
_struct_conf.beg_auth_asym_id 
_struct_conf.beg_auth_seq_id 
_struct_conf.end_auth_comp_id 
_struct_conf.end_auth_asym_id 
_struct_conf.end_auth_seq_id 
_struct_conf.pdbx_PDB_helix_class 
_struct_conf.details 
_struct_conf.pdbx_PDB_helix_length 
HELX_P HELX_P1 1 THR A 5   ? ASP A 20  ? THR A 5   ASP A 20  1 ? 16 
HELX_P HELX_P2 2 THR A 28  ? LEU A 39  ? THR A 28  LEU A 39  1 ? 12 
HELX_P HELX_P3 3 THR A 44  ? GLU A 54  ? THR A 44  GLU A 54  1 ? 11 
HELX_P HELX_P4 4 ASP A 64  ? ARG A 74  ? ASP A 64  ARG A 74  1 ? 11 
HELX_P HELX_P5 5 SER A 81  ? ASP A 93  ? SER A 81  ASP A 93  1 ? 13 
HELX_P HELX_P6 6 SER A 101 ? GLY A 113 ? SER A 101 GLY A 113 1 ? 13 
HELX_P HELX_P7 7 THR A 117 ? ASP A 129 ? THR A 117 ASP A 129 1 ? 13 
HELX_P HELX_P8 8 ASN A 137 ? THR A 146 ? ASN A 137 THR A 146 1 ? 10 
# 
_struct_conf_type.id          HELX_P 
_struct_conf_type.criteria    ? 
_struct_conf_type.reference   ? 
# 
loop_
_struct_conn.id 
_struct_conn.conn_type_id 
_struct_conn.pdbx_leaving_atom_flag 
_struct_conn.pdbx_PDB_id 
_struct_conn.ptnr1_label_asym_id 
_struct_conn.ptnr1_label_comp_id 
_struct_conn.ptnr1_label_seq_id 
_struct_conn.ptnr1_label_atom_id 
_struct_conn.pdbx_ptnr1_label_alt_id 
_struct_conn.pdbx_ptnr1_PDB_ins_code 
_struct_conn.pdbx_ptnr1_standard_comp_id 
_struct_conn.ptnr1_symmetry 
_struct_conn.ptnr2_label_asym_id 
_struct_conn.ptnr2_label_comp_id 
_struct_conn.ptnr2_label_seq_id 
_struct_conn.ptnr2_label_atom_id 
_struct_conn.pdbx_ptnr2_label_alt_id 
_struct_conn.pdbx_ptnr2_PDB_ins_code 
_struct_conn.ptnr1_auth_asym_id 
_struct_conn.ptnr1_auth_comp_id 
_struct_conn.ptnr1_auth_seq_id 
_struct_conn.ptnr2_auth_asym_id 
_struct_conn.ptnr2_auth_comp_id 
_struct_conn.ptnr2_auth_seq_id 
_struct_conn.ptnr2_symmetry 
_struct_conn.pdbx_ptnr3_label_atom_id 
_struct_conn.pdbx_ptnr3_label_seq_id 
_struct_conn.pdbx_ptnr3_label_comp_id 
_struct_conn.pdbx_ptnr3_label_asym_id 
_struct_conn.pdbx_ptnr3_label_alt_id 
_struct_conn.pdbx_ptnr3_PDB_ins_code 
_struct_conn.details 
_struct_conn.pdbx_dist_value 
_struct_conn.pdbx_value_order 
_struct_conn.pdbx_role 
metalc1  metalc ? ? A ASP 20  OD1 ? ? ? 1_555 B CA  . CA ? ? A ASP 20  A CA  149 1_555 ? ? ? ? ? ? ? 2.237 ? ? 
metalc2  metalc ? ? A ASP 22  OD1 ? ? ? 1_555 B CA  . CA ? ? A ASP 22  A CA  149 1_555 ? ? ? ? ? ? ? 2.499 ? ? 
metalc3  metalc ? ? A ASP 24  OD1 ? ? ? 1_555 B CA  . CA ? ? A ASP 24  A CA  149 1_555 ? ? ? ? ? ? ? 2.283 ? ? 
metalc4  metalc ? ? A THR 26  O   ? ? ? 1_555 B CA  . CA ? ? A THR 26  A CA  149 1_555 ? ? ? ? ? ? ? 2.243 ? ? 
metalc5  metalc ? ? A GLU 31  OE2 ? ? ? 1_555 B CA  . CA ? ? A GLU 31  A CA  149 1_555 ? ? ? ? ? ? ? 2.423 ? ? 
metalc6  metalc ? ? A GLU 31  OE1 ? ? ? 1_555 B CA  . CA ? ? A GLU 31  A CA  149 1_555 ? ? ? ? ? ? ? 2.708 ? ? 
metalc7  metalc ? ? A ASP 56  OD1 ? ? ? 1_555 E CA  . CA ? ? A ASP 56  A CA  150 1_555 ? ? ? ? ? ? ? 2.254 ? ? 
metalc8  metalc ? ? A ASP 58  OD1 ? ? ? 1_555 E CA  . CA ? ? A ASP 58  A CA  150 1_555 ? ? ? ? ? ? ? 2.394 ? ? 
metalc9  metalc ? ? A ASN 60  OD1 ? ? ? 1_555 E CA  . CA ? ? A ASN 60  A CA  150 1_555 ? ? ? ? ? ? ? 2.432 ? ? 
metalc10 metalc ? ? A THR 62  O   ? ? ? 1_555 E CA  . CA ? ? A THR 62  A CA  150 1_555 ? ? ? ? ? ? ? 2.324 ? ? 
metalc11 metalc ? ? A GLU 67  OE1 ? ? ? 1_555 E CA  . CA ? ? A GLU 67  A CA  150 1_555 ? ? ? ? ? ? ? 2.447 ? ? 
metalc12 metalc ? ? A GLU 67  OE2 ? ? ? 1_555 E CA  . CA ? ? A GLU 67  A CA  150 1_555 ? ? ? ? ? ? ? 2.618 ? ? 
metalc13 metalc ? ? A ASP 93  OD1 ? ? ? 1_555 C CA  . CA ? ? A ASP 93  A CA  151 1_555 ? ? ? ? ? ? ? 2.410 ? ? 
metalc14 metalc ? ? A ASP 95  OD1 ? ? ? 1_555 C CA  . CA ? ? A ASP 95  A CA  151 1_555 ? ? ? ? ? ? ? 2.328 ? ? 
metalc15 metalc ? ? A ASN 97  OD1 ? ? ? 1_555 C CA  . CA ? ? A ASN 97  A CA  151 1_555 ? ? ? ? ? ? ? 2.230 ? ? 
metalc16 metalc ? ? A TYR 99  O   ? ? ? 1_555 C CA  . CA ? ? A TYR 99  A CA  151 1_555 ? ? ? ? ? ? ? 2.255 ? ? 
metalc17 metalc ? ? A GLU 104 OE2 ? ? ? 1_555 C CA  . CA ? ? A GLU 104 A CA  151 1_555 ? ? ? ? ? ? ? 2.410 ? ? 
metalc18 metalc ? ? A GLU 104 OE1 ? ? ? 1_555 C CA  . CA ? ? A GLU 104 A CA  151 1_555 ? ? ? ? ? ? ? 2.573 ? ? 
metalc19 metalc ? ? A ASP 129 OD1 ? ? ? 1_555 D CA  . CA ? ? A ASP 129 A CA  152 1_555 ? ? ? ? ? ? ? 2.223 ? ? 
metalc20 metalc ? ? A ASP 131 OD1 ? ? ? 1_555 D CA  . CA ? ? A ASP 131 A CA  152 1_555 ? ? ? ? ? ? ? 2.582 ? ? 
metalc21 metalc ? ? A ASP 133 OD1 ? ? ? 1_555 D CA  . CA ? ? A ASP 133 A CA  152 1_555 ? ? ? ? ? ? ? 2.453 ? ? 
metalc22 metalc ? ? A GLN 135 O   ? ? ? 1_555 D CA  . CA ? ? A GLN 135 A CA  152 1_555 ? ? ? ? ? ? ? 2.287 ? ? 
metalc23 metalc ? ? A GLU 140 OE2 ? ? ? 1_555 D CA  . CA ? ? A GLU 140 A CA  152 1_555 ? ? ? ? ? ? ? 2.543 ? ? 
metalc24 metalc ? ? A GLU 140 OE1 ? ? ? 1_555 D CA  . CA ? ? A GLU 140 A CA  152 1_555 ? ? ? ? ? ? ? 2.567 ? ? 
metalc25 metalc ? ? B CA  .   CA  ? ? ? 1_555 G HOH . O  ? ? A CA  149 A HOH 188 1_555 ? ? ? ? ? ? ? 2.636 ? ? 
metalc26 metalc ? ? E CA  .   CA  ? ? ? 1_555 G HOH . O  ? ? A CA  150 A HOH 159 1_555 ? ? ? ? ? ? ? 2.369 ? ? 
metalc27 metalc ? ? C CA  .   CA  ? ? ? 1_555 G HOH . O  ? ? A CA  151 A HOH 196 1_555 ? ? ? ? ? ? ? 2.623 ? ? 
metalc28 metalc ? ? D CA  .   CA  ? ? ? 1_555 G HOH . O  ? ? A CA  152 A HOH 168 1_555 ? ? ? ? ? ? ? 2.537 ? ? 
# 
_struct_conn_type.id          metalc 
_struct_conn_type.criteria    ? 
_struct_conn_type.reference   ? 
# 
loop_
_struct_site.id 
_struct_site.pdbx_evidence_code 
_struct_site.pdbx_auth_asym_id 
_struct_site.pdbx_auth_comp_id 
_struct_site.pdbx_auth_seq_id 
_struct_site.pdbx_auth_ins_code 
_struct_site.pdbx_num_residues 
_struct_site.details 
AC1 Software A CA  149 ? 6  'BINDING SITE FOR RESIDUE CA A 149'  
AC2 Software A CA  151 ? 6  'BINDING SITE FOR RESIDUE CA A 151'  
AC3 Software A CA  152 ? 6  'BINDING SITE FOR RESIDUE CA A 152'  
AC4 Software A CA  150 ? 6  'BINDING SITE FOR RESIDUE CA A 150'  
AC5 Software A KAR 153 ? 14 'BINDING SITE FOR RESIDUE KAR A 153' 
# 
loop_
_struct_site_gen.id 
_struct_site_gen.site_id 
_struct_site_gen.pdbx_num_res 
_struct_site_gen.label_comp_id 
_struct_site_gen.label_asym_id 
_struct_site_gen.label_seq_id 
_struct_site_gen.pdbx_auth_ins_code 
_struct_site_gen.auth_comp_id 
_struct_site_gen.auth_asym_id 
_struct_site_gen.auth_seq_id 
_struct_site_gen.label_atom_id 
_struct_site_gen.label_alt_id 
_struct_site_gen.symmetry 
_struct_site_gen.details 
1  AC1 6  ASP A 20  ? ASP A 20  . ? 1_555 ? 
2  AC1 6  ASP A 22  ? ASP A 22  . ? 1_555 ? 
3  AC1 6  ASP A 24  ? ASP A 24  . ? 1_555 ? 
4  AC1 6  THR A 26  ? THR A 26  . ? 1_555 ? 
5  AC1 6  GLU A 31  ? GLU A 31  . ? 1_555 ? 
6  AC1 6  HOH G .   ? HOH A 188 . ? 1_555 ? 
7  AC2 6  ASP A 93  ? ASP A 93  . ? 1_555 ? 
8  AC2 6  ASP A 95  ? ASP A 95  . ? 1_555 ? 
9  AC2 6  ASN A 97  ? ASN A 97  . ? 1_555 ? 
10 AC2 6  TYR A 99  ? TYR A 99  . ? 1_555 ? 
11 AC2 6  GLU A 104 ? GLU A 104 . ? 1_555 ? 
12 AC2 6  HOH G .   ? HOH A 196 . ? 1_555 ? 
13 AC3 6  ASP A 129 ? ASP A 129 . ? 1_555 ? 
14 AC3 6  ASP A 131 ? ASP A 131 . ? 1_555 ? 
15 AC3 6  ASP A 133 ? ASP A 133 . ? 1_555 ? 
16 AC3 6  GLN A 135 ? GLN A 135 . ? 1_555 ? 
17 AC3 6  GLU A 140 ? GLU A 140 . ? 1_555 ? 
18 AC3 6  HOH G .   ? HOH A 168 . ? 1_555 ? 
19 AC4 6  ASP A 56  ? ASP A 56  . ? 1_555 ? 
20 AC4 6  ASP A 58  ? ASP A 58  . ? 1_555 ? 
21 AC4 6  ASN A 60  ? ASN A 60  . ? 1_555 ? 
22 AC4 6  THR A 62  ? THR A 62  . ? 1_555 ? 
23 AC4 6  GLU A 67  ? GLU A 67  . ? 1_555 ? 
24 AC4 6  HOH G .   ? HOH A 159 . ? 1_555 ? 
25 AC5 14 GLN A 3   ? GLN A 3   . ? 9_765 ? 
26 AC5 14 LEU A 18  ? LEU A 18  . ? 1_555 ? 
27 AC5 14 PHE A 19  ? PHE A 19  . ? 1_555 ? 
28 AC5 14 LEU A 39  ? LEU A 39  . ? 1_555 ? 
29 AC5 14 PHE A 68  ? PHE A 68  . ? 1_555 ? 
30 AC5 14 MET A 72  ? MET A 72  . ? 1_555 ? 
31 AC5 14 ILE A 85  ? ILE A 85  . ? 1_555 ? 
32 AC5 14 MET A 109 ? MET A 109 . ? 1_555 ? 
33 AC5 14 MET A 144 ? MET A 144 . ? 1_555 ? 
34 AC5 14 MET A 145 ? MET A 145 . ? 1_555 ? 
35 AC5 14 ALA A 147 ? ALA A 147 . ? 1_555 ? 
36 AC5 14 LYS A 148 ? LYS A 148 . ? 1_555 ? 
37 AC5 14 HOH G .   ? HOH A 155 . ? 1_555 ? 
38 AC5 14 HOH G .   ? HOH A 180 . ? 1_555 ? 
# 
_atom_sites.entry_id                    1XA5 
_atom_sites.fract_transf_matrix[1][1]   0.00957312 
_atom_sites.fract_transf_matrix[1][2]   0.02545937 
_atom_sites.fract_transf_matrix[1][3]   -0.01430553 
_atom_sites.fract_transf_matrix[2][1]   0.01237741 
_atom_sites.fract_transf_matrix[2][2]   -0.00187634 
_atom_sites.fract_transf_matrix[2][3]   -0.02806662 
_atom_sites.fract_transf_matrix[3][1]   -0.00254164 
_atom_sites.fract_transf_matrix[3][2]   0.00031409 
_atom_sites.fract_transf_matrix[3][3]   -0.00114186 
_atom_sites.fract_transf_vector[1]      0.728200 
_atom_sites.fract_transf_vector[2]      0.668446 
_atom_sites.fract_transf_vector[3]      0.374645 
# 
loop_
_atom_type.symbol 
C  
CA 
CL 
N  
O  
S  
# 
loop_
_atom_site.group_PDB 
_atom_site.id 
_atom_site.type_symbol 
_atom_site.label_atom_id 
_atom_site.label_alt_id 
_atom_site.label_comp_id 
_atom_site.label_asym_id 
_atom_site.label_entity_id 
_atom_site.label_seq_id 
_atom_site.pdbx_PDB_ins_code 
_atom_site.Cartn_x 
_atom_site.Cartn_y 
_atom_site.Cartn_z 
_atom_site.occupancy 
_atom_site.B_iso_or_equiv 
_atom_site.pdbx_formal_charge 
_atom_site.auth_seq_id 
_atom_site.auth_comp_id 
_atom_site.auth_asym_id 
_atom_site.auth_atom_id 
_atom_site.pdbx_PDB_model_num 
ATOM   1    N  N   . GLN A 1 3   ? 24.313  4.657   -4.081  1.00 16.17 ? 3   GLN A N   1 
ATOM   2    C  CA  . GLN A 1 3   ? 23.296  5.729   -3.852  1.00 17.91 ? 3   GLN A CA  1 
ATOM   3    C  C   . GLN A 1 3   ? 21.987  5.429   -4.591  1.00 17.08 ? 3   GLN A C   1 
ATOM   4    O  O   . GLN A 1 3   ? 21.964  4.646   -5.541  1.00 17.64 ? 3   GLN A O   1 
ATOM   5    C  CB  . GLN A 1 3   ? 23.851  7.084   -4.309  1.00 18.52 ? 3   GLN A CB  1 
ATOM   6    C  CG  . GLN A 1 3   ? 24.341  7.100   -5.752  1.00 19.83 ? 3   GLN A CG  1 
ATOM   7    C  CD  . GLN A 1 3   ? 25.180  8.326   -6.081  1.00 21.07 ? 3   GLN A CD  1 
ATOM   8    O  OE1 . GLN A 1 3   ? 26.207  8.574   -5.444  1.00 21.98 ? 3   GLN A OE1 1 
ATOM   9    N  NE2 . GLN A 1 3   ? 24.747  9.095   -7.079  1.00 22.20 ? 3   GLN A NE2 1 
ATOM   10   N  N   . LEU A 1 4   ? 20.897  6.051   -4.151  1.00 15.49 ? 4   LEU A N   1 
ATOM   11   C  CA  . LEU A 1 4   ? 19.652  6.007   -4.905  1.00 14.94 ? 4   LEU A CA  1 
ATOM   12   C  C   . LEU A 1 4   ? 19.703  7.001   -6.061  1.00 13.58 ? 4   LEU A C   1 
ATOM   13   O  O   . LEU A 1 4   ? 20.532  7.919   -6.075  1.00 12.87 ? 4   LEU A O   1 
ATOM   14   C  CB  . LEU A 1 4   ? 18.453  6.331   -4.008  1.00 15.80 ? 4   LEU A CB  1 
ATOM   15   C  CG  . LEU A 1 4   ? 18.354  5.591   -2.678  1.00 16.48 ? 4   LEU A CG  1 
ATOM   16   C  CD1 . LEU A 1 4   ? 19.232  6.267   -1.636  1.00 18.42 ? 4   LEU A CD1 1 
ATOM   17   C  CD2 . LEU A 1 4   ? 16.918  5.532   -2.197  1.00 16.78 ? 4   LEU A CD2 1 
ATOM   18   N  N   . THR A 1 5   ? 18.823  6.802   -7.039  1.00 11.15 ? 5   THR A N   1 
ATOM   19   C  CA  . THR A 1 5   ? 18.432  7.880   -7.934  1.00 8.85  ? 5   THR A CA  1 
ATOM   20   C  C   . THR A 1 5   ? 17.429  8.748   -7.194  1.00 7.94  ? 5   THR A C   1 
ATOM   21   O  O   . THR A 1 5   ? 16.808  8.305   -6.225  1.00 7.61  ? 5   THR A O   1 
ATOM   22   C  CB  . THR A 1 5   ? 17.799  7.328   -9.228  1.00 8.62  ? 5   THR A CB  1 
ATOM   23   O  OG1 . THR A 1 5   ? 16.612  6.589   -8.917  1.00 7.49  ? 5   THR A OG1 1 
ATOM   24   C  CG2 . THR A 1 5   ? 18.717  6.313   -9.904  1.00 8.25  ? 5   THR A CG2 1 
ATOM   25   N  N   . GLU A 1 6   ? 17.259  9.984   -7.640  1.00 7.15  ? 6   GLU A N   1 
ATOM   26   C  CA  . GLU A 1 6   ? 16.289  10.864  -7.002  1.00 7.93  ? 6   GLU A CA  1 
ATOM   27   C  C   . GLU A 1 6   ? 14.861  10.369  -7.253  1.00 7.47  ? 6   GLU A C   1 
ATOM   28   O  O   . GLU A 1 6   ? 13.983  10.540  -6.411  1.00 4.77  ? 6   GLU A O   1 
ATOM   29   C  CB  . GLU A 1 6   ? 16.495  12.310  -7.466  1.00 7.88  ? 6   GLU A CB  1 
ATOM   30   C  CG  . GLU A 1 6   ? 17.911  12.802  -7.196  1.00 7.84  ? 6   GLU A CG  1 
ATOM   31   C  CD  . GLU A 1 6   ? 18.019  14.302  -6.997  1.00 7.93  ? 6   GLU A CD  1 
ATOM   32   O  OE1 . GLU A 1 6   ? 17.030  14.928  -6.564  1.00 8.25  ? 6   GLU A OE1 1 
ATOM   33   O  OE2 . GLU A 1 6   ? 19.112  14.852  -7.269  1.00 7.99  ? 6   GLU A OE2 1 
ATOM   34   N  N   . GLU A 1 7   ? 14.639  9.721   -8.394  1.00 7.88  ? 7   GLU A N   1 
ATOM   35   C  CA  . GLU A 1 7   ? 13.330  9.143   -8.684  1.00 9.97  ? 7   GLU A CA  1 
ATOM   36   C  C   . GLU A 1 7   ? 12.997  8.035   -7.683  1.00 9.17  ? 7   GLU A C   1 
ATOM   37   O  O   . GLU A 1 7   ? 11.866  7.925   -7.224  1.00 9.06  ? 7   GLU A O   1 
ATOM   38   C  CB  . GLU A 1 7   ? 13.278  8.614   -10.119 1.00 11.77 ? 7   GLU A CB  1 
ATOM   39   C  CG  . GLU A 1 7   ? 12.028  7.814   -10.454 1.00 13.14 ? 7   GLU A CG  1 
ATOM   40   C  CD  . GLU A 1 7   ? 10.738  8.585   -10.213 1.00 15.02 ? 7   GLU A CD  1 
ATOM   41   O  OE1 . GLU A 1 7   ? 10.784  9.827   -10.062 1.00 14.75 ? 7   GLU A OE1 1 
ATOM   42   O  OE2 . GLU A 1 7   ? 9.667   7.943   -10.183 1.00 17.42 ? 7   GLU A OE2 1 
ATOM   43   N  N   . GLN A 1 8   ? 13.989  7.223   -7.337  1.00 9.51  ? 8   GLN A N   1 
ATOM   44   C  CA  . GLN A 1 8   ? 13.833  6.242   -6.272  1.00 9.35  ? 8   GLN A CA  1 
ATOM   45   C  C   . GLN A 1 8   ? 13.441  6.921   -4.966  1.00 8.17  ? 8   GLN A C   1 
ATOM   46   O  O   . GLN A 1 8   ? 12.475  6.529   -4.311  1.00 5.69  ? 8   GLN A O   1 
ATOM   47   C  CB  . GLN A 1 8   ? 15.139  5.479   -6.060  1.00 11.84 ? 8   GLN A CB  1 
ATOM   48   C  CG  . GLN A 1 8   ? 15.390  4.361   -7.057  1.00 12.73 ? 8   GLN A CG  1 
ATOM   49   C  CD  . GLN A 1 8   ? 16.602  3.525   -6.681  1.00 13.45 ? 8   GLN A CD  1 
ATOM   50   O  OE1 . GLN A 1 8   ? 17.742  3.903   -6.974  1.00 12.29 ? 8   GLN A OE1 1 
ATOM   51   N  NE2 . GLN A 1 8   ? 16.359  2.392   -6.022  1.00 12.61 ? 8   GLN A NE2 1 
ATOM   52   N  N   . ILE A 1 9   ? 14.211  7.931   -4.579  1.00 6.99  ? 9   ILE A N   1 
ATOM   53   C  CA  . ILE A 1 9   ? 13.951  8.632   -3.335  1.00 7.66  ? 9   ILE A CA  1 
ATOM   54   C  C   . ILE A 1 9   ? 12.537  9.193   -3.382  1.00 7.86  ? 9   ILE A C   1 
ATOM   55   O  O   . ILE A 1 9   ? 11.790  9.094   -2.411  1.00 8.64  ? 9   ILE A O   1 
ATOM   56   C  CB  . ILE A 1 9   ? 14.985  9.756   -3.106  1.00 6.35  ? 9   ILE A CB  1 
ATOM   57   C  CG1 . ILE A 1 9   ? 16.394  9.174   -3.008  1.00 4.13  ? 9   ILE A CG1 1 
ATOM   58   C  CG2 . ILE A 1 9   ? 14.650  10.529  -1.833  1.00 6.06  ? 9   ILE A CG2 1 
ATOM   59   C  CD1 . ILE A 1 9   ? 17.492  10.218  -3.089  1.00 5.01  ? 9   ILE A CD1 1 
ATOM   60   N  N   . ALA A 1 10  ? 12.166  9.756   -4.525  1.00 8.32  ? 10  ALA A N   1 
ATOM   61   C  CA  . ALA A 1 10  ? 10.852  10.367  -4.686  1.00 9.12  ? 10  ALA A CA  1 
ATOM   62   C  C   . ALA A 1 10  ? 9.741   9.346   -4.470  1.00 9.50  ? 10  ALA A C   1 
ATOM   63   O  O   . ALA A 1 10  ? 8.742   9.636   -3.815  1.00 5.30  ? 10  ALA A O   1 
ATOM   64   C  CB  . ALA A 1 10  ? 10.725  10.997  -6.052  1.00 8.99  ? 10  ALA A CB  1 
ATOM   65   N  N   . GLU A 1 11  ? 9.918   8.154   -5.032  1.00 10.94 ? 11  GLU A N   1 
ATOM   66   C  CA  . GLU A 1 11  ? 8.926   7.099   -4.892  1.00 12.47 ? 11  GLU A CA  1 
ATOM   67   C  C   . GLU A 1 11  ? 8.828   6.667   -3.431  1.00 12.48 ? 11  GLU A C   1 
ATOM   68   O  O   . GLU A 1 11  ? 7.738   6.374   -2.939  1.00 12.68 ? 11  GLU A O   1 
ATOM   69   C  CB  . GLU A 1 11  ? 9.267   5.910   -5.796  1.00 14.27 ? 11  GLU A CB  1 
ATOM   70   C  CG  . GLU A 1 11  ? 9.184   6.232   -7.286  1.00 15.14 ? 11  GLU A CG  1 
ATOM   71   C  CD  . GLU A 1 11  ? 9.887   5.204   -8.158  1.00 17.62 ? 11  GLU A CD  1 
ATOM   72   O  OE1 . GLU A 1 11  ? 10.557  4.304   -7.606  1.00 19.59 ? 11  GLU A OE1 1 
ATOM   73   O  OE2 . GLU A 1 11  ? 9.774   5.294   -9.404  1.00 17.72 ? 11  GLU A OE2 1 
ATOM   74   N  N   . PHE A 1 12  ? 9.961   6.643   -2.735  1.00 10.32 ? 12  PHE A N   1 
ATOM   75   C  CA  . PHE A 1 12  ? 9.965   6.304   -1.315  1.00 11.71 ? 12  PHE A CA  1 
ATOM   76   C  C   . PHE A 1 12  ? 9.265   7.385   -0.496  1.00 11.05 ? 12  PHE A C   1 
ATOM   77   O  O   . PHE A 1 12  ? 8.516   7.085   0.424   1.00 9.95  ? 12  PHE A O   1 
ATOM   78   C  CB  . PHE A 1 12  ? 11.395  6.101   -0.804  1.00 12.69 ? 12  PHE A CB  1 
ATOM   79   C  CG  . PHE A 1 12  ? 12.079  4.882   -1.373  1.00 14.03 ? 12  PHE A CG  1 
ATOM   80   C  CD1 . PHE A 1 12  ? 11.341  3.803   -1.833  1.00 13.94 ? 12  PHE A CD1 1 
ATOM   81   C  CD2 . PHE A 1 12  ? 13.462  4.820   -1.448  1.00 14.32 ? 12  PHE A CD2 1 
ATOM   82   C  CE1 . PHE A 1 12  ? 11.972  2.686   -2.355  1.00 15.06 ? 12  PHE A CE1 1 
ATOM   83   C  CE2 . PHE A 1 12  ? 14.095  3.708   -1.974  1.00 14.87 ? 12  PHE A CE2 1 
ATOM   84   C  CZ  . PHE A 1 12  ? 13.350  2.639   -2.426  1.00 15.10 ? 12  PHE A CZ  1 
ATOM   85   N  N   . LYS A 1 13  ? 9.514   8.642   -0.842  1.00 12.55 ? 13  LYS A N   1 
ATOM   86   C  CA  . LYS A 1 13  ? 8.909   9.775   -0.147  1.00 14.15 ? 13  LYS A CA  1 
ATOM   87   C  C   . LYS A 1 13  ? 7.395   9.818   -0.355  1.00 14.45 ? 13  LYS A C   1 
ATOM   88   O  O   . LYS A 1 13  ? 6.637   10.092  0.580   1.00 12.00 ? 13  LYS A O   1 
ATOM   89   C  CB  . LYS A 1 13  ? 9.537   11.088  -0.631  1.00 14.84 ? 13  LYS A CB  1 
ATOM   90   C  CG  . LYS A 1 13  ? 10.791  11.487  0.133   1.00 16.10 ? 13  LYS A CG  1 
ATOM   91   C  CD  . LYS A 1 13  ? 11.585  12.576  -0.587  1.00 17.22 ? 13  LYS A CD  1 
ATOM   92   C  CE  . LYS A 1 13  ? 10.803  13.881  -0.697  1.00 18.05 ? 13  LYS A CE  1 
ATOM   93   N  NZ  . LYS A 1 13  ? 11.477  14.877  -1.603  1.00 18.04 ? 13  LYS A NZ  1 
ATOM   94   N  N   . GLU A 1 14  ? 6.969   9.557   -1.587  1.00 14.43 ? 14  GLU A N   1 
ATOM   95   C  CA  . GLU A 1 14  ? 5.551   9.503   -1.919  1.00 15.27 ? 14  GLU A CA  1 
ATOM   96   C  C   . GLU A 1 14  ? 4.867   8.438   -1.071  1.00 14.25 ? 14  GLU A C   1 
ATOM   97   O  O   . GLU A 1 14  ? 3.842   8.695   -0.434  1.00 12.51 ? 14  GLU A O   1 
ATOM   98   C  CB  . GLU A 1 14  ? 5.370   9.195   -3.408  1.00 17.81 ? 14  GLU A CB  1 
ATOM   99   C  CG  . GLU A 1 14  ? 3.948   8.823   -3.805  1.00 21.61 ? 14  GLU A CG  1 
ATOM   100  C  CD  . GLU A 1 14  ? 3.151   10.002  -4.334  1.00 23.96 ? 14  GLU A CD  1 
ATOM   101  O  OE1 . GLU A 1 14  ? 3.632   10.672  -5.275  1.00 26.90 ? 14  GLU A OE1 1 
ATOM   102  O  OE2 . GLU A 1 14  ? 2.041   10.255  -3.812  1.00 25.45 ? 14  GLU A OE2 1 
ATOM   103  N  N   . ALA A 1 15  ? 5.452   7.243   -1.056  1.00 13.76 ? 15  ALA A N   1 
ATOM   104  C  CA  . ALA A 1 15  ? 4.905   6.133   -0.285  1.00 12.93 ? 15  ALA A CA  1 
ATOM   105  C  C   . ALA A 1 15  ? 4.790   6.501   1.188   1.00 12.47 ? 15  ALA A C   1 
ATOM   106  O  O   . ALA A 1 15  ? 3.755   6.278   1.811   1.00 13.09 ? 15  ALA A O   1 
ATOM   107  C  CB  . ALA A 1 15  ? 5.765   4.897   -0.456  1.00 12.83 ? 15  ALA A CB  1 
ATOM   108  N  N   . PHE A 1 16  ? 5.862   7.066   1.737   1.00 12.35 ? 16  PHE A N   1 
ATOM   109  C  CA  . PHE A 1 16  ? 5.890   7.485   3.132   1.00 13.46 ? 16  PHE A CA  1 
ATOM   110  C  C   . PHE A 1 16  ? 4.779   8.498   3.384   1.00 15.22 ? 16  PHE A C   1 
ATOM   111  O  O   . PHE A 1 16  ? 4.031   8.384   4.354   1.00 14.67 ? 16  PHE A O   1 
ATOM   112  C  CB  . PHE A 1 16  ? 7.260   8.086   3.468   1.00 13.55 ? 16  PHE A CB  1 
ATOM   113  C  CG  . PHE A 1 16  ? 7.458   8.392   4.926   1.00 13.24 ? 16  PHE A CG  1 
ATOM   114  C  CD1 . PHE A 1 16  ? 7.713   7.379   5.835   1.00 13.06 ? 16  PHE A CD1 1 
ATOM   115  C  CD2 . PHE A 1 16  ? 7.402   9.700   5.388   1.00 13.37 ? 16  PHE A CD2 1 
ATOM   116  C  CE1 . PHE A 1 16  ? 7.904   7.662   7.177   1.00 12.78 ? 16  PHE A CE1 1 
ATOM   117  C  CE2 . PHE A 1 16  ? 7.585   9.984   6.730   1.00 14.10 ? 16  PHE A CE2 1 
ATOM   118  C  CZ  . PHE A 1 16  ? 7.836   8.961   7.625   1.00 13.43 ? 16  PHE A CZ  1 
ATOM   119  N  N   . SER A 1 17  ? 4.659   9.464   2.480   1.00 17.47 ? 17  SER A N   1 
ATOM   120  C  CA  . SER A 1 17  ? 3.684   10.544  2.604   1.00 18.82 ? 17  SER A CA  1 
ATOM   121  C  C   . SER A 1 17  ? 2.258   10.024  2.744   1.00 19.19 ? 17  SER A C   1 
ATOM   122  O  O   . SER A 1 17  ? 1.430   10.653  3.402   1.00 20.00 ? 17  SER A O   1 
ATOM   123  C  CB  . SER A 1 17  ? 3.773   11.479  1.392   1.00 19.58 ? 17  SER A CB  1 
ATOM   124  O  OG  . SER A 1 17  ? 3.119   10.919  0.262   1.00 20.05 ? 17  SER A OG  1 
ATOM   125  N  N   . LEU A 1 18  ? 1.969   8.881   2.126   1.00 19.23 ? 18  LEU A N   1 
ATOM   126  C  CA  . LEU A 1 18  ? 0.639   8.284   2.214   1.00 19.09 ? 18  LEU A CA  1 
ATOM   127  C  C   . LEU A 1 18  ? 0.311   7.896   3.651   1.00 17.93 ? 18  LEU A C   1 
ATOM   128  O  O   . LEU A 1 18  ? -0.845  7.972   4.072   1.00 17.33 ? 18  LEU A O   1 
ATOM   129  C  CB  . LEU A 1 18  ? 0.534   7.055   1.311   1.00 20.37 ? 18  LEU A CB  1 
ATOM   130  C  CG  . LEU A 1 18  ? 0.603   7.336   -0.193  1.00 22.08 ? 18  LEU A CG  1 
ATOM   131  C  CD1 . LEU A 1 18  ? -0.012  6.190   -0.981  1.00 22.84 ? 18  LEU A CD1 1 
ATOM   132  C  CD2 . LEU A 1 18  ? -0.082  8.652   -0.534  1.00 22.31 ? 18  LEU A CD2 1 
ATOM   133  N  N   . PHE A 1 19  ? 1.332   7.484   4.397   1.00 15.24 ? 19  PHE A N   1 
ATOM   134  C  CA  . PHE A 1 19  ? 1.164   7.085   5.789   1.00 14.01 ? 19  PHE A CA  1 
ATOM   135  C  C   . PHE A 1 19  ? 1.285   8.283   6.726   1.00 14.77 ? 19  PHE A C   1 
ATOM   136  O  O   . PHE A 1 19  ? 0.462   8.467   7.622   1.00 13.74 ? 19  PHE A O   1 
ATOM   137  C  CB  . PHE A 1 19  ? 2.216   6.038   6.168   1.00 13.90 ? 19  PHE A CB  1 
ATOM   138  C  CG  . PHE A 1 19  ? 1.986   4.691   5.544   1.00 12.96 ? 19  PHE A CG  1 
ATOM   139  C  CD1 . PHE A 1 19  ? 2.313   4.462   4.219   1.00 11.72 ? 19  PHE A CD1 1 
ATOM   140  C  CD2 . PHE A 1 19  ? 1.458   3.651   6.286   1.00 12.59 ? 19  PHE A CD2 1 
ATOM   141  C  CE1 . PHE A 1 19  ? 2.115   3.219   3.647   1.00 11.32 ? 19  PHE A CE1 1 
ATOM   142  C  CE2 . PHE A 1 19  ? 1.259   2.400   5.713   1.00 12.20 ? 19  PHE A CE2 1 
ATOM   143  C  CZ  . PHE A 1 19  ? 1.589   2.191   4.394   1.00 11.13 ? 19  PHE A CZ  1 
ATOM   144  N  N   . ASP A 1 20  ? 2.327   9.081   6.519   1.00 15.02 ? 20  ASP A N   1 
ATOM   145  C  CA  . ASP A 1 20  ? 2.558   10.282  7.307   1.00 16.89 ? 20  ASP A CA  1 
ATOM   146  C  C   . ASP A 1 20  ? 1.660   11.404  6.802   1.00 18.84 ? 20  ASP A C   1 
ATOM   147  O  O   . ASP A 1 20  ? 2.100   12.273  6.050   1.00 20.25 ? 20  ASP A O   1 
ATOM   148  C  CB  . ASP A 1 20  ? 4.031   10.693  7.207   1.00 16.30 ? 20  ASP A CB  1 
ATOM   149  C  CG  . ASP A 1 20  ? 4.377   11.875  8.090   1.00 16.14 ? 20  ASP A CG  1 
ATOM   150  O  OD1 . ASP A 1 20  ? 3.711   12.082  9.129   1.00 16.14 ? 20  ASP A OD1 1 
ATOM   151  O  OD2 . ASP A 1 20  ? 5.317   12.649  7.829   1.00 15.10 ? 20  ASP A OD2 1 
ATOM   152  N  N   . LYS A 1 21  ? 0.399   11.376  7.218   1.00 20.81 ? 21  LYS A N   1 
ATOM   153  C  CA  . LYS A 1 21  ? -0.604  12.293  6.688   1.00 22.80 ? 21  LYS A CA  1 
ATOM   154  C  C   . LYS A 1 21  ? -0.330  13.743  7.091   1.00 22.47 ? 21  LYS A C   1 
ATOM   155  O  O   . LYS A 1 21  ? -0.486  14.657  6.281   1.00 20.64 ? 21  LYS A O   1 
ATOM   156  C  CB  . LYS A 1 21  ? -2.000  11.880  7.161   1.00 24.67 ? 21  LYS A CB  1 
ATOM   157  C  CG  . LYS A 1 21  ? -2.956  11.516  6.034   1.00 26.24 ? 21  LYS A CG  1 
ATOM   158  C  CD  . LYS A 1 21  ? -2.517  10.246  5.314   1.00 27.61 ? 21  LYS A CD  1 
ATOM   159  C  CE  . LYS A 1 21  ? -3.710  9.396   4.882   1.00 28.55 ? 21  LYS A CE  1 
ATOM   160  N  NZ  . LYS A 1 21  ? -4.040  9.581   3.435   1.00 28.85 ? 21  LYS A NZ  1 
ATOM   161  N  N   . ASP A 1 22  ? 0.075   13.947  8.341   1.00 21.97 ? 22  ASP A N   1 
ATOM   162  C  CA  . ASP A 1 22  ? 0.266   15.294  8.865   1.00 22.34 ? 22  ASP A CA  1 
ATOM   163  C  C   . ASP A 1 22  ? 1.661   15.840  8.555   1.00 22.27 ? 22  ASP A C   1 
ATOM   164  O  O   . ASP A 1 22  ? 1.961   16.992  8.852   1.00 22.05 ? 22  ASP A O   1 
ATOM   165  C  CB  . ASP A 1 22  ? -0.009  15.327  10.375  1.00 21.82 ? 22  ASP A CB  1 
ATOM   166  C  CG  . ASP A 1 22  ? 1.099   14.691  11.190  1.00 21.11 ? 22  ASP A CG  1 
ATOM   167  O  OD1 . ASP A 1 22  ? 2.086   14.219  10.591  1.00 20.37 ? 22  ASP A OD1 1 
ATOM   168  O  OD2 . ASP A 1 22  ? 1.061   14.617  12.436  1.00 19.63 ? 22  ASP A OD2 1 
ATOM   169  N  N   . GLY A 1 23  ? 2.507   15.003  7.963   1.00 22.82 ? 23  GLY A N   1 
ATOM   170  C  CA  . GLY A 1 23  ? 3.784   15.445  7.431   1.00 22.61 ? 23  GLY A CA  1 
ATOM   171  C  C   . GLY A 1 23  ? 4.806   15.861  8.474   1.00 22.55 ? 23  GLY A C   1 
ATOM   172  O  O   . GLY A 1 23  ? 5.688   16.671  8.180   1.00 23.12 ? 23  GLY A O   1 
ATOM   173  N  N   . ASP A 1 24  ? 4.710   15.309  9.683   1.00 21.31 ? 24  ASP A N   1 
ATOM   174  C  CA  . ASP A 1 24  ? 5.661   15.642  10.745  1.00 20.22 ? 24  ASP A CA  1 
ATOM   175  C  C   . ASP A 1 24  ? 6.859   14.685  10.772  1.00 20.45 ? 24  ASP A C   1 
ATOM   176  O  O   . ASP A 1 24  ? 7.715   14.776  11.648  1.00 20.82 ? 24  ASP A O   1 
ATOM   177  C  CB  . ASP A 1 24  ? 4.961   15.684  12.112  1.00 19.05 ? 24  ASP A CB  1 
ATOM   178  C  CG  . ASP A 1 24  ? 4.771   14.307  12.727  1.00 17.91 ? 24  ASP A CG  1 
ATOM   179  O  OD1 . ASP A 1 24  ? 4.650   13.315  11.981  1.00 16.35 ? 24  ASP A OD1 1 
ATOM   180  O  OD2 . ASP A 1 24  ? 4.720   14.124  13.960  1.00 17.38 ? 24  ASP A OD2 1 
ATOM   181  N  N   . GLY A 1 25  ? 6.914   13.770  9.809   1.00 20.45 ? 25  GLY A N   1 
ATOM   182  C  CA  . GLY A 1 25  ? 8.091   12.941  9.614   1.00 20.16 ? 25  GLY A CA  1 
ATOM   183  C  C   . GLY A 1 25  ? 8.080   11.652  10.417  1.00 19.97 ? 25  GLY A C   1 
ATOM   184  O  O   . GLY A 1 25  ? 9.056   10.903  10.426  1.00 20.64 ? 25  GLY A O   1 
ATOM   185  N  N   . THR A 1 26  ? 6.977   11.388  11.098  1.00 19.72 ? 26  THR A N   1 
ATOM   186  C  CA  . THR A 1 26  ? 6.812   10.111  11.775  1.00 19.79 ? 26  THR A CA  1 
ATOM   187  C  C   . THR A 1 26  ? 5.421   9.562   11.506  1.00 19.15 ? 26  THR A C   1 
ATOM   188  O  O   . THR A 1 26  ? 4.478   10.315  11.258  1.00 20.19 ? 26  THR A O   1 
ATOM   189  C  CB  . THR A 1 26  ? 7.041   10.252  13.290  1.00 20.58 ? 26  THR A CB  1 
ATOM   190  O  OG1 . THR A 1 26  ? 6.113   11.195  13.842  1.00 21.67 ? 26  THR A OG1 1 
ATOM   191  C  CG2 . THR A 1 26  ? 8.410   10.856  13.587  1.00 21.25 ? 26  THR A CG2 1 
ATOM   192  N  N   . ILE A 1 27  ? 5.309   8.240   11.543  1.00 16.74 ? 27  ILE A N   1 
ATOM   193  C  CA  . ILE A 1 27  ? 4.030   7.580   11.375  1.00 15.24 ? 27  ILE A CA  1 
ATOM   194  C  C   . ILE A 1 27  ? 3.560   7.059   12.725  1.00 14.55 ? 27  ILE A C   1 
ATOM   195  O  O   . ILE A 1 27  ? 4.246   6.268   13.371  1.00 14.54 ? 27  ILE A O   1 
ATOM   196  C  CB  . ILE A 1 27  ? 4.159   6.430   10.372  1.00 14.27 ? 27  ILE A CB  1 
ATOM   197  C  CG1 . ILE A 1 27  ? 4.674   6.958   9.033   1.00 13.02 ? 27  ILE A CG1 1 
ATOM   198  C  CG2 . ILE A 1 27  ? 2.819   5.729   10.190  1.00 14.28 ? 27  ILE A CG2 1 
ATOM   199  C  CD1 . ILE A 1 27  ? 5.217   5.878   8.128   1.00 13.83 ? 27  ILE A CD1 1 
ATOM   200  N  N   . THR A 1 28  ? 2.396   7.523   13.155  1.00 13.94 ? 28  THR A N   1 
ATOM   201  C  CA  . THR A 1 28  ? 1.819   7.088   14.422  1.00 13.57 ? 28  THR A CA  1 
ATOM   202  C  C   . THR A 1 28  ? 0.943   5.869   14.207  1.00 13.68 ? 28  THR A C   1 
ATOM   203  O  O   . THR A 1 28  ? 0.667   5.477   13.070  1.00 14.39 ? 28  THR A O   1 
ATOM   204  C  CB  . THR A 1 28  ? 0.980   8.221   15.046  1.00 13.33 ? 28  THR A CB  1 
ATOM   205  O  OG1 . THR A 1 28  ? -0.091  8.579   14.163  1.00 11.57 ? 28  THR A OG1 1 
ATOM   206  C  CG2 . THR A 1 28  ? 1.802   9.507   15.177  1.00 13.49 ? 28  THR A CG2 1 
ATOM   207  N  N   . THR A 1 29  ? 0.500   5.270   15.306  1.00 14.20 ? 29  THR A N   1 
ATOM   208  C  CA  . THR A 1 29  ? -0.474  4.194   15.238  1.00 13.53 ? 29  THR A CA  1 
ATOM   209  C  C   . THR A 1 29  ? -1.772  4.741   14.657  1.00 13.68 ? 29  THR A C   1 
ATOM   210  O  O   . THR A 1 29  ? -2.433  4.092   13.844  1.00 12.79 ? 29  THR A O   1 
ATOM   211  C  CB  . THR A 1 29  ? -0.712  3.604   16.636  1.00 14.14 ? 29  THR A CB  1 
ATOM   212  O  OG1 . THR A 1 29  ? -1.138  4.634   17.541  1.00 13.90 ? 29  THR A OG1 1 
ATOM   213  C  CG2 . THR A 1 29  ? 0.591   3.097   17.238  1.00 14.44 ? 29  THR A CG2 1 
ATOM   214  N  N   . LYS A 1 30  ? -2.119  5.951   15.081  1.00 13.71 ? 30  LYS A N   1 
ATOM   215  C  CA  . LYS A 1 30  ? -3.263  6.665   14.535  1.00 14.73 ? 30  LYS A CA  1 
ATOM   216  C  C   . LYS A 1 30  ? -3.192  6.724   13.010  1.00 14.53 ? 30  LYS A C   1 
ATOM   217  O  O   . LYS A 1 30  ? -4.157  6.385   12.323  1.00 14.45 ? 30  LYS A O   1 
ATOM   218  C  CB  . LYS A 1 30  ? -3.305  8.078   15.110  1.00 15.36 ? 30  LYS A CB  1 
ATOM   219  C  CG  . LYS A 1 30  ? -4.473  8.917   14.633  1.00 16.41 ? 30  LYS A CG  1 
ATOM   220  C  CD  . LYS A 1 30  ? -4.865  9.934   15.691  1.00 16.74 ? 30  LYS A CD  1 
ATOM   221  C  CE  . LYS A 1 30  ? -5.613  11.117  15.093  1.00 17.47 ? 30  LYS A CE  1 
ATOM   222  N  NZ  . LYS A 1 30  ? -5.723  12.231  16.079  1.00 16.92 ? 30  LYS A NZ  1 
ATOM   223  N  N   . GLU A 1 31  ? -2.044  7.145   12.489  1.00 13.31 ? 31  GLU A N   1 
ATOM   224  C  CA  . GLU A 1 31  ? -1.860  7.283   11.045  1.00 13.18 ? 31  GLU A CA  1 
ATOM   225  C  C   . GLU A 1 31  ? -1.824  5.921   10.356  1.00 13.17 ? 31  GLU A C   1 
ATOM   226  O  O   . GLU A 1 31  ? -2.419  5.739   9.294   1.00 13.08 ? 31  GLU A O   1 
ATOM   227  C  CB  . GLU A 1 31  ? -0.572  8.051   10.738  1.00 12.49 ? 31  GLU A CB  1 
ATOM   228  C  CG  . GLU A 1 31  ? -0.686  9.559   10.933  1.00 12.67 ? 31  GLU A CG  1 
ATOM   229  C  CD  . GLU A 1 31  ? 0.666   10.241  10.880  1.00 13.55 ? 31  GLU A CD  1 
ATOM   230  O  OE1 . GLU A 1 31  ? 1.670   9.590   11.240  1.00 13.04 ? 31  GLU A OE1 1 
ATOM   231  O  OE2 . GLU A 1 31  ? 0.729   11.421  10.471  1.00 14.55 ? 31  GLU A OE2 1 
ATOM   232  N  N   . LEU A 1 32  ? -1.117  4.974   10.958  1.00 12.97 ? 32  LEU A N   1 
ATOM   233  C  CA  . LEU A 1 32  ? -1.070  3.610   10.437  1.00 13.52 ? 32  LEU A CA  1 
ATOM   234  C  C   . LEU A 1 32  ? -2.477  3.027   10.388  1.00 13.25 ? 32  LEU A C   1 
ATOM   235  O  O   . LEU A 1 32  ? -2.852  2.348   9.440   1.00 13.35 ? 32  LEU A O   1 
ATOM   236  C  CB  . LEU A 1 32  ? -0.161  2.739   11.311  1.00 13.70 ? 32  LEU A CB  1 
ATOM   237  C  CG  . LEU A 1 32  ? 0.210   1.355   10.769  1.00 15.18 ? 32  LEU A CG  1 
ATOM   238  C  CD1 . LEU A 1 32  ? 0.846   1.440   9.379   1.00 14.98 ? 32  LEU A CD1 1 
ATOM   239  C  CD2 . LEU A 1 32  ? 1.141   0.653   11.745  1.00 15.33 ? 32  LEU A CD2 1 
ATOM   240  N  N   . GLY A 1 33  ? -3.262  3.312   11.419  1.00 14.06 ? 33  GLY A N   1 
ATOM   241  C  CA  . GLY A 1 33  ? -4.609  2.784   11.514  1.00 14.01 ? 33  GLY A CA  1 
ATOM   242  C  C   . GLY A 1 33  ? -5.525  3.294   10.418  1.00 13.44 ? 33  GLY A C   1 
ATOM   243  O  O   . GLY A 1 33  ? -6.334  2.537   9.882   1.00 13.40 ? 33  GLY A O   1 
ATOM   244  N  N   . THR A 1 34  ? -5.410  4.573   10.078  1.00 14.02 ? 34  THR A N   1 
ATOM   245  C  CA  . THR A 1 34  ? -6.289  5.132   9.057   1.00 14.48 ? 34  THR A CA  1 
ATOM   246  C  C   . THR A 1 34  ? -5.927  4.597   7.672   1.00 13.23 ? 34  THR A C   1 
ATOM   247  O  O   . THR A 1 34  ? -6.803  4.407   6.834   1.00 13.90 ? 34  THR A O   1 
ATOM   248  C  CB  . THR A 1 34  ? -6.334  6.692   9.093   1.00 15.65 ? 34  THR A CB  1 
ATOM   249  O  OG1 . THR A 1 34  ? -5.501  7.249   8.073   1.00 19.58 ? 34  THR A OG1 1 
ATOM   250  C  CG2 . THR A 1 34  ? -5.764  7.250   10.387  1.00 16.52 ? 34  THR A CG2 1 
ATOM   251  N  N   . VAL A 1 35  ? -4.647  4.323   7.439   1.00 12.65 ? 35  VAL A N   1 
ATOM   252  C  CA  . VAL A 1 35  ? -4.227  3.690   6.194   1.00 12.72 ? 35  VAL A CA  1 
ATOM   253  C  C   . VAL A 1 35  ? -4.713  2.241   6.111   1.00 12.09 ? 35  VAL A C   1 
ATOM   254  O  O   . VAL A 1 35  ? -5.220  1.811   5.076   1.00 12.88 ? 35  VAL A O   1 
ATOM   255  C  CB  . VAL A 1 35  ? -2.692  3.701   6.028   1.00 13.48 ? 35  VAL A CB  1 
ATOM   256  C  CG1 . VAL A 1 35  ? -2.277  2.758   4.911   1.00 13.90 ? 35  VAL A CG1 1 
ATOM   257  C  CG2 . VAL A 1 35  ? -2.192  5.110   5.737   1.00 13.61 ? 35  VAL A CG2 1 
ATOM   258  N  N   . MET A 1 36  ? -4.558  1.489   7.193   1.00 11.33 ? 36  MET A N   1 
ATOM   259  C  CA  . MET A 1 36  ? -4.988  0.092   7.202   1.00 11.88 ? 36  MET A CA  1 
ATOM   260  C  C   . MET A 1 36  ? -6.497  -0.002  6.991   1.00 11.53 ? 36  MET A C   1 
ATOM   261  O  O   . MET A 1 36  ? -6.968  -0.827  6.207   1.00 10.30 ? 36  MET A O   1 
ATOM   262  C  CB  . MET A 1 36  ? -4.583  -0.595  8.507   1.00 13.11 ? 36  MET A CB  1 
ATOM   263  C  CG  . MET A 1 36  ? -3.068  -0.784  8.656   1.00 14.38 ? 36  MET A CG  1 
ATOM   264  S  SD  . MET A 1 36  ? -2.348  -1.647  7.235   1.00 17.37 ? 36  MET A SD  1 
ATOM   265  C  CE  . MET A 1 36  ? -1.334  -0.402  6.556   1.00 18.25 ? 36  MET A CE  1 
ATOM   266  N  N   . ARG A 1 37  ? -7.249  0.858   7.672   1.00 10.21 ? 37  ARG A N   1 
ATOM   267  C  CA  . ARG A 1 37  ? -8.694  0.902   7.498   1.00 10.28 ? 37  ARG A CA  1 
ATOM   268  C  C   . ARG A 1 37  ? -9.072  1.263   6.065   1.00 9.81  ? 37  ARG A C   1 
ATOM   269  O  O   . ARG A 1 37  ? -10.025 0.715   5.518   1.00 8.33  ? 37  ARG A O   1 
ATOM   270  C  CB  . ARG A 1 37  ? -9.328  1.890   8.479   1.00 10.35 ? 37  ARG A CB  1 
ATOM   271  C  CG  . ARG A 1 37  ? -9.573  1.292   9.868   1.00 10.08 ? 37  ARG A CG  1 
ATOM   272  C  CD  . ARG A 1 37  ? -10.347 2.201   10.812  1.00 10.99 ? 37  ARG A CD  1 
ATOM   273  N  NE  . ARG A 1 37  ? -9.646  3.461   11.035  1.00 11.62 ? 37  ARG A NE  1 
ATOM   274  C  CZ  . ARG A 1 37  ? -8.691  3.639   11.937  1.00 13.46 ? 37  ARG A CZ  1 
ATOM   275  N  NH1 . ARG A 1 37  ? -8.319  2.638   12.724  1.00 13.51 ? 37  ARG A NH1 1 
ATOM   276  N  NH2 . ARG A 1 37  ? -8.103  4.825   12.055  1.00 13.97 ? 37  ARG A NH2 1 
ATOM   277  N  N   . SER A 1 38  ? -8.324  2.181   5.457   1.00 10.06 ? 38  SER A N   1 
ATOM   278  C  CA  . SER A 1 38  ? -8.580  2.562   4.072   1.00 10.40 ? 38  SER A CA  1 
ATOM   279  C  C   . SER A 1 38  ? -8.377  1.364   3.145   1.00 9.47  ? 38  SER A C   1 
ATOM   280  O  O   . SER A 1 38  ? -8.925  1.328   2.049   1.00 8.57  ? 38  SER A O   1 
ATOM   281  C  CB  . SER A 1 38  ? -7.688  3.735   3.646   1.00 10.77 ? 38  SER A CB  1 
ATOM   282  O  OG  . SER A 1 38  ? -6.405  3.296   3.231   1.00 11.77 ? 38  SER A OG  1 
ATOM   283  N  N   . LEU A 1 39  ? -7.604  0.380   3.599   1.00 8.33  ? 39  LEU A N   1 
ATOM   284  C  CA  . LEU A 1 39  ? -7.344  -0.823  2.811   1.00 9.06  ? 39  LEU A CA  1 
ATOM   285  C  C   . LEU A 1 39  ? -8.293  -1.975  3.147   1.00 9.17  ? 39  LEU A C   1 
ATOM   286  O  O   . LEU A 1 39  ? -8.127  -3.089  2.646   1.00 9.19  ? 39  LEU A O   1 
ATOM   287  C  CB  . LEU A 1 39  ? -5.896  -1.279  3.005   1.00 9.81  ? 39  LEU A CB  1 
ATOM   288  C  CG  . LEU A 1 39  ? -4.824  -0.420  2.331   1.00 9.80  ? 39  LEU A CG  1 
ATOM   289  C  CD1 . LEU A 1 39  ? -3.453  -0.777  2.873   1.00 9.92  ? 39  LEU A CD1 1 
ATOM   290  C  CD2 . LEU A 1 39  ? -4.859  -0.584  0.816   1.00 10.79 ? 39  LEU A CD2 1 
ATOM   291  N  N   . GLY A 1 40  ? -9.284  -1.706  3.994   1.00 9.83  ? 40  GLY A N   1 
ATOM   292  C  CA  . GLY A 1 40  ? -10.330 -2.669  4.286   1.00 9.71  ? 40  GLY A CA  1 
ATOM   293  C  C   . GLY A 1 40  ? -10.108 -3.455  5.568   1.00 10.79 ? 40  GLY A C   1 
ATOM   294  O  O   . GLY A 1 40  ? -10.919 -4.309  5.927   1.00 9.57  ? 40  GLY A O   1 
ATOM   295  N  N   . GLN A 1 41  ? -9.012  -3.170  6.260   1.00 12.24 ? 41  GLN A N   1 
ATOM   296  C  CA  . GLN A 1 41  ? -8.704  -3.838  7.519   1.00 12.81 ? 41  GLN A CA  1 
ATOM   297  C  C   . GLN A 1 41  ? -9.327  -3.099  8.701   1.00 14.64 ? 41  GLN A C   1 
ATOM   298  O  O   . GLN A 1 41  ? -9.785  -1.968  8.564   1.00 14.79 ? 41  GLN A O   1 
ATOM   299  C  CB  . GLN A 1 41  ? -7.189  -3.929  7.711   1.00 12.99 ? 41  GLN A CB  1 
ATOM   300  C  CG  . GLN A 1 41  ? -6.465  -4.672  6.597   1.00 13.47 ? 41  GLN A CG  1 
ATOM   301  C  CD  . GLN A 1 41  ? -4.954  -4.548  6.696   1.00 14.20 ? 41  GLN A CD  1 
ATOM   302  O  OE1 . GLN A 1 41  ? -4.392  -4.639  7.786   1.00 14.22 ? 41  GLN A OE1 1 
ATOM   303  N  NE2 . GLN A 1 41  ? -4.293  -4.342  5.557   1.00 13.34 ? 41  GLN A NE2 1 
ATOM   304  N  N   . ASN A 1 42  ? -9.333  -3.747  9.864   1.00 15.90 ? 42  ASN A N   1 
ATOM   305  C  CA  . ASN A 1 42  ? -9.790  -3.119  11.100  1.00 17.83 ? 42  ASN A CA  1 
ATOM   306  C  C   . ASN A 1 42  ? -8.897  -3.488  12.284  1.00 17.80 ? 42  ASN A C   1 
ATOM   307  O  O   . ASN A 1 42  ? -9.326  -4.180  13.209  1.00 15.94 ? 42  ASN A O   1 
ATOM   308  C  CB  . ASN A 1 42  ? -11.239 -3.519  11.402  1.00 19.18 ? 42  ASN A CB  1 
ATOM   309  C  CG  . ASN A 1 42  ? -11.888 -2.610  12.427  1.00 20.97 ? 42  ASN A CG  1 
ATOM   310  O  OD1 . ASN A 1 42  ? -11.565 -1.425  12.512  1.00 22.21 ? 42  ASN A OD1 1 
ATOM   311  N  ND2 . ASN A 1 42  ? -12.809 -3.163  13.219  1.00 21.72 ? 42  ASN A ND2 1 
ATOM   312  N  N   . PRO A 1 43  ? -7.650  -3.032  12.249  1.00 17.50 ? 43  PRO A N   1 
ATOM   313  C  CA  . PRO A 1 43  ? -6.677  -3.348  13.302  1.00 17.54 ? 43  PRO A CA  1 
ATOM   314  C  C   . PRO A 1 43  ? -6.984  -2.667  14.635  1.00 15.98 ? 43  PRO A C   1 
ATOM   315  O  O   . PRO A 1 43  ? -7.540  -1.566  14.657  1.00 13.56 ? 43  PRO A O   1 
ATOM   316  C  CB  . PRO A 1 43  ? -5.367  -2.803  12.733  1.00 17.90 ? 43  PRO A CB  1 
ATOM   317  C  CG  . PRO A 1 43  ? -5.785  -1.717  11.813  1.00 18.42 ? 43  PRO A CG  1 
ATOM   318  C  CD  . PRO A 1 43  ? -7.076  -2.173  11.201  1.00 18.35 ? 43  PRO A CD  1 
ATOM   319  N  N   . THR A 1 44  ? -6.618  -3.319  15.735  1.00 15.37 ? 44  THR A N   1 
ATOM   320  C  CA  . THR A 1 44  ? -6.715  -2.703  17.050  1.00 15.05 ? 44  THR A CA  1 
ATOM   321  C  C   . THR A 1 44  ? -5.529  -1.775  17.276  1.00 16.07 ? 44  THR A C   1 
ATOM   322  O  O   . THR A 1 44  ? -4.513  -1.855  16.571  1.00 15.43 ? 44  THR A O   1 
ATOM   323  C  CB  . THR A 1 44  ? -6.758  -3.773  18.165  1.00 15.23 ? 44  THR A CB  1 
ATOM   324  O  OG1 . THR A 1 44  ? -5.592  -4.604  18.095  1.00 15.00 ? 44  THR A OG1 1 
ATOM   325  C  CG2 . THR A 1 44  ? -7.927  -4.739  17.967  1.00 13.62 ? 44  THR A CG2 1 
ATOM   326  N  N   . GLU A 1 45  ? -5.666  -0.890  18.256  1.00 14.99 ? 45  GLU A N   1 
ATOM   327  C  CA  . GLU A 1 45  ? -4.567  -0.034  18.671  1.00 14.87 ? 45  GLU A CA  1 
ATOM   328  C  C   . GLU A 1 45  ? -3.340  -0.894  18.956  1.00 14.26 ? 45  GLU A C   1 
ATOM   329  O  O   . GLU A 1 45  ? -2.235  -0.594  18.497  1.00 14.00 ? 45  GLU A O   1 
ATOM   330  C  CB  . GLU A 1 45  ? -4.971  0.777   19.910  1.00 16.00 ? 45  GLU A CB  1 
ATOM   331  C  CG  . GLU A 1 45  ? -3.859  1.632   20.512  1.00 16.92 ? 45  GLU A CG  1 
ATOM   332  C  CD  . GLU A 1 45  ? -3.280  2.631   19.527  1.00 18.38 ? 45  GLU A CD  1 
ATOM   333  O  OE1 . GLU A 1 45  ? -4.000  3.031   18.584  1.00 18.32 ? 45  GLU A OE1 1 
ATOM   334  O  OE2 . GLU A 1 45  ? -2.104  3.017   19.696  1.00 19.06 ? 45  GLU A OE2 1 
ATOM   335  N  N   . ALA A 1 46  ? -3.548  -1.980  19.695  1.00 13.35 ? 46  ALA A N   1 
ATOM   336  C  CA  . ALA A 1 46  ? -2.456  -2.846  20.123  1.00 13.44 ? 46  ALA A CA  1 
ATOM   337  C  C   . ALA A 1 46  ? -1.796  -3.522  18.929  1.00 13.46 ? 46  ALA A C   1 
ATOM   338  O  O   . ALA A 1 46  ? -0.575  -3.662  18.881  1.00 13.25 ? 46  ALA A O   1 
ATOM   339  C  CB  . ALA A 1 46  ? -2.966  -3.894  21.109  1.00 13.06 ? 46  ALA A CB  1 
ATOM   340  N  N   . GLU A 1 47  ? -2.610  -3.936  17.965  1.00 13.53 ? 47  GLU A N   1 
ATOM   341  C  CA  . GLU A 1 47  ? -2.099  -4.546  16.742  1.00 15.58 ? 47  GLU A CA  1 
ATOM   342  C  C   . GLU A 1 47  ? -1.212  -3.561  15.971  1.00 13.85 ? 47  GLU A C   1 
ATOM   343  O  O   . GLU A 1 47  ? -0.114  -3.909  15.536  1.00 12.48 ? 47  GLU A O   1 
ATOM   344  C  CB  . GLU A 1 47  ? -3.259  -5.055  15.875  1.00 16.08 ? 47  GLU A CB  1 
ATOM   345  C  CG  . GLU A 1 47  ? -3.797  -6.398  16.357  1.00 17.85 ? 47  GLU A CG  1 
ATOM   346  C  CD  . GLU A 1 47  ? -5.103  -6.811  15.699  1.00 18.02 ? 47  GLU A CD  1 
ATOM   347  O  OE1 . GLU A 1 47  ? -5.881  -5.935  15.273  1.00 17.69 ? 47  GLU A OE1 1 
ATOM   348  O  OE2 . GLU A 1 47  ? -5.354  -8.029  15.613  1.00 19.99 ? 47  GLU A OE2 1 
ATOM   349  N  N   . LEU A 1 48  ? -1.675  -2.324  15.845  1.00 13.72 ? 48  LEU A N   1 
ATOM   350  C  CA  . LEU A 1 48  ? -0.912  -1.286  15.157  1.00 13.06 ? 48  LEU A CA  1 
ATOM   351  C  C   . LEU A 1 48  ? 0.405   -1.010  15.870  1.00 13.56 ? 48  LEU A C   1 
ATOM   352  O  O   . LEU A 1 48  ? 1.438   -0.805  15.230  1.00 13.94 ? 48  LEU A O   1 
ATOM   353  C  CB  . LEU A 1 48  ? -1.737  -0.003  15.049  1.00 12.64 ? 48  LEU A CB  1 
ATOM   354  C  CG  . LEU A 1 48  ? -3.035  -0.157  14.246  1.00 12.61 ? 48  LEU A CG  1 
ATOM   355  C  CD1 . LEU A 1 48  ? -4.017  0.977   14.534  1.00 12.28 ? 48  LEU A CD1 1 
ATOM   356  C  CD2 . LEU A 1 48  ? -2.725  -0.241  12.752  1.00 12.69 ? 48  LEU A CD2 1 
ATOM   357  N  N   . GLN A 1 49  ? 0.372   -1.021  17.198  1.00 14.34 ? 49  GLN A N   1 
ATOM   358  C  CA  . GLN A 1 49  ? 1.575   -0.792  17.985  1.00 14.08 ? 49  GLN A CA  1 
ATOM   359  C  C   . GLN A 1 49  ? 2.577   -1.924  17.789  1.00 13.85 ? 49  GLN A C   1 
ATOM   360  O  O   . GLN A 1 49  ? 3.781   -1.688  17.747  1.00 13.17 ? 49  GLN A O   1 
ATOM   361  C  CB  . GLN A 1 49  ? 1.232   -0.650  19.468  1.00 14.59 ? 49  GLN A CB  1 
ATOM   362  C  CG  . GLN A 1 49  ? 2.407   -0.204  20.321  1.00 15.60 ? 49  GLN A CG  1 
ATOM   363  C  CD  . GLN A 1 49  ? 3.024   1.087   19.823  1.00 17.16 ? 49  GLN A CD  1 
ATOM   364  O  OE1 . GLN A 1 49  ? 2.458   2.161   20.016  1.00 17.92 ? 49  GLN A OE1 1 
ATOM   365  N  NE2 . GLN A 1 49  ? 4.180   0.987   19.171  1.00 18.38 ? 49  GLN A NE2 1 
ATOM   366  N  N   . ASP A 1 50  ? 2.074   -3.152  17.683  1.00 13.80 ? 50  ASP A N   1 
ATOM   367  C  CA  . ASP A 1 50  ? 2.913   -4.312  17.392  1.00 13.02 ? 50  ASP A CA  1 
ATOM   368  C  C   . ASP A 1 50  ? 3.569   -4.176  16.024  1.00 14.72 ? 50  ASP A C   1 
ATOM   369  O  O   . ASP A 1 50  ? 4.754   -4.454  15.868  1.00 13.51 ? 50  ASP A O   1 
ATOM   370  C  CB  . ASP A 1 50  ? 2.084   -5.595  17.411  1.00 12.10 ? 50  ASP A CB  1 
ATOM   371  C  CG  . ASP A 1 50  ? 1.839   -6.126  18.817  1.00 10.64 ? 50  ASP A CG  1 
ATOM   372  O  OD1 . ASP A 1 50  ? 2.638   -5.842  19.736  1.00 8.47  ? 50  ASP A OD1 1 
ATOM   373  O  OD2 . ASP A 1 50  ? 0.865   -6.858  19.089  1.00 10.56 ? 50  ASP A OD2 1 
ATOM   374  N  N   . MET A 1 51  ? 2.784   -3.758  15.034  1.00 17.08 ? 51  MET A N   1 
ATOM   375  C  CA  . MET A 1 51  ? 3.292   -3.538  13.682  1.00 19.20 ? 51  MET A CA  1 
ATOM   376  C  C   . MET A 1 51  ? 4.458   -2.559  13.704  1.00 19.62 ? 51  MET A C   1 
ATOM   377  O  O   . MET A 1 51  ? 5.481   -2.781  13.055  1.00 19.36 ? 51  MET A O   1 
ATOM   378  C  CB  . MET A 1 51  ? 2.188   -2.981  12.783  1.00 21.20 ? 51  MET A CB  1 
ATOM   379  C  CG  . MET A 1 51  ? 1.241   -4.027  12.213  1.00 22.59 ? 51  MET A CG  1 
ATOM   380  S  SD  . MET A 1 51  ? -0.192  -3.247  11.417  1.00 25.22 ? 51  MET A SD  1 
ATOM   381  C  CE  . MET A 1 51  ? -1.481  -4.460  11.741  1.00 26.08 ? 51  MET A CE  1 
ATOM   382  N  N   . ILE A 1 52  ? 4.285   -1.472  14.451  1.00 19.55 ? 52  ILE A N   1 
ATOM   383  C  CA  . ILE A 1 52  ? 5.321   -0.457  14.599  1.00 17.99 ? 52  ILE A CA  1 
ATOM   384  C  C   . ILE A 1 52  ? 6.518   -1.003  15.370  1.00 18.23 ? 52  ILE A C   1 
ATOM   385  O  O   . ILE A 1 52  ? 7.664   -0.739  15.015  1.00 18.44 ? 52  ILE A O   1 
ATOM   386  C  CB  . ILE A 1 52  ? 4.764   0.772   15.335  1.00 17.69 ? 52  ILE A CB  1 
ATOM   387  C  CG1 . ILE A 1 52  ? 3.851   1.580   14.411  1.00 18.93 ? 52  ILE A CG1 1 
ATOM   388  C  CG2 . ILE A 1 52  ? 5.898   1.637   15.848  1.00 16.58 ? 52  ILE A CG2 1 
ATOM   389  C  CD1 . ILE A 1 52  ? 3.264   2.822   15.058  1.00 18.89 ? 52  ILE A CD1 1 
ATOM   390  N  N   . ASN A 1 53  ? 6.252   -1.759  16.430  1.00 17.38 ? 53  ASN A N   1 
ATOM   391  C  CA  . ASN A 1 53  ? 7.326   -2.312  17.244  1.00 18.06 ? 53  ASN A CA  1 
ATOM   392  C  C   . ASN A 1 53  ? 8.297   -3.137  16.405  1.00 18.77 ? 53  ASN A C   1 
ATOM   393  O  O   . ASN A 1 53  ? 9.511   -3.061  16.589  1.00 20.05 ? 53  ASN A O   1 
ATOM   394  C  CB  . ASN A 1 53  ? 6.756   -3.165  18.382  1.00 16.90 ? 53  ASN A CB  1 
ATOM   395  C  CG  . ASN A 1 53  ? 6.192   -2.326  19.515  1.00 16.35 ? 53  ASN A CG  1 
ATOM   396  O  OD1 . ASN A 1 53  ? 6.269   -1.095  19.489  1.00 15.07 ? 53  ASN A OD1 1 
ATOM   397  N  ND2 . ASN A 1 53  ? 5.616   -2.988  20.519  1.00 15.63 ? 53  ASN A ND2 1 
ATOM   398  N  N   . GLU A 1 54  ? 7.757   -3.919  15.478  1.00 19.71 ? 54  GLU A N   1 
ATOM   399  C  CA  . GLU A 1 54  ? 8.561   -4.818  14.657  1.00 21.75 ? 54  GLU A CA  1 
ATOM   400  C  C   . GLU A 1 54  ? 9.691   -4.101  13.913  1.00 20.67 ? 54  GLU A C   1 
ATOM   401  O  O   . GLU A 1 54  ? 10.717  -4.706  13.613  1.00 19.17 ? 54  GLU A O   1 
ATOM   402  C  CB  . GLU A 1 54  ? 7.671   -5.531  13.640  1.00 24.07 ? 54  GLU A CB  1 
ATOM   403  C  CG  . GLU A 1 54  ? 6.920   -6.726  14.194  1.00 26.72 ? 54  GLU A CG  1 
ATOM   404  C  CD  . GLU A 1 54  ? 6.335   -7.590  13.095  1.00 29.17 ? 54  GLU A CD  1 
ATOM   405  O  OE1 . GLU A 1 54  ? 7.001   -8.571  12.691  1.00 31.58 ? 54  GLU A OE1 1 
ATOM   406  O  OE2 . GLU A 1 54  ? 5.217   -7.282  12.627  1.00 30.28 ? 54  GLU A OE2 1 
ATOM   407  N  N   . VAL A 1 55  ? 9.495   -2.820  13.607  1.00 20.43 ? 55  VAL A N   1 
ATOM   408  C  CA  . VAL A 1 55  ? 10.460  -2.065  12.807  1.00 20.51 ? 55  VAL A CA  1 
ATOM   409  C  C   . VAL A 1 55  ? 10.973  -0.824  13.536  1.00 19.85 ? 55  VAL A C   1 
ATOM   410  O  O   . VAL A 1 55  ? 11.732  -0.033  12.975  1.00 19.96 ? 55  VAL A O   1 
ATOM   411  C  CB  . VAL A 1 55  ? 9.847   -1.621  11.465  1.00 21.54 ? 55  VAL A CB  1 
ATOM   412  C  CG1 . VAL A 1 55  ? 9.595   -2.822  10.569  1.00 21.50 ? 55  VAL A CG1 1 
ATOM   413  C  CG2 . VAL A 1 55  ? 8.562   -0.838  11.696  1.00 22.01 ? 55  VAL A CG2 1 
ATOM   414  N  N   . ASP A 1 56  ? 10.562  -0.660  14.789  1.00 19.67 ? 56  ASP A N   1 
ATOM   415  C  CA  . ASP A 1 56  ? 10.988  0.476   15.594  1.00 18.67 ? 56  ASP A CA  1 
ATOM   416  C  C   . ASP A 1 56  ? 12.396  0.261   16.125  1.00 19.09 ? 56  ASP A C   1 
ATOM   417  O  O   . ASP A 1 56  ? 12.584  -0.312  17.198  1.00 19.77 ? 56  ASP A O   1 
ATOM   418  C  CB  . ASP A 1 56  ? 10.025  0.691   16.761  1.00 17.35 ? 56  ASP A CB  1 
ATOM   419  C  CG  . ASP A 1 56  ? 10.149  2.067   17.361  1.00 15.68 ? 56  ASP A CG  1 
ATOM   420  O  OD1 . ASP A 1 56  ? 10.701  2.955   16.682  1.00 13.44 ? 56  ASP A OD1 1 
ATOM   421  O  OD2 . ASP A 1 56  ? 9.732   2.352   18.498  1.00 15.00 ? 56  ASP A OD2 1 
ATOM   422  N  N   . ALA A 1 57  ? 13.384  0.725   15.368  1.00 19.95 ? 57  ALA A N   1 
ATOM   423  C  CA  . ALA A 1 57  ? 14.786  0.469   15.684  1.00 20.57 ? 57  ALA A CA  1 
ATOM   424  C  C   . ALA A 1 57  ? 15.310  1.422   16.753  1.00 21.32 ? 57  ALA A C   1 
ATOM   425  O  O   . ALA A 1 57  ? 16.160  1.047   17.558  1.00 22.73 ? 57  ALA A O   1 
ATOM   426  C  CB  . ALA A 1 57  ? 15.636  0.573   14.422  1.00 20.45 ? 57  ALA A CB  1 
ATOM   427  N  N   . ASP A 1 58  ? 14.812  2.656   16.758  1.00 22.28 ? 58  ASP A N   1 
ATOM   428  C  CA  . ASP A 1 58  ? 15.250  3.641   17.744  1.00 22.57 ? 58  ASP A CA  1 
ATOM   429  C  C   . ASP A 1 58  ? 14.326  3.675   18.956  1.00 22.77 ? 58  ASP A C   1 
ATOM   430  O  O   . ASP A 1 58  ? 14.593  4.383   19.926  1.00 24.65 ? 58  ASP A O   1 
ATOM   431  C  CB  . ASP A 1 58  ? 15.345  5.032   17.120  1.00 23.00 ? 58  ASP A CB  1 
ATOM   432  C  CG  . ASP A 1 58  ? 13.993  5.602   16.755  1.00 23.23 ? 58  ASP A CG  1 
ATOM   433  O  OD1 . ASP A 1 58  ? 12.979  4.899   16.935  1.00 22.99 ? 58  ASP A OD1 1 
ATOM   434  O  OD2 . ASP A 1 58  ? 13.850  6.745   16.272  1.00 24.13 ? 58  ASP A OD2 1 
ATOM   435  N  N   . GLY A 1 59  ? 13.236  2.917   18.893  1.00 22.41 ? 59  GLY A N   1 
ATOM   436  C  CA  . GLY A 1 59  ? 12.406  2.671   20.060  1.00 22.18 ? 59  GLY A CA  1 
ATOM   437  C  C   . GLY A 1 59  ? 11.631  3.878   20.557  1.00 21.83 ? 59  GLY A C   1 
ATOM   438  O  O   . GLY A 1 59  ? 11.359  3.985   21.751  1.00 22.47 ? 59  GLY A O   1 
ATOM   439  N  N   . ASN A 1 60  ? 11.262  4.780   19.651  1.00 20.93 ? 60  ASN A N   1 
ATOM   440  C  CA  . ASN A 1 60  ? 10.491  5.965   20.028  1.00 19.18 ? 60  ASN A CA  1 
ATOM   441  C  C   . ASN A 1 60  ? 8.981   5.782   19.855  1.00 18.09 ? 60  ASN A C   1 
ATOM   442  O  O   . ASN A 1 60  ? 8.214   6.728   20.034  1.00 17.66 ? 60  ASN A O   1 
ATOM   443  C  CB  . ASN A 1 60  ? 10.960  7.184   19.231  1.00 18.71 ? 60  ASN A CB  1 
ATOM   444  C  CG  . ASN A 1 60  ? 10.596  7.096   17.763  1.00 18.37 ? 60  ASN A CG  1 
ATOM   445  O  OD1 . ASN A 1 60  ? 10.051  6.096   17.306  1.00 17.84 ? 60  ASN A OD1 1 
ATOM   446  N  ND2 . ASN A 1 60  ? 10.901  8.149   17.014  1.00 19.42 ? 60  ASN A ND2 1 
ATOM   447  N  N   . GLY A 1 61  ? 8.561   4.572   19.501  1.00 17.80 ? 61  GLY A N   1 
ATOM   448  C  CA  . GLY A 1 61  ? 7.146   4.240   19.439  1.00 17.42 ? 61  GLY A CA  1 
ATOM   449  C  C   . GLY A 1 61  ? 6.483   4.510   18.098  1.00 17.57 ? 61  GLY A C   1 
ATOM   450  O  O   . GLY A 1 61  ? 5.319   4.153   17.893  1.00 16.11 ? 61  GLY A O   1 
ATOM   451  N  N   . THR A 1 62  ? 7.213   5.143   17.183  1.00 17.54 ? 62  THR A N   1 
ATOM   452  C  CA  . THR A 1 62  ? 6.674   5.478   15.871  1.00 17.12 ? 62  THR A CA  1 
ATOM   453  C  C   . THR A 1 62  ? 7.645   5.089   14.761  1.00 16.91 ? 62  THR A C   1 
ATOM   454  O  O   . THR A 1 62  ? 8.795   4.730   15.028  1.00 15.53 ? 62  THR A O   1 
ATOM   455  C  CB  . THR A 1 62  ? 6.371   6.983   15.783  1.00 17.89 ? 62  THR A CB  1 
ATOM   456  O  OG1 . THR A 1 62  ? 7.572   7.732   15.996  1.00 19.76 ? 62  THR A OG1 1 
ATOM   457  C  CG2 . THR A 1 62  ? 5.455   7.428   16.914  1.00 18.13 ? 62  THR A CG2 1 
ATOM   458  N  N   . ILE A 1 63  ? 7.176   5.175   13.518  1.00 15.15 ? 63  ILE A N   1 
ATOM   459  C  CA  . ILE A 1 63  ? 7.980   4.812   12.359  1.00 14.69 ? 63  ILE A CA  1 
ATOM   460  C  C   . ILE A 1 63  ? 8.566   6.046   11.682  1.00 15.52 ? 63  ILE A C   1 
ATOM   461  O  O   . ILE A 1 63  ? 7.831   6.915   11.211  1.00 16.28 ? 63  ILE A O   1 
ATOM   462  C  CB  . ILE A 1 63  ? 7.125   4.038   11.337  1.00 13.67 ? 63  ILE A CB  1 
ATOM   463  C  CG1 . ILE A 1 63  ? 6.436   2.847   12.002  1.00 14.13 ? 63  ILE A CG1 1 
ATOM   464  C  CG2 . ILE A 1 63  ? 7.980   3.567   10.178  1.00 13.00 ? 63  ILE A CG2 1 
ATOM   465  C  CD1 . ILE A 1 63  ? 5.373   2.212   11.139  1.00 14.19 ? 63  ILE A CD1 1 
ATOM   466  N  N   . ASP A 1 64  ? 9.892   6.111   11.620  1.00 15.43 ? 64  ASP A N   1 
ATOM   467  C  CA  . ASP A 1 64  ? 10.568  7.146   10.843  1.00 15.49 ? 64  ASP A CA  1 
ATOM   468  C  C   . ASP A 1 64  ? 10.926  6.618   9.454   1.00 13.82 ? 64  ASP A C   1 
ATOM   469  O  O   . ASP A 1 64  ? 10.653  5.459   9.134   1.00 14.09 ? 64  ASP A O   1 
ATOM   470  C  CB  . ASP A 1 64  ? 11.821  7.636   11.577  1.00 17.04 ? 64  ASP A CB  1 
ATOM   471  C  CG  . ASP A 1 64  ? 12.906  6.581   11.645  1.00 19.29 ? 64  ASP A CG  1 
ATOM   472  O  OD1 . ASP A 1 64  ? 12.810  5.577   10.905  1.00 21.50 ? 64  ASP A OD1 1 
ATOM   473  O  OD2 . ASP A 1 64  ? 13.895  6.663   12.406  1.00 21.68 ? 64  ASP A OD2 1 
ATOM   474  N  N   . PHE A 1 65  ? 11.530  7.465   8.628   1.00 11.76 ? 65  PHE A N   1 
ATOM   475  C  CA  . PHE A 1 65  ? 11.740  7.126   7.222   1.00 11.58 ? 65  PHE A CA  1 
ATOM   476  C  C   . PHE A 1 65  ? 12.522  5.826   7.020   1.00 11.20 ? 65  PHE A C   1 
ATOM   477  O  O   . PHE A 1 65  ? 12.075  4.945   6.288   1.00 10.04 ? 65  PHE A O   1 
ATOM   478  C  CB  . PHE A 1 65  ? 12.430  8.275   6.477   1.00 11.16 ? 65  PHE A CB  1 
ATOM   479  C  CG  . PHE A 1 65  ? 12.280  8.203   4.983   1.00 10.52 ? 65  PHE A CG  1 
ATOM   480  C  CD1 . PHE A 1 65  ? 11.168  8.746   4.355   1.00 12.11 ? 65  PHE A CD1 1 
ATOM   481  C  CD2 . PHE A 1 65  ? 13.246  7.589   4.206   1.00 11.66 ? 65  PHE A CD2 1 
ATOM   482  C  CE1 . PHE A 1 65  ? 11.026  8.684   2.974   1.00 10.40 ? 65  PHE A CE1 1 
ATOM   483  C  CE2 . PHE A 1 65  ? 13.108  7.519   2.823   1.00 11.09 ? 65  PHE A CE2 1 
ATOM   484  C  CZ  . PHE A 1 65  ? 11.995  8.068   2.211   1.00 11.10 ? 65  PHE A CZ  1 
ATOM   485  N  N   . PRO A 1 66  ? 13.692  5.710   7.649   1.00 10.93 ? 66  PRO A N   1 
ATOM   486  C  CA  . PRO A 1 66  ? 14.527  4.511   7.496   1.00 10.82 ? 66  PRO A CA  1 
ATOM   487  C  C   . PRO A 1 66  ? 13.846  3.237   8.008   1.00 10.80 ? 66  PRO A C   1 
ATOM   488  O  O   . PRO A 1 66  ? 13.998  2.180   7.404   1.00 12.02 ? 66  PRO A O   1 
ATOM   489  C  CB  . PRO A 1 66  ? 15.788  4.839   8.315   1.00 11.26 ? 66  PRO A CB  1 
ATOM   490  C  CG  . PRO A 1 66  ? 15.418  5.984   9.206   1.00 11.38 ? 66  PRO A CG  1 
ATOM   491  C  CD  . PRO A 1 66  ? 14.311  6.718   8.527   1.00 11.34 ? 66  PRO A CD  1 
ATOM   492  N  N   . GLU A 1 67  ? 13.101  3.339   9.099   1.00 10.54 ? 67  GLU A N   1 
ATOM   493  C  CA  . GLU A 1 67  ? 12.335  2.203   9.597   1.00 11.90 ? 67  GLU A CA  1 
ATOM   494  C  C   . GLU A 1 67  ? 11.213  1.851   8.622   1.00 12.33 ? 67  GLU A C   1 
ATOM   495  O  O   . GLU A 1 67  ? 10.866  0.683   8.452   1.00 13.32 ? 67  GLU A O   1 
ATOM   496  C  CB  . GLU A 1 67  ? 11.752  2.520   10.974  1.00 13.00 ? 67  GLU A CB  1 
ATOM   497  C  CG  . GLU A 1 67  ? 12.798  2.690   12.069  1.00 13.51 ? 67  GLU A CG  1 
ATOM   498  C  CD  . GLU A 1 67  ? 12.264  3.431   13.279  1.00 14.22 ? 67  GLU A CD  1 
ATOM   499  O  OE1 . GLU A 1 67  ? 11.082  3.838   13.258  1.00 16.45 ? 67  GLU A OE1 1 
ATOM   500  O  OE2 . GLU A 1 67  ? 13.025  3.613   14.253  1.00 13.19 ? 67  GLU A OE2 1 
ATOM   501  N  N   . PHE A 1 68  ? 10.656  2.867   7.975   1.00 12.24 ? 68  PHE A N   1 
ATOM   502  C  CA  . PHE A 1 68  ? 9.625   2.660   6.971   1.00 13.32 ? 68  PHE A CA  1 
ATOM   503  C  C   . PHE A 1 68  ? 10.213  1.910   5.772   1.00 12.67 ? 68  PHE A C   1 
ATOM   504  O  O   . PHE A 1 68  ? 9.553   1.053   5.175   1.00 11.67 ? 68  PHE A O   1 
ATOM   505  C  CB  . PHE A 1 68  ? 9.046   4.015   6.550   1.00 13.95 ? 68  PHE A CB  1 
ATOM   506  C  CG  . PHE A 1 68  ? 8.013   3.934   5.459   1.00 14.63 ? 68  PHE A CG  1 
ATOM   507  C  CD1 . PHE A 1 68  ? 6.694   3.627   5.755   1.00 14.84 ? 68  PHE A CD1 1 
ATOM   508  C  CD2 . PHE A 1 68  ? 8.356   4.203   4.144   1.00 14.46 ? 68  PHE A CD2 1 
ATOM   509  C  CE1 . PHE A 1 68  ? 5.737   3.568   4.758   1.00 15.75 ? 68  PHE A CE1 1 
ATOM   510  C  CE2 . PHE A 1 68  ? 7.403   4.148   3.135   1.00 16.25 ? 68  PHE A CE2 1 
ATOM   511  C  CZ  . PHE A 1 68  ? 6.092   3.829   3.441   1.00 16.90 ? 68  PHE A CZ  1 
ATOM   512  N  N   . LEU A 1 69  ? 11.462  2.220   5.436   1.00 11.11 ? 69  LEU A N   1 
ATOM   513  C  CA  . LEU A 1 69  ? 12.134  1.556   4.324   1.00 10.76 ? 69  LEU A CA  1 
ATOM   514  C  C   . LEU A 1 69  ? 12.373  0.080   4.628   1.00 11.48 ? 69  LEU A C   1 
ATOM   515  O  O   . LEU A 1 69  ? 12.281  -0.766  3.736   1.00 8.48  ? 69  LEU A O   1 
ATOM   516  C  CB  . LEU A 1 69  ? 13.464  2.240   4.009   1.00 10.88 ? 69  LEU A CB  1 
ATOM   517  C  CG  . LEU A 1 69  ? 13.380  3.661   3.442   1.00 9.82  ? 69  LEU A CG  1 
ATOM   518  C  CD1 . LEU A 1 69  ? 14.771  4.244   3.298   1.00 9.12  ? 69  LEU A CD1 1 
ATOM   519  C  CD2 . LEU A 1 69  ? 12.644  3.676   2.106   1.00 10.05 ? 69  LEU A CD2 1 
ATOM   520  N  N   . THR A 1 70  ? 12.675  -0.230  5.886   1.00 13.26 ? 70  THR A N   1 
ATOM   521  C  CA  . THR A 1 70  ? 12.887  -1.619  6.295   1.00 15.02 ? 70  THR A CA  1 
ATOM   522  C  C   . THR A 1 70  ? 11.558  -2.374  6.341   1.00 14.57 ? 70  THR A C   1 
ATOM   523  O  O   . THR A 1 70  ? 11.478  -3.524  5.917   1.00 14.50 ? 70  THR A O   1 
ATOM   524  C  CB  . THR A 1 70  ? 13.615  -1.703  7.663   1.00 15.67 ? 70  THR A CB  1 
ATOM   525  O  OG1 . THR A 1 70  ? 12.850  -1.036  8.671   1.00 19.73 ? 70  THR A OG1 1 
ATOM   526  C  CG2 . THR A 1 70  ? 14.910  -0.930  7.642   1.00 15.39 ? 70  THR A CG2 1 
ATOM   527  N  N   . MET A 1 71  ? 10.519  -1.717  6.844   1.00 15.66 ? 71  MET A N   1 
ATOM   528  C  CA  . MET A 1 71  ? 9.166   -2.267  6.796   1.00 17.01 ? 71  MET A CA  1 
ATOM   529  C  C   . MET A 1 71  ? 8.774   -2.585  5.358   1.00 17.72 ? 71  MET A C   1 
ATOM   530  O  O   . MET A 1 71  ? 8.147   -3.612  5.089   1.00 17.84 ? 71  MET A O   1 
ATOM   531  C  CB  . MET A 1 71  ? 8.167   -1.284  7.397   1.00 17.85 ? 71  MET A CB  1 
ATOM   532  C  CG  . MET A 1 71  ? 6.712   -1.674  7.199   1.00 19.64 ? 71  MET A CG  1 
ATOM   533  S  SD  . MET A 1 71  ? 5.618   -0.868  8.389   1.00 20.87 ? 71  MET A SD  1 
ATOM   534  C  CE  . MET A 1 71  ? 4.648   0.177   7.345   1.00 21.47 ? 71  MET A CE  1 
ATOM   535  N  N   . MET A 1 72  ? 9.152   -1.699  4.441   1.00 16.61 ? 72  MET A N   1 
ATOM   536  C  CA  . MET A 1 72  ? 8.861   -1.876  3.025   1.00 18.07 ? 72  MET A CA  1 
ATOM   537  C  C   . MET A 1 72  ? 9.565   -3.106  2.458   1.00 20.37 ? 72  MET A C   1 
ATOM   538  O  O   . MET A 1 72  ? 9.004   -3.817  1.626   1.00 21.43 ? 72  MET A O   1 
ATOM   539  C  CB  . MET A 1 72  ? 9.288   -0.631  2.231   1.00 16.69 ? 72  MET A CB  1 
ATOM   540  C  CG  . MET A 1 72  ? 9.087   -0.756  0.727   1.00 15.69 ? 72  MET A CG  1 
ATOM   541  S  SD  . MET A 1 72  ? 9.721   0.649   -0.215  1.00 15.75 ? 72  MET A SD  1 
ATOM   542  C  CE  . MET A 1 72  ? 8.941   2.012   0.622   1.00 13.62 ? 72  MET A CE  1 
ATOM   543  N  N   . ALA A 1 73  ? 10.792  -3.356  2.910   1.00 21.78 ? 73  ALA A N   1 
ATOM   544  C  CA  . ALA A 1 73  ? 11.609  -4.428  2.348   1.00 22.93 ? 73  ALA A CA  1 
ATOM   545  C  C   . ALA A 1 73  ? 11.170  -5.784  2.876   1.00 24.08 ? 73  ALA A C   1 
ATOM   546  O  O   . ALA A 1 73  ? 11.356  -6.800  2.216   1.00 23.50 ? 73  ALA A O   1 
ATOM   547  C  CB  . ALA A 1 73  ? 13.082  -4.194  2.656   1.00 22.75 ? 73  ALA A CB  1 
ATOM   548  N  N   . ARG A 1 74  ? 10.588  -5.792  4.071   1.00 25.85 ? 74  ARG A N   1 
ATOM   549  C  CA  . ARG A 1 74  ? 10.080  -7.018  4.669   1.00 27.96 ? 74  ARG A CA  1 
ATOM   550  C  C   . ARG A 1 74  ? 8.624   -7.244  4.272   1.00 29.40 ? 74  ARG A C   1 
ATOM   551  O  O   . ARG A 1 74  ? 8.309   -8.184  3.539   1.00 30.65 ? 74  ARG A O   1 
ATOM   552  C  CB  . ARG A 1 74  ? 10.200  -6.958  6.194   1.00 28.79 ? 74  ARG A CB  1 
ATOM   553  C  CG  . ARG A 1 74  ? 11.625  -7.109  6.708   1.00 29.13 ? 74  ARG A CG  1 
ATOM   554  C  CD  . ARG A 1 74  ? 11.742  -7.049  8.222   1.00 29.40 ? 74  ARG A CD  1 
ATOM   555  N  NE  . ARG A 1 74  ? 13.130  -6.984  8.671   1.00 29.01 ? 74  ARG A NE  1 
ATOM   556  C  CZ  . ARG A 1 74  ? 13.509  -6.489  9.842   1.00 29.14 ? 74  ARG A CZ  1 
ATOM   557  N  NH1 . ARG A 1 74  ? 12.607  -6.017  10.690  1.00 29.58 ? 74  ARG A NH1 1 
ATOM   558  N  NH2 . ARG A 1 74  ? 14.792  -6.467  10.172  1.00 29.33 ? 74  ARG A NH2 1 
ATOM   559  N  N   . LYS A 1 77  ? 4.487   -11.183 4.953   1.00 54.77 ? 77  LYS A N   1 
ATOM   560  C  CA  . LYS A 1 77  ? 3.270   -11.876 4.547   1.00 54.86 ? 77  LYS A CA  1 
ATOM   561  C  C   . LYS A 1 77  ? 2.507   -12.416 5.758   1.00 54.66 ? 77  LYS A C   1 
ATOM   562  O  O   . LYS A 1 77  ? 1.566   -13.199 5.610   1.00 54.84 ? 77  LYS A O   1 
ATOM   563  C  CB  . LYS A 1 77  ? 3.597   -13.015 3.577   1.00 54.91 ? 77  LYS A CB  1 
ATOM   564  N  N   . ASP A 1 78  ? 2.922   -12.004 6.954   1.00 54.06 ? 78  ASP A N   1 
ATOM   565  C  CA  . ASP A 1 78  ? 2.069   -12.113 8.131   1.00 53.40 ? 78  ASP A CA  1 
ATOM   566  C  C   . ASP A 1 78  ? 0.963   -11.075 7.989   1.00 52.70 ? 78  ASP A C   1 
ATOM   567  O  O   . ASP A 1 78  ? -0.224  -11.402 8.030   1.00 52.88 ? 78  ASP A O   1 
ATOM   568  C  CB  . ASP A 1 78  ? 2.872   -11.872 9.410   1.00 53.45 ? 78  ASP A CB  1 
ATOM   569  N  N   . THR A 1 79  ? 1.369   -9.821  7.814   1.00 51.66 ? 79  THR A N   1 
ATOM   570  C  CA  . THR A 1 79  ? 0.498   -8.804  7.238   1.00 50.71 ? 79  THR A CA  1 
ATOM   571  C  C   . THR A 1 79  ? 0.678   -8.817  5.719   1.00 49.54 ? 79  THR A C   1 
ATOM   572  O  O   . THR A 1 79  ? 1.803   -8.790  5.217   1.00 50.20 ? 79  THR A O   1 
ATOM   573  C  CB  . THR A 1 79  ? 0.824   -7.413  7.822   1.00 50.98 ? 79  THR A CB  1 
ATOM   574  O  OG1 . THR A 1 79  ? -0.270  -6.955  8.628   1.00 51.05 ? 79  THR A OG1 1 
ATOM   575  C  CG2 . THR A 1 79  ? 0.945   -6.360  6.719   1.00 50.90 ? 79  THR A CG2 1 
ATOM   576  N  N   . ASP A 1 80  ? -0.438  -8.853  4.998   1.00 47.46 ? 80  ASP A N   1 
ATOM   577  C  CA  . ASP A 1 80  ? -0.461  -9.354  3.628   1.00 45.22 ? 80  ASP A CA  1 
ATOM   578  C  C   . ASP A 1 80  ? -0.838  -10.836 3.651   1.00 42.99 ? 80  ASP A C   1 
ATOM   579  O  O   . ASP A 1 80  ? -0.457  -11.606 2.767   1.00 43.28 ? 80  ASP A O   1 
ATOM   580  C  CB  . ASP A 1 80  ? 0.892   -9.155  2.940   1.00 45.14 ? 80  ASP A CB  1 
ATOM   581  N  N   . SER A 1 81  ? -1.577  -11.228 4.686   1.00 39.97 ? 81  SER A N   1 
ATOM   582  C  CA  . SER A 1 81  ? -2.206  -12.539 4.734   1.00 37.10 ? 81  SER A CA  1 
ATOM   583  C  C   . SER A 1 81  ? -3.400  -12.552 3.786   1.00 34.39 ? 81  SER A C   1 
ATOM   584  O  O   . SER A 1 81  ? -3.719  -11.535 3.168   1.00 33.12 ? 81  SER A O   1 
ATOM   585  C  CB  . SER A 1 81  ? -2.660  -12.854 6.159   1.00 37.58 ? 81  SER A CB  1 
ATOM   586  O  OG  . SER A 1 81  ? -3.387  -11.768 6.709   1.00 37.73 ? 81  SER A OG  1 
ATOM   587  N  N   . GLU A 1 82  ? -4.058  -13.702 3.669   1.00 31.16 ? 82  GLU A N   1 
ATOM   588  C  CA  . GLU A 1 82  ? -5.179  -13.840 2.747   1.00 28.80 ? 82  GLU A CA  1 
ATOM   589  C  C   . GLU A 1 82  ? -6.316  -12.899 3.124   1.00 25.56 ? 82  GLU A C   1 
ATOM   590  O  O   . GLU A 1 82  ? -6.885  -12.235 2.262   1.00 24.72 ? 82  GLU A O   1 
ATOM   591  C  CB  . GLU A 1 82  ? -5.684  -15.284 2.712   1.00 29.71 ? 82  GLU A CB  1 
ATOM   592  C  CG  . GLU A 1 82  ? -6.111  -15.740 1.326   1.00 30.55 ? 82  GLU A CG  1 
ATOM   593  C  CD  . GLU A 1 82  ? -7.216  -16.775 1.355   1.00 31.28 ? 82  GLU A CD  1 
ATOM   594  O  OE1 . GLU A 1 82  ? -8.393  -16.397 1.170   1.00 31.44 ? 82  GLU A OE1 1 
ATOM   595  O  OE2 . GLU A 1 82  ? -6.907  -17.971 1.557   1.00 31.95 ? 82  GLU A OE2 1 
ATOM   596  N  N   . GLU A 1 83  ? -6.644  -12.844 4.412   1.00 22.43 ? 83  GLU A N   1 
ATOM   597  C  CA  . GLU A 1 83  ? -7.681  -11.938 4.892   1.00 21.31 ? 83  GLU A CA  1 
ATOM   598  C  C   . GLU A 1 83  ? -7.403  -10.507 4.432   1.00 18.22 ? 83  GLU A C   1 
ATOM   599  O  O   . GLU A 1 83  ? -8.290  -9.821  3.933   1.00 17.08 ? 83  GLU A O   1 
ATOM   600  C  CB  . GLU A 1 83  ? -7.781  -11.980 6.422   1.00 22.48 ? 83  GLU A CB  1 
ATOM   601  C  CG  . GLU A 1 83  ? -8.551  -10.802 7.015   1.00 24.24 ? 83  GLU A CG  1 
ATOM   602  C  CD  . GLU A 1 83  ? -8.612  -10.822 8.535   1.00 25.88 ? 83  GLU A CD  1 
ATOM   603  O  OE1 . GLU A 1 83  ? -7.586  -11.139 9.179   1.00 26.49 ? 83  GLU A OE1 1 
ATOM   604  O  OE2 . GLU A 1 83  ? -9.692  -10.512 9.089   1.00 26.30 ? 83  GLU A OE2 1 
ATOM   605  N  N   . GLU A 1 84  ? -6.164  -10.062 4.605   1.00 16.06 ? 84  GLU A N   1 
ATOM   606  C  CA  . GLU A 1 84  ? -5.807  -8.677  4.321   1.00 16.08 ? 84  GLU A CA  1 
ATOM   607  C  C   . GLU A 1 84  ? -5.871  -8.373  2.825   1.00 13.94 ? 84  GLU A C   1 
ATOM   608  O  O   . GLU A 1 84  ? -6.278  -7.277  2.426   1.00 12.55 ? 84  GLU A O   1 
ATOM   609  C  CB  . GLU A 1 84  ? -4.418  -8.355  4.876   1.00 16.84 ? 84  GLU A CB  1 
ATOM   610  C  CG  . GLU A 1 84  ? -4.168  -8.917  6.269   1.00 18.77 ? 84  GLU A CG  1 
ATOM   611  C  CD  . GLU A 1 84  ? -3.111  -8.142  7.040   1.00 19.58 ? 84  GLU A CD  1 
ATOM   612  O  OE1 . GLU A 1 84  ? -2.308  -7.422  6.404   1.00 20.35 ? 84  GLU A OE1 1 
ATOM   613  O  OE2 . GLU A 1 84  ? -3.086  -8.251  8.282   1.00 20.32 ? 84  GLU A OE2 1 
ATOM   614  N  N   . ILE A 1 85  ? -5.487  -9.342  1.997   1.00 12.57 ? 85  ILE A N   1 
ATOM   615  C  CA  . ILE A 1 85  ? -5.454  -9.124  0.556   1.00 13.65 ? 85  ILE A CA  1 
ATOM   616  C  C   . ILE A 1 85  ? -6.849  -9.206  -0.054  1.00 13.26 ? 85  ILE A C   1 
ATOM   617  O  O   . ILE A 1 85  ? -7.150  -8.491  -1.007  1.00 11.34 ? 85  ILE A O   1 
ATOM   618  C  CB  . ILE A 1 85  ? -4.511  -10.115 -0.152  1.00 14.04 ? 85  ILE A CB  1 
ATOM   619  C  CG1 . ILE A 1 85  ? -3.074  -9.945  0.343   1.00 14.85 ? 85  ILE A CG1 1 
ATOM   620  C  CG2 . ILE A 1 85  ? -4.544  -9.884  -1.651  1.00 14.02 ? 85  ILE A CG2 1 
ATOM   621  C  CD1 . ILE A 1 85  ? -2.237  -11.197 0.207   1.00 15.25 ? 85  ILE A CD1 1 
ATOM   622  N  N   . ARG A 1 86  ? -7.693  -10.073 0.496   1.00 12.45 ? 86  ARG A N   1 
ATOM   623  C  CA  . ARG A 1 86  ? -9.088  -10.143 0.077   1.00 13.79 ? 86  ARG A CA  1 
ATOM   624  C  C   . ARG A 1 86  ? -9.790  -8.826  0.375   1.00 13.06 ? 86  ARG A C   1 
ATOM   625  O  O   . ARG A 1 86  ? -10.558 -8.317  -0.441  1.00 12.87 ? 86  ARG A O   1 
ATOM   626  C  CB  . ARG A 1 86  ? -9.812  -11.274 0.806   1.00 15.66 ? 86  ARG A CB  1 
ATOM   627  C  CG  . ARG A 1 86  ? -9.382  -12.661 0.373   1.00 17.29 ? 86  ARG A CG  1 
ATOM   628  C  CD  . ARG A 1 86  ? -10.206 -13.239 -0.757  1.00 18.55 ? 86  ARG A CD  1 
ATOM   629  N  NE  . ARG A 1 86  ? -9.805  -14.607 -1.073  1.00 20.18 ? 86  ARG A NE  1 
ATOM   630  C  CZ  . ARG A 1 86  ? -9.898  -15.154 -2.279  1.00 21.03 ? 86  ARG A CZ  1 
ATOM   631  N  NH1 . ARG A 1 86  ? -10.387 -14.454 -3.294  1.00 21.75 ? 86  ARG A NH1 1 
ATOM   632  N  NH2 . ARG A 1 86  ? -9.506  -16.407 -2.471  1.00 21.68 ? 86  ARG A NH2 1 
ATOM   633  N  N   . GLU A 1 87  ? -9.524  -8.292  1.563   1.00 10.81 ? 87  GLU A N   1 
ATOM   634  C  CA  . GLU A 1 87  ? -10.067 -7.011  1.974   1.00 10.53 ? 87  GLU A CA  1 
ATOM   635  C  C   . GLU A 1 87  ? -9.582  -5.889  1.056   1.00 9.54  ? 87  GLU A C   1 
ATOM   636  O  O   . GLU A 1 87  ? -10.358 -5.007  0.684   1.00 7.81  ? 87  GLU A O   1 
ATOM   637  C  CB  . GLU A 1 87  ? -9.679  -6.714  3.428   1.00 10.70 ? 87  GLU A CB  1 
ATOM   638  C  CG  . GLU A 1 87  ? -10.577 -7.398  4.443   1.00 11.44 ? 87  GLU A CG  1 
ATOM   639  C  CD  . GLU A 1 87  ? -9.992  -7.430  5.843   1.00 12.13 ? 87  GLU A CD  1 
ATOM   640  O  OE1 . GLU A 1 87  ? -8.796  -7.100  6.019   1.00 12.68 ? 87  GLU A OE1 1 
ATOM   641  O  OE2 . GLU A 1 87  ? -10.737 -7.794  6.774   1.00 12.10 ? 87  GLU A OE2 1 
ATOM   642  N  N   . ALA A 1 88  ? -8.304  -5.930  0.691   1.00 9.93  ? 88  ALA A N   1 
ATOM   643  C  CA  . ALA A 1 88  ? -7.719  -4.918  -0.189  1.00 8.71  ? 88  ALA A CA  1 
ATOM   644  C  C   . ALA A 1 88  ? -8.267  -5.035  -1.608  1.00 9.40  ? 88  ALA A C   1 
ATOM   645  O  O   . ALA A 1 88  ? -8.537  -4.029  -2.269  1.00 8.19  ? 88  ALA A O   1 
ATOM   646  C  CB  . ALA A 1 88  ? -6.203  -5.046  -0.208  1.00 9.04  ? 88  ALA A CB  1 
ATOM   647  N  N   . PHE A 1 89  ? -8.413  -6.269  -2.081  1.00 9.84  ? 89  PHE A N   1 
ATOM   648  C  CA  . PHE A 1 89  ? -9.005  -6.504  -3.390  1.00 10.41 ? 89  PHE A CA  1 
ATOM   649  C  C   . PHE A 1 89  ? -10.413 -5.929  -3.454  1.00 9.73  ? 89  PHE A C   1 
ATOM   650  O  O   . PHE A 1 89  ? -10.819 -5.384  -4.472  1.00 11.00 ? 89  PHE A O   1 
ATOM   651  C  CB  . PHE A 1 89  ? -9.044  -7.995  -3.713  1.00 11.79 ? 89  PHE A CB  1 
ATOM   652  C  CG  . PHE A 1 89  ? -9.514  -8.290  -5.107  1.00 12.26 ? 89  PHE A CG  1 
ATOM   653  C  CD1 . PHE A 1 89  ? -8.635  -8.228  -6.176  1.00 13.65 ? 89  PHE A CD1 1 
ATOM   654  C  CD2 . PHE A 1 89  ? -10.838 -8.616  -5.352  1.00 13.63 ? 89  PHE A CD2 1 
ATOM   655  C  CE1 . PHE A 1 89  ? -9.065  -8.494  -7.465  1.00 13.72 ? 89  PHE A CE1 1 
ATOM   656  C  CE2 . PHE A 1 89  ? -11.273 -8.881  -6.639  1.00 13.23 ? 89  PHE A CE2 1 
ATOM   657  C  CZ  . PHE A 1 89  ? -10.384 -8.822  -7.694  1.00 13.61 ? 89  PHE A CZ  1 
ATOM   658  N  N   . ARG A 1 90  ? -11.163 -6.059  -2.366  1.00 9.19  ? 90  ARG A N   1 
ATOM   659  C  CA  . ARG A 1 90  ? -12.516 -5.520  -2.319  1.00 8.93  ? 90  ARG A CA  1 
ATOM   660  C  C   . ARG A 1 90  ? -12.487 -4.005  -2.490  1.00 7.10  ? 90  ARG A C   1 
ATOM   661  O  O   . ARG A 1 90  ? -13.288 -3.441  -3.228  1.00 6.68  ? 90  ARG A O   1 
ATOM   662  C  CB  . ARG A 1 90  ? -13.190 -5.887  -0.996  1.00 9.60  ? 90  ARG A CB  1 
ATOM   663  C  CG  . ARG A 1 90  ? -14.647 -5.462  -0.887  1.00 9.69  ? 90  ARG A CG  1 
ATOM   664  C  CD  . ARG A 1 90  ? -15.356 -6.005  0.364   1.00 11.31 ? 90  ARG A CD  1 
ATOM   665  N  NE  . ARG A 1 90  ? -16.631 -5.329  0.600   1.00 11.81 ? 90  ARG A NE  1 
ATOM   666  C  CZ  . ARG A 1 90  ? -16.745 -4.112  1.110   1.00 11.64 ? 90  ARG A CZ  1 
ATOM   667  N  NH1 . ARG A 1 90  ? -15.666 -3.440  1.461   1.00 12.71 ? 90  ARG A NH1 1 
ATOM   668  N  NH2 . ARG A 1 90  ? -17.938 -3.565  1.275   1.00 12.61 ? 90  ARG A NH2 1 
ATOM   669  N  N   . VAL A 1 91  ? -11.565 -3.346  -1.799  1.00 6.72  ? 91  VAL A N   1 
ATOM   670  C  CA  . VAL A 1 91  ? -11.472 -1.902  -1.876  1.00 7.53  ? 91  VAL A CA  1 
ATOM   671  C  C   . VAL A 1 91  ? -11.271 -1.503  -3.335  1.00 7.63  ? 91  VAL A C   1 
ATOM   672  O  O   . VAL A 1 91  ? -11.930 -0.596  -3.834  1.00 8.33  ? 91  VAL A O   1 
ATOM   673  C  CB  . VAL A 1 91  ? -10.320 -1.346  -1.015  1.00 8.99  ? 91  VAL A CB  1 
ATOM   674  C  CG1 . VAL A 1 91  ? -10.166 0.162   -1.235  1.00 10.49 ? 91  VAL A CG1 1 
ATOM   675  C  CG2 . VAL A 1 91  ? -10.566 -1.630  0.452   1.00 10.03 ? 91  VAL A CG2 1 
ATOM   676  N  N   . PHE A 1 92  ? -10.375 -2.205  -4.021  1.00 8.92  ? 92  PHE A N   1 
ATOM   677  C  CA  . PHE A 1 92  ? -10.031 -1.870  -5.397  1.00 10.02 ? 92  PHE A CA  1 
ATOM   678  C  C   . PHE A 1 92  ? -11.128 -2.254  -6.398  1.00 11.54 ? 92  PHE A C   1 
ATOM   679  O  O   . PHE A 1 92  ? -11.348 -1.539  -7.377  1.00 13.13 ? 92  PHE A O   1 
ATOM   680  C  CB  . PHE A 1 92  ? -8.709  -2.523  -5.785  1.00 11.23 ? 92  PHE A CB  1 
ATOM   681  C  CG  . PHE A 1 92  ? -7.498  -1.733  -5.365  1.00 11.88 ? 92  PHE A CG  1 
ATOM   682  C  CD1 . PHE A 1 92  ? -6.990  -0.733  -6.182  1.00 12.26 ? 92  PHE A CD1 1 
ATOM   683  C  CD2 . PHE A 1 92  ? -6.870  -1.993  -4.157  1.00 12.05 ? 92  PHE A CD2 1 
ATOM   684  C  CE1 . PHE A 1 92  ? -5.881  -0.005  -5.806  1.00 12.68 ? 92  PHE A CE1 1 
ATOM   685  C  CE2 . PHE A 1 92  ? -5.759  -1.271  -3.768  1.00 13.41 ? 92  PHE A CE2 1 
ATOM   686  C  CZ  . PHE A 1 92  ? -5.258  -0.272  -4.595  1.00 13.57 ? 92  PHE A CZ  1 
ATOM   687  N  N   . ASP A 1 93  ? -11.823 -3.360  -6.147  1.00 12.40 ? 93  ASP A N   1 
ATOM   688  C  CA  . ASP A 1 93  ? -12.827 -3.866  -7.088  1.00 12.98 ? 93  ASP A CA  1 
ATOM   689  C  C   . ASP A 1 93  ? -14.190 -3.241  -6.796  1.00 13.17 ? 93  ASP A C   1 
ATOM   690  O  O   . ASP A 1 93  ? -15.086 -3.897  -6.261  1.00 10.96 ? 93  ASP A O   1 
ATOM   691  C  CB  . ASP A 1 93  ? -12.918 -5.395  -7.008  1.00 12.61 ? 93  ASP A CB  1 
ATOM   692  C  CG  . ASP A 1 93  ? -14.074 -5.955  -7.817  1.00 13.41 ? 93  ASP A CG  1 
ATOM   693  O  OD1 . ASP A 1 93  ? -14.522 -5.271  -8.760  1.00 13.67 ? 93  ASP A OD1 1 
ATOM   694  O  OD2 . ASP A 1 93  ? -14.601 -7.067  -7.584  1.00 12.23 ? 93  ASP A OD2 1 
ATOM   695  N  N   . LYS A 1 94  ? -14.337 -1.976  -7.180  1.00 12.44 ? 94  LYS A N   1 
ATOM   696  C  CA  . LYS A 1 94  ? -15.376 -1.108  -6.638  1.00 12.19 ? 94  LYS A CA  1 
ATOM   697  C  C   . LYS A 1 94  ? -16.788 -1.520  -7.041  1.00 12.29 ? 94  LYS A C   1 
ATOM   698  O  O   . LYS A 1 94  ? -17.744 -1.260  -6.308  1.00 11.81 ? 94  LYS A O   1 
ATOM   699  C  CB  . LYS A 1 94  ? -15.123 0.338   -7.080  1.00 14.18 ? 94  LYS A CB  1 
ATOM   700  C  CG  . LYS A 1 94  ? -14.099 1.067   -6.229  1.00 14.89 ? 94  LYS A CG  1 
ATOM   701  C  CD  . LYS A 1 94  ? -13.561 2.304   -6.930  1.00 16.76 ? 94  LYS A CD  1 
ATOM   702  N  N   . ASP A 1 95  ? -16.926 -2.146  -8.205  1.00 10.95 ? 95  ASP A N   1 
ATOM   703  C  CA  . ASP A 1 95  ? -18.237 -2.588  -8.665  1.00 10.67 ? 95  ASP A CA  1 
ATOM   704  C  C   . ASP A 1 95  ? -18.480 -4.065  -8.353  1.00 9.91  ? 95  ASP A C   1 
ATOM   705  O  O   . ASP A 1 95  ? -19.542 -4.607  -8.664  1.00 8.08  ? 95  ASP A O   1 
ATOM   706  C  CB  . ASP A 1 95  ? -18.405 -2.320  -10.157 1.00 10.63 ? 95  ASP A CB  1 
ATOM   707  C  CG  . ASP A 1 95  ? -17.588 -3.265  -11.019 1.00 11.54 ? 95  ASP A CG  1 
ATOM   708  O  OD1 . ASP A 1 95  ? -16.645 -3.905  -10.508 1.00 11.95 ? 95  ASP A OD1 1 
ATOM   709  O  OD2 . ASP A 1 95  ? -17.823 -3.427  -12.228 1.00 11.82 ? 95  ASP A OD2 1 
ATOM   710  N  N   . GLY A 1 96  ? -17.493 -4.700  -7.731  1.00 9.06  ? 96  GLY A N   1 
ATOM   711  C  CA  . GLY A 1 96  ? -17.633 -6.062  -7.254  1.00 9.49  ? 96  GLY A CA  1 
ATOM   712  C  C   . GLY A 1 96  ? -17.793 -7.098  -8.354  1.00 10.68 ? 96  GLY A C   1 
ATOM   713  O  O   . GLY A 1 96  ? -18.337 -8.174  -8.117  1.00 10.75 ? 96  GLY A O   1 
ATOM   714  N  N   . ASN A 1 97  ? -17.313 -6.788  -9.554  1.00 12.76 ? 97  ASN A N   1 
ATOM   715  C  CA  . ASN A 1 97  ? -17.403 -7.737  -10.662 1.00 13.51 ? 97  ASN A CA  1 
ATOM   716  C  C   . ASN A 1 97  ? -16.252 -8.750  -10.706 1.00 12.88 ? 97  ASN A C   1 
ATOM   717  O  O   . ASN A 1 97  ? -16.192 -9.575  -11.612 1.00 15.70 ? 97  ASN A O   1 
ATOM   718  C  CB  . ASN A 1 97  ? -17.522 -6.997  -12.000 1.00 12.76 ? 97  ASN A CB  1 
ATOM   719  C  CG  . ASN A 1 97  ? -16.205 -6.405  -12.467 1.00 14.11 ? 97  ASN A CG  1 
ATOM   720  O  OD1 . ASN A 1 97  ? -15.314 -6.104  -11.664 1.00 12.99 ? 97  ASN A OD1 1 
ATOM   721  N  ND2 . ASN A 1 97  ? -16.078 -6.228  -13.779 1.00 11.73 ? 97  ASN A ND2 1 
ATOM   722  N  N   . GLY A 1 98  ? -15.349 -8.688  -9.730  1.00 12.65 ? 98  GLY A N   1 
ATOM   723  C  CA  . GLY A 1 98  ? -14.268 -9.656  -9.612  1.00 12.01 ? 98  GLY A CA  1 
ATOM   724  C  C   . GLY A 1 98  ? -13.018 -9.294  -10.398 1.00 13.62 ? 98  GLY A C   1 
ATOM   725  O  O   . GLY A 1 98  ? -12.073 -10.082 -10.493 1.00 12.54 ? 98  GLY A O   1 
ATOM   726  N  N   . TYR A 1 99  ? -13.011 -8.093  -10.963 1.00 14.13 ? 99  TYR A N   1 
ATOM   727  C  CA  . TYR A 1 99  ? -11.879 -7.620  -11.746 1.00 15.89 ? 99  TYR A CA  1 
ATOM   728  C  C   . TYR A 1 99  ? -11.566 -6.179  -11.389 1.00 16.01 ? 99  TYR A C   1 
ATOM   729  O  O   . TYR A 1 99  ? -12.465 -5.343  -11.333 1.00 18.76 ? 99  TYR A O   1 
ATOM   730  C  CB  . TYR A 1 99  ? -12.197 -7.702  -13.237 1.00 17.64 ? 99  TYR A CB  1 
ATOM   731  C  CG  . TYR A 1 99  ? -12.367 -9.109  -13.750 1.00 19.80 ? 99  TYR A CG  1 
ATOM   732  C  CD1 . TYR A 1 99  ? -13.622 -9.598  -14.096 1.00 21.45 ? 99  TYR A CD1 1 
ATOM   733  C  CD2 . TYR A 1 99  ? -11.272 -9.946  -13.898 1.00 20.95 ? 99  TYR A CD2 1 
ATOM   734  C  CE1 . TYR A 1 99  ? -13.780 -10.889 -14.570 1.00 23.09 ? 99  TYR A CE1 1 
ATOM   735  C  CE2 . TYR A 1 99  ? -11.418 -11.232 -14.369 1.00 23.01 ? 99  TYR A CE2 1 
ATOM   736  C  CZ  . TYR A 1 99  ? -12.671 -11.702 -14.702 1.00 23.73 ? 99  TYR A CZ  1 
ATOM   737  O  OH  . TYR A 1 99  ? -12.806 -12.988 -15.172 1.00 26.69 ? 99  TYR A OH  1 
ATOM   738  N  N   . ILE A 1 100 ? -10.295 -5.878  -11.144 1.00 15.62 ? 100 ILE A N   1 
ATOM   739  C  CA  . ILE A 1 100 ? -9.896  -4.489  -10.986 1.00 16.03 ? 100 ILE A CA  1 
ATOM   740  C  C   . ILE A 1 100 ? -9.586  -3.893  -12.348 1.00 16.25 ? 100 ILE A C   1 
ATOM   741  O  O   . ILE A 1 100 ? -8.661  -4.326  -13.029 1.00 16.03 ? 100 ILE A O   1 
ATOM   742  C  CB  . ILE A 1 100 ? -8.688  -4.352  -10.059 1.00 16.33 ? 100 ILE A CB  1 
ATOM   743  C  CG1 . ILE A 1 100 ? -8.981  -4.985  -8.700  1.00 16.69 ? 100 ILE A CG1 1 
ATOM   744  C  CG2 . ILE A 1 100 ? -8.343  -2.879  -9.876  1.00 17.15 ? 100 ILE A CG2 1 
ATOM   745  C  CD1 . ILE A 1 100 ? -7.738  -5.197  -7.854  1.00 17.71 ? 100 ILE A CD1 1 
ATOM   746  N  N   . SER A 1 101 ? -10.385 -2.905  -12.741 1.00 16.68 ? 101 SER A N   1 
ATOM   747  C  CA  . SER A 1 101 ? -10.186 -2.202  -14.002 1.00 16.14 ? 101 SER A CA  1 
ATOM   748  C  C   . SER A 1 101 ? -9.180  -1.078  -13.824 1.00 17.00 ? 101 SER A C   1 
ATOM   749  O  O   . SER A 1 101 ? -8.829  -0.713  -12.697 1.00 17.65 ? 101 SER A O   1 
ATOM   750  C  CB  . SER A 1 101 ? -11.516 -1.624  -14.494 1.00 15.46 ? 101 SER A CB  1 
ATOM   751  O  OG  . SER A 1 101 ? -11.916 -0.520  -13.694 1.00 13.89 ? 101 SER A OG  1 
ATOM   752  N  N   . ALA A 1 102 ? -8.724  -0.520  -14.941 1.00 18.65 ? 102 ALA A N   1 
ATOM   753  C  CA  . ALA A 1 102 ? -7.815  0.616   -14.916 1.00 18.35 ? 102 ALA A CA  1 
ATOM   754  C  C   . ALA A 1 102 ? -8.486  1.798   -14.234 1.00 18.83 ? 102 ALA A C   1 
ATOM   755  O  O   . ALA A 1 102 ? -7.869  2.514   -13.443 1.00 19.27 ? 102 ALA A O   1 
ATOM   756  C  CB  . ALA A 1 102 ? -7.394  0.983   -16.335 1.00 19.45 ? 102 ALA A CB  1 
ATOM   757  N  N   . ALA A 1 103 ? -9.765  1.987   -14.535 1.00 19.86 ? 103 ALA A N   1 
ATOM   758  C  CA  . ALA A 1 103 ? -10.540 3.061   -13.939 1.00 19.25 ? 103 ALA A CA  1 
ATOM   759  C  C   . ALA A 1 103 ? -10.591 2.905   -12.423 1.00 19.89 ? 103 ALA A C   1 
ATOM   760  O  O   . ALA A 1 103 ? -10.415 3.872   -11.680 1.00 20.96 ? 103 ALA A O   1 
ATOM   761  C  CB  . ALA A 1 103 ? -11.945 3.071   -14.527 1.00 20.09 ? 103 ALA A CB  1 
ATOM   762  N  N   . GLU A 1 104 ? -10.821 1.681   -11.964 1.00 17.77 ? 104 GLU A N   1 
ATOM   763  C  CA  . GLU A 1 104 ? -10.895 1.411   -10.535 1.00 17.78 ? 104 GLU A CA  1 
ATOM   764  C  C   . GLU A 1 104 ? -9.539  1.590   -9.854  1.00 17.89 ? 104 GLU A C   1 
ATOM   765  O  O   . GLU A 1 104 ? -9.451  2.157   -8.761  1.00 18.30 ? 104 GLU A O   1 
ATOM   766  C  CB  . GLU A 1 104 ? -11.429 -0.004  -10.287 1.00 16.97 ? 104 GLU A CB  1 
ATOM   767  C  CG  . GLU A 1 104 ? -12.910 -0.168  -10.596 1.00 15.67 ? 104 GLU A CG  1 
ATOM   768  C  CD  . GLU A 1 104 ? -13.368 -1.612  -10.532 1.00 14.93 ? 104 GLU A CD  1 
ATOM   769  O  OE1 . GLU A 1 104 ? -12.502 -2.505  -10.516 1.00 15.67 ? 104 GLU A OE1 1 
ATOM   770  O  OE2 . GLU A 1 104 ? -14.595 -1.858  -10.496 1.00 14.07 ? 104 GLU A OE2 1 
ATOM   771  N  N   . LEU A 1 105 ? -8.483  1.100   -10.495 1.00 18.66 ? 105 LEU A N   1 
ATOM   772  C  CA  . LEU A 1 105 ? -7.138  1.230   -9.944  1.00 18.67 ? 105 LEU A CA  1 
ATOM   773  C  C   . LEU A 1 105 ? -6.777  2.701   -9.739  1.00 18.25 ? 105 LEU A C   1 
ATOM   774  O  O   . LEU A 1 105 ? -6.400  3.107   -8.640  1.00 17.52 ? 105 LEU A O   1 
ATOM   775  C  CB  . LEU A 1 105 ? -6.122  0.547   -10.860 1.00 19.90 ? 105 LEU A CB  1 
ATOM   776  C  CG  . LEU A 1 105 ? -4.650  0.720   -10.480 1.00 21.18 ? 105 LEU A CG  1 
ATOM   777  C  CD1 . LEU A 1 105 ? -3.874  -0.562  -10.749 1.00 22.00 ? 105 LEU A CD1 1 
ATOM   778  N  N   . ARG A 1 106 ? -6.910  3.496   -10.798 1.00 18.63 ? 106 ARG A N   1 
ATOM   779  C  CA  . ARG A 1 106 ? -6.633  4.934   -10.735 1.00 18.77 ? 106 ARG A CA  1 
ATOM   780  C  C   . ARG A 1 106 ? -7.450  5.629   -9.653  1.00 19.20 ? 106 ARG A C   1 
ATOM   781  O  O   . ARG A 1 106 ? -6.910  6.354   -8.818  1.00 20.05 ? 106 ARG A O   1 
ATOM   782  C  CB  . ARG A 1 106 ? -6.938  5.592   -12.082 1.00 19.26 ? 106 ARG A CB  1 
ATOM   783  N  N   . HIS A 1 107 ? -8.760  5.420   -9.685  1.00 18.83 ? 107 HIS A N   1 
ATOM   784  C  CA  . HIS A 1 107 ? -9.653  6.024   -8.708  1.00 18.76 ? 107 HIS A CA  1 
ATOM   785  C  C   . HIS A 1 107 ? -9.153  5.771   -7.291  1.00 17.78 ? 107 HIS A C   1 
ATOM   786  O  O   . HIS A 1 107 ? -8.945  6.700   -6.515  1.00 15.84 ? 107 HIS A O   1 
ATOM   787  C  CB  . HIS A 1 107 ? -11.057 5.441   -8.866  1.00 19.90 ? 107 HIS A CB  1 
ATOM   788  C  CG  . HIS A 1 107 ? -12.115 6.198   -8.129  1.00 20.57 ? 107 HIS A CG  1 
ATOM   789  N  ND1 . HIS A 1 107 ? -12.921 7.133   -8.740  1.00 21.16 ? 107 HIS A ND1 1 
ATOM   790  C  CD2 . HIS A 1 107 ? -12.509 6.149   -6.834  1.00 21.92 ? 107 HIS A CD2 1 
ATOM   791  C  CE1 . HIS A 1 107 ? -13.762 7.633   -7.851  1.00 21.27 ? 107 HIS A CE1 1 
ATOM   792  N  NE2 . HIS A 1 107 ? -13.533 7.051   -6.687  1.00 21.43 ? 107 HIS A NE2 1 
ATOM   793  N  N   . VAL A 1 108 ? -8.963  4.501   -6.961  1.00 17.72 ? 108 VAL A N   1 
ATOM   794  C  CA  . VAL A 1 108 ? -8.652  4.109   -5.595  1.00 18.55 ? 108 VAL A CA  1 
ATOM   795  C  C   . VAL A 1 108 ? -7.292  4.656   -5.157  1.00 19.19 ? 108 VAL A C   1 
ATOM   796  O  O   . VAL A 1 108 ? -7.165  5.227   -4.073  1.00 18.38 ? 108 VAL A O   1 
ATOM   797  C  CB  . VAL A 1 108 ? -8.694  2.574   -5.437  1.00 18.35 ? 108 VAL A CB  1 
ATOM   798  C  CG1 . VAL A 1 108 ? -8.129  2.156   -4.089  1.00 18.07 ? 108 VAL A CG1 1 
ATOM   799  C  CG2 . VAL A 1 108 ? -10.125 2.070   -5.599  1.00 18.38 ? 108 VAL A CG2 1 
ATOM   800  N  N   . MET A 1 109 ? -6.280  4.495   -6.000  1.00 20.39 ? 109 MET A N   1 
ATOM   801  C  CA  . MET A 1 109 ? -4.970  5.076   -5.714  1.00 21.93 ? 109 MET A CA  1 
ATOM   802  C  C   . MET A 1 109 ? -5.085  6.561   -5.385  1.00 21.85 ? 109 MET A C   1 
ATOM   803  O  O   . MET A 1 109 ? -4.471  7.044   -4.433  1.00 23.08 ? 109 MET A O   1 
ATOM   804  C  CB  . MET A 1 109 ? -4.033  4.883   -6.902  1.00 22.42 ? 109 MET A CB  1 
ATOM   805  C  CG  . MET A 1 109 ? -3.619  3.441   -7.107  1.00 23.79 ? 109 MET A CG  1 
ATOM   806  S  SD  . MET A 1 109 ? -2.768  2.759   -5.669  1.00 24.71 ? 109 MET A SD  1 
ATOM   807  C  CE  . MET A 1 109 ? -2.375  1.109   -6.295  1.00 24.09 ? 109 MET A CE  1 
ATOM   808  N  N   . THR A 1 110 ? -5.876  7.283   -6.173  1.00 21.39 ? 110 THR A N   1 
ATOM   809  C  CA  . THR A 1 110 ? -6.118  8.700   -5.922  1.00 21.27 ? 110 THR A CA  1 
ATOM   810  C  C   . THR A 1 110 ? -6.780  8.890   -4.564  1.00 20.95 ? 110 THR A C   1 
ATOM   811  O  O   . THR A 1 110 ? -6.415  9.782   -3.801  1.00 20.75 ? 110 THR A O   1 
ATOM   812  C  CB  . THR A 1 110 ? -7.006  9.303   -7.032  1.00 21.12 ? 110 THR A CB  1 
ATOM   813  O  OG1 . THR A 1 110 ? -6.368  9.146   -8.306  1.00 21.32 ? 110 THR A OG1 1 
ATOM   814  C  CG2 . THR A 1 110 ? -7.145  10.815  -6.868  1.00 20.78 ? 110 THR A CG2 1 
ATOM   815  N  N   . ASN A 1 111 ? -7.759  8.048   -4.269  1.00 21.41 ? 111 ASN A N   1 
ATOM   816  C  CA  . ASN A 1 111 ? -8.434  8.103   -2.983  1.00 22.37 ? 111 ASN A CA  1 
ATOM   817  C  C   . ASN A 1 111 ? -7.456  7.906   -1.832  1.00 22.58 ? 111 ASN A C   1 
ATOM   818  O  O   . ASN A 1 111 ? -7.592  8.536   -0.785  1.00 21.80 ? 111 ASN A O   1 
ATOM   819  C  CB  . ASN A 1 111 ? -9.536  7.052   -2.921  1.00 23.48 ? 111 ASN A CB  1 
ATOM   820  C  CG  . ASN A 1 111 ? -10.799 7.487   -3.641  1.00 24.05 ? 111 ASN A CG  1 
ATOM   821  O  OD1 . ASN A 1 111 ? -10.798 8.459   -4.405  1.00 23.30 ? 111 ASN A OD1 1 
ATOM   822  N  ND2 . ASN A 1 111 ? -11.886 6.765   -3.402  1.00 24.64 ? 111 ASN A ND2 1 
ATOM   823  N  N   . LEU A 1 112 ? -6.469  7.036   -2.031  1.00 23.42 ? 112 LEU A N   1 
ATOM   824  C  CA  . LEU A 1 112 ? -5.509  6.717   -0.978  1.00 24.58 ? 112 LEU A CA  1 
ATOM   825  C  C   . LEU A 1 112 ? -4.471  7.822   -0.816  1.00 25.38 ? 112 LEU A C   1 
ATOM   826  O  O   . LEU A 1 112 ? -3.845  7.945   0.238   1.00 25.82 ? 112 LEU A O   1 
ATOM   827  C  CB  . LEU A 1 112 ? -4.819  5.381   -1.266  1.00 24.71 ? 112 LEU A CB  1 
ATOM   828  C  CG  . LEU A 1 112 ? -5.753  4.178   -1.424  1.00 25.29 ? 112 LEU A CG  1 
ATOM   829  C  CD1 . LEU A 1 112 ? -4.975  2.936   -1.845  1.00 25.59 ? 112 LEU A CD1 1 
ATOM   830  C  CD2 . LEU A 1 112 ? -6.537  3.918   -0.142  1.00 24.77 ? 112 LEU A CD2 1 
ATOM   831  N  N   . GLY A 1 113 ? -4.298  8.626   -1.862  1.00 25.89 ? 113 GLY A N   1 
ATOM   832  C  CA  . GLY A 1 113 ? -3.416  9.780   -1.809  1.00 26.19 ? 113 GLY A CA  1 
ATOM   833  C  C   . GLY A 1 113 ? -2.359  9.761   -2.897  1.00 26.86 ? 113 GLY A C   1 
ATOM   834  O  O   . GLY A 1 113 ? -1.610  10.719  -3.064  1.00 27.39 ? 113 GLY A O   1 
ATOM   835  N  N   . GLU A 1 114 ? -2.295  8.661   -3.638  1.00 28.06 ? 114 GLU A N   1 
ATOM   836  C  CA  . GLU A 1 114 ? -1.359  8.529   -4.745  1.00 29.12 ? 114 GLU A CA  1 
ATOM   837  C  C   . GLU A 1 114 ? -1.947  9.120   -6.023  1.00 28.96 ? 114 GLU A C   1 
ATOM   838  O  O   . GLU A 1 114 ? -3.088  8.836   -6.372  1.00 30.35 ? 114 GLU A O   1 
ATOM   839  C  CB  . GLU A 1 114 ? -1.033  7.052   -4.969  1.00 30.16 ? 114 GLU A CB  1 
ATOM   840  C  CG  . GLU A 1 114 ? 0.071   6.808   -5.984  1.00 30.68 ? 114 GLU A CG  1 
ATOM   841  C  CD  . GLU A 1 114 ? 1.425   6.602   -5.333  1.00 30.57 ? 114 GLU A CD  1 
ATOM   842  O  OE1 . GLU A 1 114 ? 2.449   6.732   -6.042  1.00 31.36 ? 114 GLU A OE1 1 
ATOM   843  O  OE2 . GLU A 1 114 ? 1.459   6.317   -4.116  1.00 28.80 ? 114 GLU A OE2 1 
ATOM   844  N  N   . LYS A 1 115 ? -1.165  9.933   -6.723  1.00 28.80 ? 115 LYS A N   1 
ATOM   845  C  CA  . LYS A 1 115 ? -1.607  10.507  -7.991  1.00 28.65 ? 115 LYS A CA  1 
ATOM   846  C  C   . LYS A 1 115 ? -0.823  9.896   -9.148  1.00 27.67 ? 115 LYS A C   1 
ATOM   847  O  O   . LYS A 1 115 ? 0.380   10.118  -9.279  1.00 27.48 ? 115 LYS A O   1 
ATOM   848  C  CB  . LYS A 1 115 ? -1.433  12.028  -7.983  1.00 29.07 ? 115 LYS A CB  1 
ATOM   849  N  N   . LEU A 1 116 ? -1.508  9.119   -9.982  1.00 26.39 ? 116 LEU A N   1 
ATOM   850  C  CA  . LEU A 1 116 ? -0.843  8.388   -11.054 1.00 24.86 ? 116 LEU A CA  1 
ATOM   851  C  C   . LEU A 1 116 ? -1.148  9.008   -12.411 1.00 22.94 ? 116 LEU A C   1 
ATOM   852  O  O   . LEU A 1 116 ? -2.289  9.386   -12.682 1.00 23.18 ? 116 LEU A O   1 
ATOM   853  C  CB  . LEU A 1 116 ? -1.280  6.920   -11.047 1.00 24.52 ? 116 LEU A CB  1 
ATOM   854  C  CG  . LEU A 1 116 ? -0.908  6.113   -9.802  1.00 24.66 ? 116 LEU A CG  1 
ATOM   855  C  CD1 . LEU A 1 116 ? -1.742  4.846   -9.728  1.00 24.75 ? 116 LEU A CD1 1 
ATOM   856  C  CD2 . LEU A 1 116 ? 0.576   5.780   -9.789  1.00 24.48 ? 116 LEU A CD2 1 
ATOM   857  N  N   . THR A 1 117 ? -0.124  9.109   -13.255 1.00 20.24 ? 117 THR A N   1 
ATOM   858  C  CA  . THR A 1 117 ? -0.318  9.438   -14.662 1.00 18.23 ? 117 THR A CA  1 
ATOM   859  C  C   . THR A 1 117 ? -0.965  8.266   -15.381 1.00 16.97 ? 117 THR A C   1 
ATOM   860  O  O   . THR A 1 117 ? -0.944  7.138   -14.886 1.00 15.94 ? 117 THR A O   1 
ATOM   861  C  CB  . THR A 1 117 ? 1.027   9.767   -15.345 1.00 18.26 ? 117 THR A CB  1 
ATOM   862  O  OG1 . THR A 1 117 ? 1.854   8.595   -15.396 1.00 17.54 ? 117 THR A OG1 1 
ATOM   863  C  CG2 . THR A 1 117 ? 1.842   10.770  -14.530 1.00 18.20 ? 117 THR A CG2 1 
ATOM   864  N  N   . ASP A 1 118 ? -1.531  8.532   -16.553 1.00 16.27 ? 118 ASP A N   1 
ATOM   865  C  CA  . ASP A 1 118 ? -2.114  7.477   -17.379 1.00 15.97 ? 118 ASP A CA  1 
ATOM   866  C  C   . ASP A 1 118 ? -1.085  6.397   -17.691 1.00 16.03 ? 118 ASP A C   1 
ATOM   867  O  O   . ASP A 1 118 ? -1.400  5.208   -17.667 1.00 16.92 ? 118 ASP A O   1 
ATOM   868  C  CB  . ASP A 1 118 ? -2.657  8.042   -18.690 1.00 14.92 ? 118 ASP A CB  1 
ATOM   869  C  CG  . ASP A 1 118 ? -3.658  9.159   -18.483 1.00 14.28 ? 118 ASP A CG  1 
ATOM   870  O  OD1 . ASP A 1 118 ? -4.307  9.195   -17.415 1.00 11.23 ? 118 ASP A OD1 1 
ATOM   871  O  OD2 . ASP A 1 118 ? -3.856  10.044  -19.346 1.00 12.04 ? 118 ASP A OD2 1 
ATOM   872  N  N   . GLU A 1 119 ? 0.142   6.816   -17.988 1.00 16.69 ? 119 GLU A N   1 
ATOM   873  C  CA  . GLU A 1 119 ? 1.212   5.880   -18.314 1.00 16.96 ? 119 GLU A CA  1 
ATOM   874  C  C   . GLU A 1 119 ? 1.481   4.935   -17.146 1.00 16.99 ? 119 GLU A C   1 
ATOM   875  O  O   . GLU A 1 119 ? 1.664   3.733   -17.343 1.00 17.53 ? 119 GLU A O   1 
ATOM   876  C  CB  . GLU A 1 119 ? 2.491   6.630   -18.693 1.00 16.75 ? 119 GLU A CB  1 
ATOM   877  N  N   . GLU A 1 120 ? 1.487   5.483   -15.934 1.00 17.30 ? 120 GLU A N   1 
ATOM   878  C  CA  . GLU A 1 120 ? 1.754   4.700   -14.728 1.00 17.55 ? 120 GLU A CA  1 
ATOM   879  C  C   . GLU A 1 120 ? 0.644   3.688   -14.458 1.00 16.96 ? 120 GLU A C   1 
ATOM   880  O  O   . GLU A 1 120 ? 0.908   2.532   -14.127 1.00 15.11 ? 120 GLU A O   1 
ATOM   881  C  CB  . GLU A 1 120 ? 1.925   5.625   -13.518 1.00 18.19 ? 120 GLU A CB  1 
ATOM   882  C  CG  . GLU A 1 120 ? 3.349   6.130   -13.324 1.00 19.25 ? 120 GLU A CG  1 
ATOM   883  C  CD  . GLU A 1 120 ? 3.427   7.408   -12.503 1.00 19.84 ? 120 GLU A CD  1 
ATOM   884  O  OE1 . GLU A 1 120 ? 2.420   7.783   -11.865 1.00 20.37 ? 120 GLU A OE1 1 
ATOM   885  O  OE2 . GLU A 1 120 ? 4.501   8.044   -12.496 1.00 20.49 ? 120 GLU A OE2 1 
ATOM   886  N  N   . VAL A 1 121 ? -0.603  4.124   -14.593 1.00 17.15 ? 121 VAL A N   1 
ATOM   887  C  CA  . VAL A 1 121 ? -1.730  3.217   -14.457 1.00 18.06 ? 121 VAL A CA  1 
ATOM   888  C  C   . VAL A 1 121 ? -1.633  2.139   -15.535 1.00 18.19 ? 121 VAL A C   1 
ATOM   889  O  O   . VAL A 1 121 ? -1.735  0.952   -15.245 1.00 18.47 ? 121 VAL A O   1 
ATOM   890  C  CB  . VAL A 1 121 ? -3.076  3.959   -14.583 1.00 18.19 ? 121 VAL A CB  1 
ATOM   891  C  CG1 . VAL A 1 121 ? -4.231  2.979   -14.481 1.00 18.64 ? 121 VAL A CG1 1 
ATOM   892  C  CG2 . VAL A 1 121 ? -3.194  5.030   -13.513 1.00 18.45 ? 121 VAL A CG2 1 
ATOM   893  N  N   . ASP A 1 122 ? -1.429  2.563   -16.777 1.00 17.53 ? 122 ASP A N   1 
ATOM   894  C  CA  . ASP A 1 122 ? -1.236  1.626   -17.876 1.00 18.55 ? 122 ASP A CA  1 
ATOM   895  C  C   . ASP A 1 122 ? -0.187  0.581   -17.492 1.00 17.85 ? 122 ASP A C   1 
ATOM   896  O  O   . ASP A 1 122 ? -0.463  -0.614  -17.507 1.00 18.67 ? 122 ASP A O   1 
ATOM   897  C  CB  . ASP A 1 122 ? -0.794  2.357   -19.151 1.00 18.83 ? 122 ASP A CB  1 
ATOM   898  C  CG  . ASP A 1 122 ? -1.884  3.247   -19.736 1.00 19.67 ? 122 ASP A CG  1 
ATOM   899  O  OD1 . ASP A 1 122 ? -3.042  3.154   -19.286 1.00 19.54 ? 122 ASP A OD1 1 
ATOM   900  O  OD2 . ASP A 1 122 ? -1.668  4.073   -20.656 1.00 21.51 ? 122 ASP A OD2 1 
ATOM   901  N  N   . GLU A 1 123 ? 1.011   1.041   -17.141 1.00 18.10 ? 123 GLU A N   1 
ATOM   902  C  CA  . GLU A 1 123 ? 2.135   0.145   -16.869 1.00 18.15 ? 123 GLU A CA  1 
ATOM   903  C  C   . GLU A 1 123 ? 1.831   -0.783  -15.706 1.00 18.27 ? 123 GLU A C   1 
ATOM   904  O  O   . GLU A 1 123 ? 2.081   -1.986  -15.782 1.00 17.43 ? 123 GLU A O   1 
ATOM   905  C  CB  . GLU A 1 123 ? 3.404   0.944   -16.569 1.00 18.84 ? 123 GLU A CB  1 
ATOM   906  N  N   . MET A 1 124 ? 1.295   -0.214  -14.632 1.00 18.15 ? 124 MET A N   1 
ATOM   907  C  CA  . MET A 1 124 ? 0.893   -0.989  -13.466 1.00 20.11 ? 124 MET A CA  1 
ATOM   908  C  C   . MET A 1 124 ? 0.010   -2.163  -13.885 1.00 19.11 ? 124 MET A C   1 
ATOM   909  O  O   . MET A 1 124 ? 0.272   -3.311  -13.527 1.00 16.88 ? 124 MET A O   1 
ATOM   910  C  CB  . MET A 1 124 ? 0.140   -0.095  -12.479 1.00 21.94 ? 124 MET A CB  1 
ATOM   911  C  CG  . MET A 1 124 ? 0.455   -0.362  -11.021 1.00 24.54 ? 124 MET A CG  1 
ATOM   912  S  SD  . MET A 1 124 ? 0.090   1.058   -9.951  1.00 26.92 ? 124 MET A SD  1 
ATOM   913  C  CE  . MET A 1 124 ? 0.813   2.380   -10.875 1.00 27.33 ? 124 MET A CE  1 
ATOM   914  N  N   . ILE A 1 125 ? -1.035  -1.860  -14.652 1.00 18.92 ? 125 ILE A N   1 
ATOM   915  C  CA  . ILE A 1 125 ? -1.934  -2.885  -15.171 1.00 20.52 ? 125 ILE A CA  1 
ATOM   916  C  C   . ILE A 1 125 ? -1.181  -3.917  -16.006 1.00 20.84 ? 125 ILE A C   1 
ATOM   917  O  O   . ILE A 1 125 ? -1.324  -5.118  -15.788 1.00 20.81 ? 125 ILE A O   1 
ATOM   918  C  CB  . ILE A 1 125 ? -3.042  -2.244  -16.028 1.00 21.87 ? 125 ILE A CB  1 
ATOM   919  C  CG1 . ILE A 1 125 ? -3.940  -1.349  -15.171 1.00 21.86 ? 125 ILE A CG1 1 
ATOM   920  C  CG2 . ILE A 1 125 ? -3.867  -3.324  -16.716 1.00 22.93 ? 125 ILE A CG2 1 
ATOM   921  C  CD1 . ILE A 1 125 ? -5.039  -2.095  -14.452 1.00 22.95 ? 125 ILE A CD1 1 
ATOM   922  N  N   . ARG A 1 126 ? -0.389  -3.446  -16.966 1.00 19.99 ? 126 ARG A N   1 
ATOM   923  C  CA  . ARG A 1 126 ? 0.306   -4.336  -17.893 1.00 21.48 ? 126 ARG A CA  1 
ATOM   924  C  C   . ARG A 1 126 ? 1.256   -5.294  -17.168 1.00 21.53 ? 126 ARG A C   1 
ATOM   925  O  O   . ARG A 1 126 ? 1.347   -6.470  -17.515 1.00 21.34 ? 126 ARG A O   1 
ATOM   926  C  CB  . ARG A 1 126 ? 1.087   -3.524  -18.933 1.00 21.54 ? 126 ARG A CB  1 
ATOM   927  N  N   . GLU A 1 127 ? 1.963   -4.785  -16.164 1.00 21.86 ? 127 GLU A N   1 
ATOM   928  C  CA  . GLU A 1 127 ? 2.899   -5.602  -15.405 1.00 21.59 ? 127 GLU A CA  1 
ATOM   929  C  C   . GLU A 1 127 ? 2.167   -6.609  -14.518 1.00 20.84 ? 127 GLU A C   1 
ATOM   930  O  O   . GLU A 1 127 ? 2.727   -7.636  -14.145 1.00 19.88 ? 127 GLU A O   1 
ATOM   931  C  CB  . GLU A 1 127 ? 3.821   -4.714  -14.561 1.00 22.97 ? 127 GLU A CB  1 
ATOM   932  C  CG  . GLU A 1 127 ? 4.966   -4.089  -15.351 1.00 24.43 ? 127 GLU A CG  1 
ATOM   933  C  CD  . GLU A 1 127 ? 5.811   -3.137  -14.519 1.00 25.59 ? 127 GLU A CD  1 
ATOM   934  O  OE1 . GLU A 1 127 ? 5.843   -3.294  -13.278 1.00 26.29 ? 127 GLU A OE1 1 
ATOM   935  O  OE2 . GLU A 1 127 ? 6.441   -2.227  -15.105 1.00 26.29 ? 127 GLU A OE2 1 
ATOM   936  N  N   . ALA A 1 128 ? 0.912   -6.322  -14.185 1.00 21.41 ? 128 ALA A N   1 
ATOM   937  C  CA  . ALA A 1 128 ? 0.131   -7.224  -13.336 1.00 20.94 ? 128 ALA A CA  1 
ATOM   938  C  C   . ALA A 1 128 ? -0.664  -8.227  -14.161 1.00 19.98 ? 128 ALA A C   1 
ATOM   939  O  O   . ALA A 1 128 ? -0.989  -9.312  -13.689 1.00 20.59 ? 128 ALA A O   1 
ATOM   940  C  CB  . ALA A 1 128 ? -0.801  -6.430  -12.441 1.00 21.17 ? 128 ALA A CB  1 
ATOM   941  N  N   . ASP A 1 129 ? -0.965  -7.861  -15.402 1.00 20.28 ? 129 ASP A N   1 
ATOM   942  C  CA  . ASP A 1 129 ? -1.952  -8.577  -16.201 1.00 19.71 ? 129 ASP A CA  1 
ATOM   943  C  C   . ASP A 1 129 ? -1.366  -9.815  -16.867 1.00 19.90 ? 129 ASP A C   1 
ATOM   944  O  O   . ASP A 1 129 ? -0.830  -9.740  -17.966 1.00 22.00 ? 129 ASP A O   1 
ATOM   945  C  CB  . ASP A 1 129 ? -2.527  -7.641  -17.264 1.00 19.62 ? 129 ASP A CB  1 
ATOM   946  C  CG  . ASP A 1 129 ? -3.731  -8.226  -17.971 1.00 19.55 ? 129 ASP A CG  1 
ATOM   947  O  OD1 . ASP A 1 129 ? -4.290  -9.250  -17.492 1.00 19.38 ? 129 ASP A OD1 1 
ATOM   948  O  OD2 . ASP A 1 129 ? -4.185  -7.721  -19.018 1.00 16.99 ? 129 ASP A OD2 1 
ATOM   949  N  N   . ILE A 1 130 ? -1.489  -10.956 -16.198 1.00 20.42 ? 130 ILE A N   1 
ATOM   950  C  CA  . ILE A 1 130 ? -0.946  -12.214 -16.698 1.00 19.99 ? 130 ILE A CA  1 
ATOM   951  C  C   . ILE A 1 130 ? -1.681  -12.725 -17.937 1.00 18.91 ? 130 ILE A C   1 
ATOM   952  O  O   . ILE A 1 130 ? -1.047  -13.118 -18.913 1.00 19.21 ? 130 ILE A O   1 
ATOM   953  C  CB  . ILE A 1 130 ? -0.976  -13.285 -15.587 1.00 20.71 ? 130 ILE A CB  1 
ATOM   954  C  CG1 . ILE A 1 130 ? 0.059   -12.959 -14.509 1.00 21.25 ? 130 ILE A CG1 1 
ATOM   955  C  CG2 . ILE A 1 130 ? -0.716  -14.666 -16.166 1.00 20.98 ? 130 ILE A CG2 1 
ATOM   956  N  N   . ASP A 1 131 ? -3.012  -12.726 -17.906 1.00 17.98 ? 131 ASP A N   1 
ATOM   957  C  CA  . ASP A 1 131 ? -3.785  -13.365 -18.971 1.00 17.69 ? 131 ASP A CA  1 
ATOM   958  C  C   . ASP A 1 131 ? -4.241  -12.390 -20.065 1.00 17.15 ? 131 ASP A C   1 
ATOM   959  O  O   . ASP A 1 131 ? -4.848  -12.799 -21.055 1.00 16.69 ? 131 ASP A O   1 
ATOM   960  C  CB  . ASP A 1 131 ? -4.988  -14.115 -18.392 1.00 18.17 ? 131 ASP A CB  1 
ATOM   961  C  CG  . ASP A 1 131 ? -5.981  -13.193 -17.723 1.00 18.19 ? 131 ASP A CG  1 
ATOM   962  O  OD1 . ASP A 1 131 ? -5.823  -11.959 -17.845 1.00 19.31 ? 131 ASP A OD1 1 
ATOM   963  O  OD2 . ASP A 1 131 ? -6.950  -13.615 -17.058 1.00 17.49 ? 131 ASP A OD2 1 
ATOM   964  N  N   . GLY A 1 132 ? -3.948  -11.106 -19.886 1.00 17.22 ? 132 GLY A N   1 
ATOM   965  C  CA  . GLY A 1 132 ? -4.021  -10.148 -20.977 1.00 16.67 ? 132 GLY A CA  1 
ATOM   966  C  C   . GLY A 1 132 ? -5.411  -9.627  -21.304 1.00 15.54 ? 132 GLY A C   1 
ATOM   967  O  O   . GLY A 1 132 ? -5.688  -9.290  -22.453 1.00 15.26 ? 132 GLY A O   1 
ATOM   968  N  N   . ASP A 1 133 ? -6.290  -9.550  -20.311 1.00 14.21 ? 133 ASP A N   1 
ATOM   969  C  CA  . ASP A 1 133 ? -7.615  -8.974  -20.541 1.00 14.21 ? 133 ASP A CA  1 
ATOM   970  C  C   . ASP A 1 133 ? -7.666  -7.492  -20.149 1.00 13.27 ? 133 ASP A C   1 
ATOM   971  O  O   . ASP A 1 133 ? -8.721  -6.871  -20.198 1.00 12.93 ? 133 ASP A O   1 
ATOM   972  C  CB  . ASP A 1 133 ? -8.700  -9.767  -19.799 1.00 14.20 ? 133 ASP A CB  1 
ATOM   973  C  CG  . ASP A 1 133 ? -8.538  -9.720  -18.294 1.00 14.12 ? 133 ASP A CG  1 
ATOM   974  O  OD1 . ASP A 1 133 ? -7.516  -9.179  -17.818 1.00 14.70 ? 133 ASP A OD1 1 
ATOM   975  O  OD2 . ASP A 1 133 ? -9.380  -10.200 -17.510 1.00 13.45 ? 133 ASP A OD2 1 
ATOM   976  N  N   . GLY A 1 134 ? -6.517  -6.937  -19.773 1.00 12.42 ? 134 GLY A N   1 
ATOM   977  C  CA  . GLY A 1 134 ? -6.425  -5.531  -19.418 1.00 13.09 ? 134 GLY A CA  1 
ATOM   978  C  C   . GLY A 1 134 ? -6.965  -5.241  -18.031 1.00 13.57 ? 134 GLY A C   1 
ATOM   979  O  O   . GLY A 1 134 ? -7.082  -4.084  -17.628 1.00 13.27 ? 134 GLY A O   1 
ATOM   980  N  N   . GLN A 1 135 ? -7.287  -6.303  -17.298 1.00 15.21 ? 135 GLN A N   1 
ATOM   981  C  CA  . GLN A 1 135 ? -7.875  -6.183  -15.973 1.00 16.77 ? 135 GLN A CA  1 
ATOM   982  C  C   . GLN A 1 135 ? -7.079  -7.006  -14.969 1.00 15.54 ? 135 GLN A C   1 
ATOM   983  O  O   . GLN A 1 135 ? -6.342  -7.910  -15.349 1.00 16.65 ? 135 GLN A O   1 
ATOM   984  C  CB  . GLN A 1 135 ? -9.315  -6.689  -15.995 1.00 19.43 ? 135 GLN A CB  1 
ATOM   985  C  CG  . GLN A 1 135 ? -10.275 -5.805  -16.754 1.00 22.25 ? 135 GLN A CG  1 
ATOM   986  C  CD  . GLN A 1 135 ? -11.652 -6.437  -16.895 1.00 24.51 ? 135 GLN A CD  1 
ATOM   987  O  OE1 . GLN A 1 135 ? -11.849 -7.610  -16.554 1.00 24.41 ? 135 GLN A OE1 1 
ATOM   988  N  NE2 . GLN A 1 135 ? -12.606 -5.665  -17.409 1.00 26.92 ? 135 GLN A NE2 1 
ATOM   989  N  N   . VAL A 1 136 ? -7.246  -6.704  -13.685 1.00 15.64 ? 136 VAL A N   1 
ATOM   990  C  CA  . VAL A 1 136 ? -6.531  -7.421  -12.636 1.00 14.89 ? 136 VAL A CA  1 
ATOM   991  C  C   . VAL A 1 136 ? -7.477  -8.270  -11.795 1.00 14.12 ? 136 VAL A C   1 
ATOM   992  O  O   . VAL A 1 136 ? -8.255  -7.747  -11.003 1.00 13.85 ? 136 VAL A O   1 
ATOM   993  C  CB  . VAL A 1 136 ? -5.764  -6.449  -11.726 1.00 15.12 ? 136 VAL A CB  1 
ATOM   994  C  CG1 . VAL A 1 136 ? -5.046  -7.200  -10.605 1.00 14.46 ? 136 VAL A CG1 1 
ATOM   995  C  CG2 . VAL A 1 136 ? -4.770  -5.639  -12.552 1.00 15.44 ? 136 VAL A CG2 1 
ATOM   996  N  N   . ASN A 1 137 ? -7.408  -9.585  -11.972 1.00 13.98 ? 137 ASN A N   1 
ATOM   997  C  CA  . ASN A 1 137 ? -8.188  -10.499 -11.141 1.00 13.18 ? 137 ASN A CA  1 
ATOM   998  C  C   . ASN A 1 137 ? -7.498  -10.718 -9.798  1.00 13.48 ? 137 ASN A C   1 
ATOM   999  O  O   . ASN A 1 137 ? -6.416  -10.176 -9.553  1.00 12.00 ? 137 ASN A O   1 
ATOM   1000 C  CB  . ASN A 1 137 ? -8.414  -11.830 -11.862 1.00 13.23 ? 137 ASN A CB  1 
ATOM   1001 C  CG  . ASN A 1 137 ? -7.139  -12.636 -12.022 1.00 13.84 ? 137 ASN A CG  1 
ATOM   1002 O  OD1 . ASN A 1 137 ? -6.203  -12.503 -11.237 1.00 14.42 ? 137 ASN A OD1 1 
ATOM   1003 N  ND2 . ASN A 1 137 ? -7.098  -13.478 -13.048 1.00 13.93 ? 137 ASN A ND2 1 
ATOM   1004 N  N   . TYR A 1 138 ? -8.117  -11.509 -8.925  1.00 12.99 ? 138 TYR A N   1 
ATOM   1005 C  CA  . TYR A 1 138 ? -7.613  -11.642 -7.561  1.00 13.41 ? 138 TYR A CA  1 
ATOM   1006 C  C   . TYR A 1 138 ? -6.184  -12.175 -7.526  1.00 13.54 ? 138 TYR A C   1 
ATOM   1007 O  O   . TYR A 1 138 ? -5.324  -11.604 -6.859  1.00 12.96 ? 138 TYR A O   1 
ATOM   1008 C  CB  . TYR A 1 138 ? -8.516  -12.540 -6.716  1.00 13.42 ? 138 TYR A CB  1 
ATOM   1009 C  CG  . TYR A 1 138 ? -7.974  -12.736 -5.319  1.00 13.50 ? 138 TYR A CG  1 
ATOM   1010 C  CD1 . TYR A 1 138 ? -8.066  -11.724 -4.372  1.00 13.11 ? 138 TYR A CD1 1 
ATOM   1011 C  CD2 . TYR A 1 138 ? -7.342  -13.919 -4.956  1.00 12.15 ? 138 TYR A CD2 1 
ATOM   1012 C  CE1 . TYR A 1 138 ? -7.562  -11.889 -3.098  1.00 12.76 ? 138 TYR A CE1 1 
ATOM   1013 C  CE2 . TYR A 1 138 ? -6.829  -14.089 -3.683  1.00 12.78 ? 138 TYR A CE2 1 
ATOM   1014 C  CZ  . TYR A 1 138 ? -6.944  -13.072 -2.760  1.00 12.42 ? 138 TYR A CZ  1 
ATOM   1015 O  OH  . TYR A 1 138 ? -6.438  -13.233 -1.495  1.00 12.37 ? 138 TYR A OH  1 
ATOM   1016 N  N   . GLU A 1 139 ? -5.929  -13.263 -8.250  1.00 13.78 ? 139 GLU A N   1 
ATOM   1017 C  CA  . GLU A 1 139 ? -4.619  -13.907 -8.225  1.00 14.12 ? 139 GLU A CA  1 
ATOM   1018 C  C   . GLU A 1 139 ? -3.539  -12.969 -8.752  1.00 14.37 ? 139 GLU A C   1 
ATOM   1019 O  O   . GLU A 1 139 ? -2.414  -12.958 -8.254  1.00 14.78 ? 139 GLU A O   1 
ATOM   1020 C  CB  . GLU A 1 139 ? -4.636  -15.201 -9.044  1.00 14.19 ? 139 GLU A CB  1 
ATOM   1021 N  N   . GLU A 1 140 ? -3.887  -12.179 -9.759  1.00 13.84 ? 140 GLU A N   1 
ATOM   1022 C  CA  . GLU A 1 140 ? -2.979  -11.162 -10.273 1.00 12.76 ? 140 GLU A CA  1 
ATOM   1023 C  C   . GLU A 1 140 ? -2.737  -10.089 -9.221  1.00 12.28 ? 140 GLU A C   1 
ATOM   1024 O  O   . GLU A 1 140 ? -1.621  -9.600  -9.066  1.00 12.29 ? 140 GLU A O   1 
ATOM   1025 C  CB  . GLU A 1 140 ? -3.554  -10.538 -11.543 1.00 12.12 ? 140 GLU A CB  1 
ATOM   1026 C  CG  . GLU A 1 140 ? -3.530  -11.474 -12.741 1.00 12.75 ? 140 GLU A CG  1 
ATOM   1027 C  CD  . GLU A 1 140 ? -4.333  -10.954 -13.911 1.00 12.97 ? 140 GLU A CD  1 
ATOM   1028 O  OE1 . GLU A 1 140 ? -5.090  -9.982  -13.727 1.00 14.07 ? 140 GLU A OE1 1 
ATOM   1029 O  OE2 . GLU A 1 140 ? -4.204  -11.510 -15.020 1.00 14.35 ? 140 GLU A OE2 1 
ATOM   1030 N  N   . PHE A 1 141 ? -3.791  -9.726  -8.497  1.00 12.04 ? 141 PHE A N   1 
ATOM   1031 C  CA  . PHE A 1 141 ? -3.687  -8.711  -7.457  1.00 12.13 ? 141 PHE A CA  1 
ATOM   1032 C  C   . PHE A 1 141 ? -2.734  -9.163  -6.361  1.00 12.43 ? 141 PHE A C   1 
ATOM   1033 O  O   . PHE A 1 141 ? -1.902  -8.387  -5.890  1.00 11.78 ? 141 PHE A O   1 
ATOM   1034 C  CB  . PHE A 1 141 ? -5.063  -8.421  -6.860  1.00 12.37 ? 141 PHE A CB  1 
ATOM   1035 C  CG  . PHE A 1 141 ? -5.074  -7.280  -5.886  1.00 11.89 ? 141 PHE A CG  1 
ATOM   1036 C  CD1 . PHE A 1 141 ? -4.848  -5.980  -6.315  1.00 11.96 ? 141 PHE A CD1 1 
ATOM   1037 C  CD2 . PHE A 1 141 ? -5.307  -7.507  -4.540  1.00 11.09 ? 141 PHE A CD2 1 
ATOM   1038 C  CE1 . PHE A 1 141 ? -4.862  -4.927  -5.417  1.00 11.38 ? 141 PHE A CE1 1 
ATOM   1039 C  CE2 . PHE A 1 141 ? -5.325  -6.456  -3.640  1.00 11.26 ? 141 PHE A CE2 1 
ATOM   1040 C  CZ  . PHE A 1 141 ? -5.101  -5.169  -4.078  1.00 10.49 ? 141 PHE A CZ  1 
ATOM   1041 N  N   . VAL A 1 142 ? -2.863  -10.425 -5.963  1.00 13.19 ? 142 VAL A N   1 
ATOM   1042 C  CA  . VAL A 1 142 ? -1.978  -11.018 -4.974  1.00 14.06 ? 142 VAL A CA  1 
ATOM   1043 C  C   . VAL A 1 142 ? -0.519  -10.839 -5.367  1.00 14.94 ? 142 VAL A C   1 
ATOM   1044 O  O   . VAL A 1 142 ? 0.294   -10.391 -4.562  1.00 15.40 ? 142 VAL A O   1 
ATOM   1045 C  CB  . VAL A 1 142 ? -2.246  -12.523 -4.804  1.00 13.84 ? 142 VAL A CB  1 
ATOM   1046 C  CG1 . VAL A 1 142 ? -1.122  -13.176 -4.015  1.00 14.06 ? 142 VAL A CG1 1 
ATOM   1047 C  CG2 . VAL A 1 142 ? -3.575  -12.747 -4.116  1.00 15.09 ? 142 VAL A CG2 1 
ATOM   1048 N  N   . GLN A 1 143 ? -0.186  -11.207 -6.599  1.00 16.05 ? 143 GLN A N   1 
ATOM   1049 C  CA  . GLN A 1 143 ? 1.191   -11.117 -7.065  1.00 17.95 ? 143 GLN A CA  1 
ATOM   1050 C  C   . GLN A 1 143 ? 1.650   -9.666  -7.081  1.00 17.17 ? 143 GLN A C   1 
ATOM   1051 O  O   . GLN A 1 143 ? 2.789   -9.364  -6.751  1.00 14.21 ? 143 GLN A O   1 
ATOM   1052 C  CB  . GLN A 1 143 ? 1.328   -11.728 -8.462  1.00 20.35 ? 143 GLN A CB  1 
ATOM   1053 C  CG  . GLN A 1 143 ? 1.066   -13.229 -8.509  1.00 22.39 ? 143 GLN A CG  1 
ATOM   1054 C  CD  . GLN A 1 143 ? 1.981   -14.015 -7.585  1.00 23.37 ? 143 GLN A CD  1 
ATOM   1055 O  OE1 . GLN A 1 143 ? 3.162   -14.197 -7.886  1.00 25.81 ? 143 GLN A OE1 1 
ATOM   1056 N  NE2 . GLN A 1 143 ? 1.442   -14.482 -6.463  1.00 23.73 ? 143 GLN A NE2 1 
ATOM   1057 N  N   . MET A 1 144 ? 0.742   -8.773  -7.458  1.00 19.12 ? 144 MET A N   1 
ATOM   1058 C  CA  . MET A 1 144 ? 1.038   -7.348  -7.561  1.00 20.23 ? 144 MET A CA  1 
ATOM   1059 C  C   . MET A 1 144 ? 1.330   -6.734  -6.191  1.00 20.44 ? 144 MET A C   1 
ATOM   1060 O  O   . MET A 1 144 ? 2.159   -5.832  -6.069  1.00 19.38 ? 144 MET A O   1 
ATOM   1061 C  CB  . MET A 1 144 ? -0.148  -6.628  -8.211  1.00 21.60 ? 144 MET A CB  1 
ATOM   1062 C  CG  . MET A 1 144 ? -0.036  -5.112  -8.235  1.00 23.44 ? 144 MET A CG  1 
ATOM   1063 S  SD  . MET A 1 144 ? -1.528  -4.317  -8.884  1.00 24.91 ? 144 MET A SD  1 
ATOM   1064 C  CE  . MET A 1 144 ? -1.935  -3.232  -7.536  1.00 26.08 ? 144 MET A CE  1 
ATOM   1065 N  N   . MET A 1 145 ? 0.648   -7.229  -5.164  1.00 20.82 ? 145 MET A N   1 
ATOM   1066 C  CA  . MET A 1 145 ? 0.764   -6.657  -3.828  1.00 21.28 ? 145 MET A CA  1 
ATOM   1067 C  C   . MET A 1 145 ? 1.915   -7.294  -3.052  1.00 21.74 ? 145 MET A C   1 
ATOM   1068 O  O   . MET A 1 145 ? 2.441   -6.698  -2.117  1.00 20.43 ? 145 MET A O   1 
ATOM   1069 C  CB  . MET A 1 145 ? -0.551  -6.828  -3.056  1.00 22.38 ? 145 MET A CB  1 
ATOM   1070 C  CG  . MET A 1 145 ? -1.649  -5.842  -3.453  1.00 23.08 ? 145 MET A CG  1 
ATOM   1071 S  SD  . MET A 1 145 ? -1.092  -4.129  -3.457  1.00 25.16 ? 145 MET A SD  1 
ATOM   1072 C  CE  . MET A 1 145 ? -2.629  -3.241  -3.547  1.00 26.36 ? 145 MET A CE  1 
ATOM   1073 N  N   . THR A 1 146 ? 2.308   -8.502  -3.443  1.00 22.78 ? 146 THR A N   1 
ATOM   1074 C  CA  . THR A 1 146 ? 3.387   -9.206  -2.763  1.00 24.19 ? 146 THR A CA  1 
ATOM   1075 C  C   . THR A 1 146 ? 4.640   -9.257  -3.630  1.00 25.18 ? 146 THR A C   1 
ATOM   1076 O  O   . THR A 1 146 ? 5.592   -9.971  -3.316  1.00 25.13 ? 146 THR A O   1 
ATOM   1077 C  CB  . THR A 1 146 ? 2.949   -10.639 -2.389  1.00 24.43 ? 146 THR A CB  1 
ATOM   1078 O  OG1 . THR A 1 146 ? 2.686   -11.400 -3.575  1.00 24.13 ? 146 THR A OG1 1 
ATOM   1079 C  CG2 . THR A 1 146 ? 1.614   -10.630 -1.651  1.00 25.06 ? 146 THR A CG2 1 
ATOM   1080 N  N   . ALA A 1 147 ? 4.633   -8.495  -4.719  1.00 26.17 ? 147 ALA A N   1 
ATOM   1081 C  CA  . ALA A 1 147 ? 5.760   -8.462  -5.646  1.00 27.26 ? 147 ALA A CA  1 
ATOM   1082 C  C   . ALA A 1 147 ? 7.028   -7.979  -4.951  1.00 28.82 ? 147 ALA A C   1 
ATOM   1083 O  O   . ALA A 1 147 ? 6.964   -7.312  -3.917  1.00 28.70 ? 147 ALA A O   1 
ATOM   1084 C  CB  . ALA A 1 147 ? 5.440   -7.562  -6.837  1.00 26.93 ? 147 ALA A CB  1 
ATOM   1085 N  N   . LYS A 1 148 ? 8.173   -8.319  -5.537  1.00 30.88 ? 148 LYS A N   1 
ATOM   1086 C  CA  . LYS A 1 148 ? 9.479   -7.933  -5.003  1.00 32.03 ? 148 LYS A CA  1 
ATOM   1087 C  C   . LYS A 1 148 ? 9.919   -8.880  -3.891  1.00 31.86 ? 148 LYS A C   1 
ATOM   1088 O  O   . LYS A 1 148 ? 11.103  -8.952  -3.558  1.00 31.54 ? 148 LYS A O   1 
ATOM   1089 C  CB  . LYS A 1 148 ? 9.445   -6.497  -4.478  1.00 32.99 ? 148 LYS A CB  1 
ATOM   1090 C  CG  . LYS A 1 148 ? 9.179   -5.443  -5.544  1.00 33.56 ? 148 LYS A CG  1 
ATOM   1091 C  CD  . LYS A 1 148 ? 10.040  -4.209  -5.310  1.00 34.29 ? 148 LYS A CD  1 
ATOM   1092 C  CE  . LYS A 1 148 ? 9.695   -3.079  -6.268  1.00 34.37 ? 148 LYS A CE  1 
ATOM   1093 N  NZ  . LYS A 1 148 ? 10.914  -2.322  -6.670  1.00 34.90 ? 148 LYS A NZ  1 
HETATM 1094 CA CA  . CA  B 2 .   ? 2.963   11.969  11.234  1.00 36.65 ? 149 CA  A CA  1 
HETATM 1095 CA CA  . CA  C 2 .   ? -14.376 -4.220  -10.924 1.00 28.77 ? 151 CA  A CA  1 
HETATM 1096 CA CA  . CA  D 2 .   ? -5.904  -10.002 -16.162 1.00 31.60 ? 152 CA  A CA  1 
HETATM 1097 CA CA  . CA  E 2 .   ? 11.069  4.835   15.492  1.00 36.11 ? 150 CA  A CA  1 
HETATM 1098 O  O1  . KAR F 3 .   ? -1.056  1.186   1.191   1.00 34.02 ? 153 KAR A O1  1 
HETATM 1099 C  C11 . KAR F 3 .   ? -0.053  1.066   0.497   1.00 35.13 ? 153 KAR A C11 1 
HETATM 1100 O  O2  . KAR F 3 .   ? 0.505   2.119   -0.092  1.00 35.27 ? 153 KAR A O2  1 
HETATM 1101 C  C9  . KAR F 3 .   ? 0.236   3.303   0.669   1.00 39.43 ? 153 KAR A C9  1 
HETATM 1102 C  C10 . KAR F 3 .   ? 0.627   -0.320  0.276   1.00 34.12 ? 153 KAR A C10 1 
HETATM 1103 C  C12 . KAR F 3 .   ? 0.919   -0.551  -1.247  1.00 34.53 ? 153 KAR A C12 1 
HETATM 1104 C  C14 . KAR F 3 .   ? 2.164   -1.071  -1.614  1.00 34.62 ? 153 KAR A C14 1 
HETATM 1105 C  C15 . KAR F 3 .   ? 2.448   -1.318  -2.956  1.00 35.22 ? 153 KAR A C15 1 
HETATM 1106 C  C18 . KAR F 3 .   ? -0.002  -0.282  -2.290  1.00 35.12 ? 153 KAR A C18 1 
HETATM 1107 O  O19 . KAR F 3 .   ? -1.264  0.235   -1.988  1.00 35.97 ? 153 KAR A O19 1 
HETATM 1108 C  C20 . KAR F 3 .   ? -1.502  1.628   -2.248  1.00 36.80 ? 153 KAR A C20 1 
HETATM 1109 C  C17 . KAR F 3 .   ? 0.314   -0.519  -3.646  1.00 34.52 ? 153 KAR A C17 1 
HETATM 1110 C  C16 . KAR F 3 .   ? 1.568   -1.033  -3.970  1.00 34.99 ? 153 KAR A C16 1 
HETATM 1111 N  N24 . KAR F 3 .   ? 2.124   -1.342  -5.170  1.00 35.95 ? 153 KAR A N24 1 
HETATM 1112 C  C25 . KAR F 3 .   ? 1.444   -1.149  -6.450  1.00 35.26 ? 153 KAR A C25 1 
HETATM 1113 C  C22 . KAR F 3 .   ? 3.572   -1.577  -5.047  1.00 36.04 ? 153 KAR A C22 1 
HETATM 1114 C  C21 . KAR F 3 .   ? 3.710   -1.805  -3.531  1.00 35.37 ? 153 KAR A C21 1 
HETATM 1115 C  C23 . KAR F 3 .   ? 3.200   -3.267  -3.429  1.00 35.02 ? 153 KAR A C23 1 
HETATM 1116 C  C27 . KAR F 3 .   ? 5.062   -1.972  -2.832  1.00 34.90 ? 153 KAR A C27 1 
HETATM 1117 N  N30 . KAR F 3 .   ? 5.484   -3.307  -3.329  1.00 34.92 ? 153 KAR A N30 1 
HETATM 1118 C  C34 . KAR F 3 .   ? 6.552   -3.996  -2.615  1.00 33.98 ? 153 KAR A C34 1 
HETATM 1119 C  C31 . KAR F 3 .   ? 4.381   -4.157  -3.799  1.00 34.26 ? 153 KAR A C31 1 
HETATM 1120 C  C29 . KAR F 3 .   ? 6.151   -0.972  -3.268  1.00 35.75 ? 153 KAR A C29 1 
HETATM 1121 C  C32 . KAR F 3 .   ? 7.486   -1.696  -3.050  1.00 34.30 ? 153 KAR A C32 1 
HETATM 1122 C  C33 . KAR F 3 .   ? 7.665   -3.014  -2.762  1.00 34.37 ? 153 KAR A C33 1 
HETATM 1123 C  C35 . KAR F 3 .   ? 6.153   0.179   -2.183  1.00 34.93 ? 153 KAR A C35 1 
HETATM 1124 C  C36 . KAR F 3 .   ? 6.246   1.668   -2.635  1.00 34.46 ? 153 KAR A C36 1 
HETATM 1125 C  C26 . KAR F 3 .   ? 4.489   -0.365  -5.425  1.00 37.17 ? 153 KAR A C26 1 
HETATM 1126 C  C83 . KAR F 3 .   ? 3.981   0.940   -5.012  1.00 37.81 ? 153 KAR A C83 1 
HETATM 1127 O  O4  . KAR F 3 .   ? 3.687   1.361   -3.903  1.00 38.83 ? 153 KAR A O4  1 
HETATM 1128 C  C28 . KAR F 3 .   ? 5.932   -0.503  -4.774  1.00 36.32 ? 153 KAR A C28 1 
HETATM 1129 O  O61 . KAR F 3 .   ? 4.640   -0.303  -6.856  1.00 38.71 ? 153 KAR A O61 1 
HETATM 1130 C  C24 . KAR F 3 .   ? 4.264   0.928   -7.297  1.00 38.34 ? 153 KAR A C24 1 
HETATM 1131 O  O3  . KAR F 3 .   ? 4.284   1.278   -8.458  1.00 38.48 ? 153 KAR A O3  1 
HETATM 1132 N  N85 . KAR F 3 .   ? 3.867   1.688   -6.254  1.00 37.92 ? 153 KAR A N85 1 
HETATM 1133 C  C19 . KAR F 3 .   ? 3.401   3.056   -6.373  1.00 39.41 ? 153 KAR A C19 1 
HETATM 1134 C  C30 . KAR F 3 .   ? 2.089   3.079   -7.182  1.00 39.98 ? 153 KAR A C30 1 
HETATM 1135 CL CL1 . KAR F 3 .   ? 0.749   2.728   -6.087  1.00 42.51 ? 153 KAR A CL1 1 
HETATM 1136 C  C13 . KAR F 3 .   ? -0.469  -1.405  0.531   1.00 33.21 ? 153 KAR A C13 1 
HETATM 1137 C  C41 . KAR F 3 .   ? -0.286  -2.849  -0.042  1.00 32.87 ? 153 KAR A C41 1 
HETATM 1138 C  C91 . KAR F 3 .   ? 1.076   -3.520  0.319   1.00 32.61 ? 153 KAR A C91 1 
HETATM 1139 C  C92 . KAR F 3 .   ? -1.477  -3.814  0.292   1.00 34.34 ? 153 KAR A C92 1 
HETATM 1140 C  C46 . KAR F 3 .   ? -1.412  -4.487  1.693   1.00 35.24 ? 153 KAR A C46 1 
HETATM 1141 O  O10 . KAR F 3 .   ? -1.571  -3.516  2.748   1.00 34.82 ? 153 KAR A O10 1 
HETATM 1142 C  C94 . KAR F 3 .   ? -2.643  -5.419  1.969   1.00 36.83 ? 153 KAR A C94 1 
HETATM 1143 C  C45 . KAR F 3 .   ? -2.688  -6.777  1.209   1.00 38.06 ? 153 KAR A C45 1 
HETATM 1144 C  C95 . KAR F 3 .   ? -0.059  -5.234  1.788   1.00 33.75 ? 153 KAR A C95 1 
HETATM 1145 N  N48 . KAR F 3 .   ? 1.076   -4.306  1.583   1.00 33.60 ? 153 KAR A N48 1 
HETATM 1146 C  C90 . KAR F 3 .   ? 1.710   -3.793  2.816   1.00 33.07 ? 153 KAR A C90 1 
HETATM 1147 C  C89 . KAR F 3 .   ? 1.577   -2.267  3.062   1.00 33.05 ? 153 KAR A C89 1 
HETATM 1148 C  C7  . KAR F 3 .   ? 2.191   -1.144  2.223   1.00 32.70 ? 153 KAR A C7  1 
HETATM 1149 C  C3  . KAR F 3 .   ? 3.574   -0.729  2.652   1.00 32.73 ? 153 KAR A C3  1 
HETATM 1150 C  C4  . KAR F 3 .   ? 3.908   0.270   1.762   1.00 33.54 ? 153 KAR A C4  1 
HETATM 1151 C  C5  . KAR F 3 .   ? 5.139   0.934   1.829   1.00 32.77 ? 153 KAR A C5  1 
HETATM 1152 N  N9  . KAR F 3 .   ? 2.890   0.443   0.901   1.00 33.91 ? 153 KAR A N9  1 
HETATM 1153 C  C8  . KAR F 3 .   ? 1.885   -0.381  1.147   1.00 34.15 ? 153 KAR A C8  1 
HETATM 1154 C  C2  . KAR F 3 .   ? 4.446   -1.125  3.671   1.00 33.21 ? 153 KAR A C2  1 
HETATM 1155 C  C1  . KAR F 3 .   ? 5.682   -0.470  3.757   1.00 32.03 ? 153 KAR A C1  1 
HETATM 1156 C  C6  . KAR F 3 .   ? 6.020   0.545   2.849   1.00 32.46 ? 153 KAR A C6  1 
HETATM 1157 O  O   . HOH G 4 .   ? -11.987 -9.807  -2.141  1.00 24.61 ? 154 HOH A O   1 
HETATM 1158 O  O   . HOH G 4 .   ? 6.249   -3.469  -6.151  1.00 35.61 ? 155 HOH A O   1 
HETATM 1159 O  O   . HOH G 4 .   ? -9.018  -0.108  12.844  1.00 28.71 ? 156 HOH A O   1 
HETATM 1160 O  O   . HOH G 4 .   ? -5.967  -4.884  3.388   1.00 28.68 ? 157 HOH A O   1 
HETATM 1161 O  O   . HOH G 4 .   ? -5.951  -2.744  21.384  1.00 29.01 ? 158 HOH A O   1 
HETATM 1162 O  O   . HOH G 4 .   ? 12.104  6.630   14.345  1.00 35.64 ? 159 HOH A O   1 
HETATM 1163 O  O   . HOH G 4 .   ? -13.015 1.550   -2.853  1.00 32.89 ? 160 HOH A O   1 
HETATM 1164 O  O   . HOH G 4 .   ? -11.648 -11.768 -3.773  1.00 33.90 ? 161 HOH A O   1 
HETATM 1165 O  O   . HOH G 4 .   ? -2.449  8.198   7.587   1.00 42.20 ? 162 HOH A O   1 
HETATM 1166 O  O   . HOH G 4 .   ? -0.163  -8.278  17.119  1.00 33.41 ? 163 HOH A O   1 
HETATM 1167 O  O   . HOH G 4 .   ? 5.133   -5.548  20.141  1.00 26.15 ? 164 HOH A O   1 
HETATM 1168 O  O   . HOH G 4 .   ? 25.363  4.945   -2.058  1.00 29.71 ? 165 HOH A O   1 
HETATM 1169 O  O   . HOH G 4 .   ? -10.939 -12.219 -9.385  1.00 23.93 ? 166 HOH A O   1 
HETATM 1170 O  O   . HOH G 4 .   ? -17.692 -8.432  -4.175  1.00 25.23 ? 167 HOH A O   1 
HETATM 1171 O  O   . HOH G 4 .   ? -8.043  -11.165 -15.449 1.00 29.67 ? 168 HOH A O   1 
HETATM 1172 O  O   . HOH G 4 .   ? 21.766  9.204   -7.864  1.00 39.34 ? 169 HOH A O   1 
HETATM 1173 O  O   . HOH G 4 .   ? 18.093  0.436   -5.650  0.50 22.29 ? 170 HOH A O   1 
HETATM 1174 O  O   . HOH G 4 .   ? -20.978 -5.106  -10.860 1.00 40.04 ? 171 HOH A O   1 
HETATM 1175 O  O   . HOH G 4 .   ? 3.324   5.250   -2.885  1.00 32.69 ? 172 HOH A O   1 
HETATM 1176 O  O   . HOH G 4 .   ? 20.280  2.972   -7.032  1.00 39.03 ? 173 HOH A O   1 
HETATM 1177 O  O   . HOH G 4 .   ? 7.674   -8.167  -1.339  1.00 49.21 ? 174 HOH A O   1 
HETATM 1178 O  O   . HOH G 4 .   ? 1.826   -4.199  -11.618 1.00 36.27 ? 175 HOH A O   1 
HETATM 1179 O  O   . HOH G 4 .   ? -1.596  11.726  -17.222 1.00 32.94 ? 176 HOH A O   1 
HETATM 1180 O  O   . HOH G 4 .   ? 15.386  4.131   13.440  1.00 38.10 ? 177 HOH A O   1 
HETATM 1181 O  O   . HOH G 4 .   ? 6.498   -6.679  -15.020 1.00 51.91 ? 178 HOH A O   1 
HETATM 1182 O  O   . HOH G 4 .   ? -5.039  1.926   -18.506 1.00 40.91 ? 179 HOH A O   1 
HETATM 1183 O  O   . HOH G 4 .   ? 2.854   2.716   -1.584  1.00 30.26 ? 180 HOH A O   1 
HETATM 1184 O  O   . HOH G 4 .   ? 11.059  10.497  9.065   1.00 40.58 ? 181 HOH A O   1 
HETATM 1185 O  O   . HOH G 4 .   ? -2.150  10.824  -20.972 1.00 50.11 ? 182 HOH A O   1 
HETATM 1186 O  O   . HOH G 4 .   ? 10.427  8.198   14.390  1.00 52.23 ? 183 HOH A O   1 
HETATM 1187 O  O   . HOH G 4 .   ? -13.421 -1.134  2.709   1.00 39.59 ? 184 HOH A O   1 
HETATM 1188 O  O   . HOH G 4 .   ? -10.806 -14.323 -10.746 1.00 45.89 ? 185 HOH A O   1 
HETATM 1189 O  O   . HOH G 4 .   ? -12.883 -3.865  1.913   1.00 26.13 ? 186 HOH A O   1 
HETATM 1190 O  O   . HOH G 4 .   ? 8.503   11.606  -8.684  1.00 41.77 ? 187 HOH A O   1 
HETATM 1191 O  O   . HOH G 4 .   ? 1.896   12.263  13.626  1.00 34.96 ? 188 HOH A O   1 
HETATM 1192 O  O   . HOH G 4 .   ? -16.209 0.037   -11.842 1.00 33.29 ? 189 HOH A O   1 
HETATM 1193 O  O   . HOH G 4 .   ? 15.470  4.896   -10.532 1.00 31.51 ? 190 HOH A O   1 
HETATM 1194 O  O   . HOH G 4 .   ? 14.631  15.735  -7.539  1.00 41.99 ? 191 HOH A O   1 
HETATM 1195 O  O   . HOH G 4 .   ? 13.694  12.869  -5.253  1.00 35.09 ? 192 HOH A O   1 
HETATM 1196 O  O   . HOH G 4 .   ? -0.100  -6.401  14.694  1.00 36.59 ? 193 HOH A O   1 
HETATM 1197 O  O   . HOH G 4 .   ? -14.958 -8.504  -5.764  1.00 35.44 ? 194 HOH A O   1 
HETATM 1198 O  O   . HOH G 4 .   ? -6.030  4.090   14.577  1.00 39.96 ? 195 HOH A O   1 
HETATM 1199 O  O   . HOH G 4 .   ? -14.409 -3.226  -13.351 1.00 31.17 ? 196 HOH A O   1 
HETATM 1200 O  O   . HOH G 4 .   ? 15.710  14.249  -4.533  1.00 28.36 ? 197 HOH A O   1 
HETATM 1201 O  O   . HOH G 4 .   ? -14.023 8.804   -4.530  1.00 38.59 ? 198 HOH A O   1 
HETATM 1202 O  O   . HOH G 4 .   ? 0.120   -9.782  -11.120 1.00 48.50 ? 199 HOH A O   1 
HETATM 1203 O  O   . HOH G 4 .   ? -8.468  9.760   10.330  1.00 48.78 ? 200 HOH A O   1 
HETATM 1204 O  O   . HOH G 4 .   ? 6.844   2.609   -5.870  1.00 39.28 ? 201 HOH A O   1 
HETATM 1205 O  O   . HOH G 4 .   ? -1.345  7.493   17.630  1.00 36.34 ? 202 HOH A O   1 
HETATM 1206 O  O   . HOH G 4 .   ? 5.628   -4.295  10.716  1.00 48.91 ? 203 HOH A O   1 
HETATM 1207 O  O   . HOH G 4 .   ? -4.473  8.607   -15.121 1.00 34.30 ? 204 HOH A O   1 
HETATM 1208 O  O   . HOH G 4 .   ? 6.699   -9.594  4.330   1.00 43.69 ? 205 HOH A O   1 
HETATM 1209 O  O   . HOH G 4 .   ? -4.723  -15.364 -1.262  1.00 53.30 ? 206 HOH A O   1 
# 
loop_
_pdbx_poly_seq_scheme.asym_id 
_pdbx_poly_seq_scheme.entity_id 
_pdbx_poly_seq_scheme.seq_id 
_pdbx_poly_seq_scheme.mon_id 
_pdbx_poly_seq_scheme.ndb_seq_num 
_pdbx_poly_seq_scheme.pdb_seq_num 
_pdbx_poly_seq_scheme.auth_seq_num 
_pdbx_poly_seq_scheme.pdb_mon_id 
_pdbx_poly_seq_scheme.auth_mon_id 
_pdbx_poly_seq_scheme.pdb_strand_id 
_pdbx_poly_seq_scheme.pdb_ins_code 
_pdbx_poly_seq_scheme.hetero 
A 1 1   ALA 1   1   ?   ?   ?   A . n 
A 1 2   ASP 2   2   ?   ?   ?   A . n 
A 1 3   GLN 3   3   3   GLN GLN A . n 
A 1 4   LEU 4   4   4   LEU LEU A . n 
A 1 5   THR 5   5   5   THR THR A . n 
A 1 6   GLU 6   6   6   GLU GLU A . n 
A 1 7   GLU 7   7   7   GLU GLU A . n 
A 1 8   GLN 8   8   8   GLN GLN A . n 
A 1 9   ILE 9   9   9   ILE ILE A . n 
A 1 10  ALA 10  10  10  ALA ALA A . n 
A 1 11  GLU 11  11  11  GLU GLU A . n 
A 1 12  PHE 12  12  12  PHE PHE A . n 
A 1 13  LYS 13  13  13  LYS LYS A . n 
A 1 14  GLU 14  14  14  GLU GLU A . n 
A 1 15  ALA 15  15  15  ALA ALA A . n 
A 1 16  PHE 16  16  16  PHE PHE A . n 
A 1 17  SER 17  17  17  SER SER A . n 
A 1 18  LEU 18  18  18  LEU LEU A . n 
A 1 19  PHE 19  19  19  PHE PHE A . n 
A 1 20  ASP 20  20  20  ASP ASP A . n 
A 1 21  LYS 21  21  21  LYS LYS A . n 
A 1 22  ASP 22  22  22  ASP ASP A . n 
A 1 23  GLY 23  23  23  GLY GLY A . n 
A 1 24  ASP 24  24  24  ASP ASP A . n 
A 1 25  GLY 25  25  25  GLY GLY A . n 
A 1 26  THR 26  26  26  THR THR A . n 
A 1 27  ILE 27  27  27  ILE ILE A . n 
A 1 28  THR 28  28  28  THR THR A . n 
A 1 29  THR 29  29  29  THR THR A . n 
A 1 30  LYS 30  30  30  LYS LYS A . n 
A 1 31  GLU 31  31  31  GLU GLU A . n 
A 1 32  LEU 32  32  32  LEU LEU A . n 
A 1 33  GLY 33  33  33  GLY GLY A . n 
A 1 34  THR 34  34  34  THR THR A . n 
A 1 35  VAL 35  35  35  VAL VAL A . n 
A 1 36  MET 36  36  36  MET MET A . n 
A 1 37  ARG 37  37  37  ARG ARG A . n 
A 1 38  SER 38  38  38  SER SER A . n 
A 1 39  LEU 39  39  39  LEU LEU A . n 
A 1 40  GLY 40  40  40  GLY GLY A . n 
A 1 41  GLN 41  41  41  GLN GLN A . n 
A 1 42  ASN 42  42  42  ASN ASN A . n 
A 1 43  PRO 43  43  43  PRO PRO A . n 
A 1 44  THR 44  44  44  THR THR A . n 
A 1 45  GLU 45  45  45  GLU GLU A . n 
A 1 46  ALA 46  46  46  ALA ALA A . n 
A 1 47  GLU 47  47  47  GLU GLU A . n 
A 1 48  LEU 48  48  48  LEU LEU A . n 
A 1 49  GLN 49  49  49  GLN GLN A . n 
A 1 50  ASP 50  50  50  ASP ASP A . n 
A 1 51  MET 51  51  51  MET MET A . n 
A 1 52  ILE 52  52  52  ILE ILE A . n 
A 1 53  ASN 53  53  53  ASN ASN A . n 
A 1 54  GLU 54  54  54  GLU GLU A . n 
A 1 55  VAL 55  55  55  VAL VAL A . n 
A 1 56  ASP 56  56  56  ASP ASP A . n 
A 1 57  ALA 57  57  57  ALA ALA A . n 
A 1 58  ASP 58  58  58  ASP ASP A . n 
A 1 59  GLY 59  59  59  GLY GLY A . n 
A 1 60  ASN 60  60  60  ASN ASN A . n 
A 1 61  GLY 61  61  61  GLY GLY A . n 
A 1 62  THR 62  62  62  THR THR A . n 
A 1 63  ILE 63  63  63  ILE ILE A . n 
A 1 64  ASP 64  64  64  ASP ASP A . n 
A 1 65  PHE 65  65  65  PHE PHE A . n 
A 1 66  PRO 66  66  66  PRO PRO A . n 
A 1 67  GLU 67  67  67  GLU GLU A . n 
A 1 68  PHE 68  68  68  PHE PHE A . n 
A 1 69  LEU 69  69  69  LEU LEU A . n 
A 1 70  THR 70  70  70  THR THR A . n 
A 1 71  MET 71  71  71  MET MET A . n 
A 1 72  MET 72  72  72  MET MET A . n 
A 1 73  ALA 73  73  73  ALA ALA A . n 
A 1 74  ARG 74  74  74  ARG ARG A . n 
A 1 75  LYS 75  75  ?   ?   ?   A . n 
A 1 76  MET 76  76  ?   ?   ?   A . n 
A 1 77  LYS 77  77  77  LYS LYS A . n 
A 1 78  ASP 78  78  78  ASP ASP A . n 
A 1 79  THR 79  79  79  THR THR A . n 
A 1 80  ASP 80  80  80  ASP ASP A . n 
A 1 81  SER 81  81  81  SER SER A . n 
A 1 82  GLU 82  82  82  GLU GLU A . n 
A 1 83  GLU 83  83  83  GLU GLU A . n 
A 1 84  GLU 84  84  84  GLU GLU A . n 
A 1 85  ILE 85  85  85  ILE ILE A . n 
A 1 86  ARG 86  86  86  ARG ARG A . n 
A 1 87  GLU 87  87  87  GLU GLU A . n 
A 1 88  ALA 88  88  88  ALA ALA A . n 
A 1 89  PHE 89  89  89  PHE PHE A . n 
A 1 90  ARG 90  90  90  ARG ARG A . n 
A 1 91  VAL 91  91  91  VAL VAL A . n 
A 1 92  PHE 92  92  92  PHE PHE A . n 
A 1 93  ASP 93  93  93  ASP ASP A . n 
A 1 94  LYS 94  94  94  LYS LYS A . n 
A 1 95  ASP 95  95  95  ASP ASP A . n 
A 1 96  GLY 96  96  96  GLY GLY A . n 
A 1 97  ASN 97  97  97  ASN ASN A . n 
A 1 98  GLY 98  98  98  GLY GLY A . n 
A 1 99  TYR 99  99  99  TYR TYR A . n 
A 1 100 ILE 100 100 100 ILE ILE A . n 
A 1 101 SER 101 101 101 SER SER A . n 
A 1 102 ALA 102 102 102 ALA ALA A . n 
A 1 103 ALA 103 103 103 ALA ALA A . n 
A 1 104 GLU 104 104 104 GLU GLU A . n 
A 1 105 LEU 105 105 105 LEU LEU A . n 
A 1 106 ARG 106 106 106 ARG ARG A . n 
A 1 107 HIS 107 107 107 HIS HIS A . n 
A 1 108 VAL 108 108 108 VAL VAL A . n 
A 1 109 MET 109 109 109 MET MET A . n 
A 1 110 THR 110 110 110 THR THR A . n 
A 1 111 ASN 111 111 111 ASN ASN A . n 
A 1 112 LEU 112 112 112 LEU LEU A . n 
A 1 113 GLY 113 113 113 GLY GLY A . n 
A 1 114 GLU 114 114 114 GLU GLU A . n 
A 1 115 LYS 115 115 115 LYS LYS A . n 
A 1 116 LEU 116 116 116 LEU LEU A . n 
A 1 117 THR 117 117 117 THR THR A . n 
A 1 118 ASP 118 118 118 ASP ASP A . n 
A 1 119 GLU 119 119 119 GLU GLU A . n 
A 1 120 GLU 120 120 120 GLU GLU A . n 
A 1 121 VAL 121 121 121 VAL VAL A . n 
A 1 122 ASP 122 122 122 ASP ASP A . n 
A 1 123 GLU 123 123 123 GLU GLU A . n 
A 1 124 MET 124 124 124 MET MET A . n 
A 1 125 ILE 125 125 125 ILE ILE A . n 
A 1 126 ARG 126 126 126 ARG ARG A . n 
A 1 127 GLU 127 127 127 GLU GLU A . n 
A 1 128 ALA 128 128 128 ALA ALA A . n 
A 1 129 ASP 129 129 129 ASP ASP A . n 
A 1 130 ILE 130 130 130 ILE ILE A . n 
A 1 131 ASP 131 131 131 ASP ASP A . n 
A 1 132 GLY 132 132 132 GLY GLY A . n 
A 1 133 ASP 133 133 133 ASP ASP A . n 
A 1 134 GLY 134 134 134 GLY GLY A . n 
A 1 135 GLN 135 135 135 GLN GLN A . n 
A 1 136 VAL 136 136 136 VAL VAL A . n 
A 1 137 ASN 137 137 137 ASN ASN A . n 
A 1 138 TYR 138 138 138 TYR TYR A . n 
A 1 139 GLU 139 139 139 GLU GLU A . n 
A 1 140 GLU 140 140 140 GLU GLU A . n 
A 1 141 PHE 141 141 141 PHE PHE A . n 
A 1 142 VAL 142 142 142 VAL VAL A . n 
A 1 143 GLN 143 143 143 GLN GLN A . n 
A 1 144 MET 144 144 144 MET MET A . n 
A 1 145 MET 145 145 145 MET MET A . n 
A 1 146 THR 146 146 146 THR THR A . n 
A 1 147 ALA 147 147 147 ALA ALA A . n 
A 1 148 LYS 148 148 148 LYS LYS A . n 
# 
loop_
_pdbx_nonpoly_scheme.asym_id 
_pdbx_nonpoly_scheme.entity_id 
_pdbx_nonpoly_scheme.mon_id 
_pdbx_nonpoly_scheme.ndb_seq_num 
_pdbx_nonpoly_scheme.pdb_seq_num 
_pdbx_nonpoly_scheme.auth_seq_num 
_pdbx_nonpoly_scheme.pdb_mon_id 
_pdbx_nonpoly_scheme.auth_mon_id 
_pdbx_nonpoly_scheme.pdb_strand_id 
_pdbx_nonpoly_scheme.pdb_ins_code 
B 2 CA  1  149 149 CA  CA  A . 
C 2 CA  1  151 151 CA  CA  A . 
D 2 CA  1  152 152 CA  CA  A . 
E 2 CA  1  150 150 CA  CA  A . 
F 3 KAR 1  153 1   KAR KAR A . 
G 4 HOH 1  154 2   HOH HOH A . 
G 4 HOH 2  155 3   HOH HOH A . 
G 4 HOH 3  156 4   HOH HOH A . 
G 4 HOH 4  157 5   HOH HOH A . 
G 4 HOH 5  158 6   HOH HOH A . 
G 4 HOH 6  159 8   HOH HOH A . 
G 4 HOH 7  160 9   HOH HOH A . 
G 4 HOH 8  161 11  HOH HOH A . 
G 4 HOH 9  162 13  HOH HOH A . 
G 4 HOH 10 163 14  HOH HOH A . 
G 4 HOH 11 164 15  HOH HOH A . 
G 4 HOH 12 165 16  HOH HOH A . 
G 4 HOH 13 166 17  HOH HOH A . 
G 4 HOH 14 167 19  HOH HOH A . 
G 4 HOH 15 168 22  HOH HOH A . 
G 4 HOH 16 169 23  HOH HOH A . 
G 4 HOH 17 170 24  HOH HOH A . 
G 4 HOH 18 171 26  HOH HOH A . 
G 4 HOH 19 172 27  HOH HOH A . 
G 4 HOH 20 173 28  HOH HOH A . 
G 4 HOH 21 174 29  HOH HOH A . 
G 4 HOH 22 175 30  HOH HOH A . 
G 4 HOH 23 176 32  HOH HOH A . 
G 4 HOH 24 177 33  HOH HOH A . 
G 4 HOH 25 178 34  HOH HOH A . 
G 4 HOH 26 179 35  HOH HOH A . 
G 4 HOH 27 180 36  HOH HOH A . 
G 4 HOH 28 181 37  HOH HOH A . 
G 4 HOH 29 182 38  HOH HOH A . 
G 4 HOH 30 183 39  HOH HOH A . 
G 4 HOH 31 184 40  HOH HOH A . 
G 4 HOH 32 185 41  HOH HOH A . 
G 4 HOH 33 186 42  HOH HOH A . 
G 4 HOH 34 187 43  HOH HOH A . 
G 4 HOH 35 188 45  HOH HOH A . 
G 4 HOH 36 189 46  HOH HOH A . 
G 4 HOH 37 190 47  HOH HOH A . 
G 4 HOH 38 191 49  HOH HOH A . 
G 4 HOH 39 192 50  HOH HOH A . 
G 4 HOH 40 193 51  HOH HOH A . 
G 4 HOH 41 194 52  HOH HOH A . 
G 4 HOH 42 195 55  HOH HOH A . 
G 4 HOH 43 196 56  HOH HOH A . 
G 4 HOH 44 197 58  HOH HOH A . 
G 4 HOH 45 198 59  HOH HOH A . 
G 4 HOH 46 199 62  HOH HOH A . 
G 4 HOH 47 200 64  HOH HOH A . 
G 4 HOH 48 201 67  HOH HOH A . 
G 4 HOH 49 202 68  HOH HOH A . 
G 4 HOH 50 203 69  HOH HOH A . 
G 4 HOH 51 204 70  HOH HOH A . 
G 4 HOH 52 205 71  HOH HOH A . 
G 4 HOH 53 206 72  HOH HOH A . 
# 
_pdbx_struct_assembly.id                   1 
_pdbx_struct_assembly.details              author_defined_assembly 
_pdbx_struct_assembly.method_details       ? 
_pdbx_struct_assembly.oligomeric_details   monomeric 
_pdbx_struct_assembly.oligomeric_count     1 
# 
_pdbx_struct_assembly_gen.assembly_id       1 
_pdbx_struct_assembly_gen.oper_expression   1 
_pdbx_struct_assembly_gen.asym_id_list      A,B,C,D,E,F,G 
# 
_pdbx_struct_oper_list.id                   1 
_pdbx_struct_oper_list.type                 'identity operation' 
_pdbx_struct_oper_list.name                 1_555 
_pdbx_struct_oper_list.symmetry_operation   x,y,z 
_pdbx_struct_oper_list.matrix[1][1]         1.0000000000 
_pdbx_struct_oper_list.matrix[1][2]         0.0000000000 
_pdbx_struct_oper_list.matrix[1][3]         0.0000000000 
_pdbx_struct_oper_list.vector[1]            0.0000000000 
_pdbx_struct_oper_list.matrix[2][1]         0.0000000000 
_pdbx_struct_oper_list.matrix[2][2]         1.0000000000 
_pdbx_struct_oper_list.matrix[2][3]         0.0000000000 
_pdbx_struct_oper_list.vector[2]            0.0000000000 
_pdbx_struct_oper_list.matrix[3][1]         0.0000000000 
_pdbx_struct_oper_list.matrix[3][2]         0.0000000000 
_pdbx_struct_oper_list.matrix[3][3]         1.0000000000 
_pdbx_struct_oper_list.vector[3]            0.0000000000 
# 
loop_
_pdbx_struct_conn_angle.id 
_pdbx_struct_conn_angle.ptnr1_label_atom_id 
_pdbx_struct_conn_angle.ptnr1_label_alt_id 
_pdbx_struct_conn_angle.ptnr1_label_asym_id 
_pdbx_struct_conn_angle.ptnr1_label_comp_id 
_pdbx_struct_conn_angle.ptnr1_label_seq_id 
_pdbx_struct_conn_angle.ptnr1_auth_atom_id 
_pdbx_struct_conn_angle.ptnr1_auth_asym_id 
_pdbx_struct_conn_angle.ptnr1_auth_comp_id 
_pdbx_struct_conn_angle.ptnr1_auth_seq_id 
_pdbx_struct_conn_angle.ptnr1_PDB_ins_code 
_pdbx_struct_conn_angle.ptnr1_symmetry 
_pdbx_struct_conn_angle.ptnr2_label_atom_id 
_pdbx_struct_conn_angle.ptnr2_label_alt_id 
_pdbx_struct_conn_angle.ptnr2_label_asym_id 
_pdbx_struct_conn_angle.ptnr2_label_comp_id 
_pdbx_struct_conn_angle.ptnr2_label_seq_id 
_pdbx_struct_conn_angle.ptnr2_auth_atom_id 
_pdbx_struct_conn_angle.ptnr2_auth_asym_id 
_pdbx_struct_conn_angle.ptnr2_auth_comp_id 
_pdbx_struct_conn_angle.ptnr2_auth_seq_id 
_pdbx_struct_conn_angle.ptnr2_PDB_ins_code 
_pdbx_struct_conn_angle.ptnr2_symmetry 
_pdbx_struct_conn_angle.ptnr3_label_atom_id 
_pdbx_struct_conn_angle.ptnr3_label_alt_id 
_pdbx_struct_conn_angle.ptnr3_label_asym_id 
_pdbx_struct_conn_angle.ptnr3_label_comp_id 
_pdbx_struct_conn_angle.ptnr3_label_seq_id 
_pdbx_struct_conn_angle.ptnr3_auth_atom_id 
_pdbx_struct_conn_angle.ptnr3_auth_asym_id 
_pdbx_struct_conn_angle.ptnr3_auth_comp_id 
_pdbx_struct_conn_angle.ptnr3_auth_seq_id 
_pdbx_struct_conn_angle.ptnr3_PDB_ins_code 
_pdbx_struct_conn_angle.ptnr3_symmetry 
_pdbx_struct_conn_angle.value 
_pdbx_struct_conn_angle.value_esd 
1  OD1 ? A ASP 20  ? A ASP 20  ? 1_555 CA ? B CA . ? A CA 149 ? 1_555 OD1 ? A ASP 22  ? A ASP 22  ? 1_555 80.2  ? 
2  OD1 ? A ASP 20  ? A ASP 20  ? 1_555 CA ? B CA . ? A CA 149 ? 1_555 OD1 ? A ASP 24  ? A ASP 24  ? 1_555 91.8  ? 
3  OD1 ? A ASP 22  ? A ASP 22  ? 1_555 CA ? B CA . ? A CA 149 ? 1_555 OD1 ? A ASP 24  ? A ASP 24  ? 1_555 79.2  ? 
4  OD1 ? A ASP 20  ? A ASP 20  ? 1_555 CA ? B CA . ? A CA 149 ? 1_555 O   ? A THR 26  ? A THR 26  ? 1_555 79.7  ? 
5  OD1 ? A ASP 22  ? A ASP 22  ? 1_555 CA ? B CA . ? A CA 149 ? 1_555 O   ? A THR 26  ? A THR 26  ? 1_555 154.7 ? 
6  OD1 ? A ASP 24  ? A ASP 24  ? 1_555 CA ? B CA . ? A CA 149 ? 1_555 O   ? A THR 26  ? A THR 26  ? 1_555 86.1  ? 
7  OD1 ? A ASP 20  ? A ASP 20  ? 1_555 CA ? B CA . ? A CA 149 ? 1_555 OE2 ? A GLU 31  ? A GLU 31  ? 1_555 91.4  ? 
8  OD1 ? A ASP 22  ? A ASP 22  ? 1_555 CA ? B CA . ? A CA 149 ? 1_555 OE2 ? A GLU 31  ? A GLU 31  ? 1_555 78.4  ? 
9  OD1 ? A ASP 24  ? A ASP 24  ? 1_555 CA ? B CA . ? A CA 149 ? 1_555 OE2 ? A GLU 31  ? A GLU 31  ? 1_555 156.5 ? 
10 O   ? A THR 26  ? A THR 26  ? 1_555 CA ? B CA . ? A CA 149 ? 1_555 OE2 ? A GLU 31  ? A GLU 31  ? 1_555 117.3 ? 
11 OD1 ? A ASP 20  ? A ASP 20  ? 1_555 CA ? B CA . ? A CA 149 ? 1_555 OE1 ? A GLU 31  ? A GLU 31  ? 1_555 101.9 ? 
12 OD1 ? A ASP 22  ? A ASP 22  ? 1_555 CA ? B CA . ? A CA 149 ? 1_555 OE1 ? A GLU 31  ? A GLU 31  ? 1_555 128.6 ? 
13 OD1 ? A ASP 24  ? A ASP 24  ? 1_555 CA ? B CA . ? A CA 149 ? 1_555 OE1 ? A GLU 31  ? A GLU 31  ? 1_555 150.5 ? 
14 O   ? A THR 26  ? A THR 26  ? 1_555 CA ? B CA . ? A CA 149 ? 1_555 OE1 ? A GLU 31  ? A GLU 31  ? 1_555 71.0  ? 
15 OE2 ? A GLU 31  ? A GLU 31  ? 1_555 CA ? B CA . ? A CA 149 ? 1_555 OE1 ? A GLU 31  ? A GLU 31  ? 1_555 50.3  ? 
16 OD1 ? A ASP 20  ? A ASP 20  ? 1_555 CA ? B CA . ? A CA 149 ? 1_555 O   ? G HOH .   ? A HOH 188 ? 1_555 169.7 ? 
17 OD1 ? A ASP 22  ? A ASP 22  ? 1_555 CA ? B CA . ? A CA 149 ? 1_555 O   ? G HOH .   ? A HOH 188 ? 1_555 89.5  ? 
18 OD1 ? A ASP 24  ? A ASP 24  ? 1_555 CA ? B CA . ? A CA 149 ? 1_555 O   ? G HOH .   ? A HOH 188 ? 1_555 86.4  ? 
19 O   ? A THR 26  ? A THR 26  ? 1_555 CA ? B CA . ? A CA 149 ? 1_555 O   ? G HOH .   ? A HOH 188 ? 1_555 110.2 ? 
20 OE2 ? A GLU 31  ? A GLU 31  ? 1_555 CA ? B CA . ? A CA 149 ? 1_555 O   ? G HOH .   ? A HOH 188 ? 1_555 86.4  ? 
21 OE1 ? A GLU 31  ? A GLU 31  ? 1_555 CA ? B CA . ? A CA 149 ? 1_555 O   ? G HOH .   ? A HOH 188 ? 1_555 84.4  ? 
22 OD1 ? A ASP 56  ? A ASP 56  ? 1_555 CA ? E CA . ? A CA 150 ? 1_555 OD1 ? A ASP 58  ? A ASP 58  ? 1_555 80.5  ? 
23 OD1 ? A ASP 56  ? A ASP 56  ? 1_555 CA ? E CA . ? A CA 150 ? 1_555 OD1 ? A ASN 60  ? A ASN 60  ? 1_555 88.3  ? 
24 OD1 ? A ASP 58  ? A ASP 58  ? 1_555 CA ? E CA . ? A CA 150 ? 1_555 OD1 ? A ASN 60  ? A ASN 60  ? 1_555 82.6  ? 
25 OD1 ? A ASP 56  ? A ASP 56  ? 1_555 CA ? E CA . ? A CA 150 ? 1_555 O   ? A THR 62  ? A THR 62  ? 1_555 84.7  ? 
26 OD1 ? A ASP 58  ? A ASP 58  ? 1_555 CA ? E CA . ? A CA 150 ? 1_555 O   ? A THR 62  ? A THR 62  ? 1_555 154.5 ? 
27 OD1 ? A ASN 60  ? A ASN 60  ? 1_555 CA ? E CA . ? A CA 150 ? 1_555 O   ? A THR 62  ? A THR 62  ? 1_555 76.3  ? 
28 OD1 ? A ASP 56  ? A ASP 56  ? 1_555 CA ? E CA . ? A CA 150 ? 1_555 OE1 ? A GLU 67  ? A GLU 67  ? 1_555 98.2  ? 
29 OD1 ? A ASP 58  ? A ASP 58  ? 1_555 CA ? E CA . ? A CA 150 ? 1_555 OE1 ? A GLU 67  ? A GLU 67  ? 1_555 123.9 ? 
30 OD1 ? A ASN 60  ? A ASN 60  ? 1_555 CA ? E CA . ? A CA 150 ? 1_555 OE1 ? A GLU 67  ? A GLU 67  ? 1_555 153.4 ? 
31 O   ? A THR 62  ? A THR 62  ? 1_555 CA ? E CA . ? A CA 150 ? 1_555 OE1 ? A GLU 67  ? A GLU 67  ? 1_555 78.7  ? 
32 OD1 ? A ASP 56  ? A ASP 56  ? 1_555 CA ? E CA . ? A CA 150 ? 1_555 OE2 ? A GLU 67  ? A GLU 67  ? 1_555 89.0  ? 
33 OD1 ? A ASP 58  ? A ASP 58  ? 1_555 CA ? E CA . ? A CA 150 ? 1_555 OE2 ? A GLU 67  ? A GLU 67  ? 1_555 72.6  ? 
34 OD1 ? A ASN 60  ? A ASN 60  ? 1_555 CA ? E CA . ? A CA 150 ? 1_555 OE2 ? A GLU 67  ? A GLU 67  ? 1_555 155.2 ? 
35 O   ? A THR 62  ? A THR 62  ? 1_555 CA ? E CA . ? A CA 150 ? 1_555 OE2 ? A GLU 67  ? A GLU 67  ? 1_555 128.0 ? 
36 OE1 ? A GLU 67  ? A GLU 67  ? 1_555 CA ? E CA . ? A CA 150 ? 1_555 OE2 ? A GLU 67  ? A GLU 67  ? 1_555 51.2  ? 
37 OD1 ? A ASP 56  ? A ASP 56  ? 1_555 CA ? E CA . ? A CA 150 ? 1_555 O   ? G HOH .   ? A HOH 159 ? 1_555 163.5 ? 
38 OD1 ? A ASP 58  ? A ASP 58  ? 1_555 CA ? E CA . ? A CA 150 ? 1_555 O   ? G HOH .   ? A HOH 159 ? 1_555 85.6  ? 
39 OD1 ? A ASN 60  ? A ASN 60  ? 1_555 CA ? E CA . ? A CA 150 ? 1_555 O   ? G HOH .   ? A HOH 159 ? 1_555 98.7  ? 
40 O   ? A THR 62  ? A THR 62  ? 1_555 CA ? E CA . ? A CA 150 ? 1_555 O   ? G HOH .   ? A HOH 159 ? 1_555 111.4 ? 
41 OE1 ? A GLU 67  ? A GLU 67  ? 1_555 CA ? E CA . ? A CA 150 ? 1_555 O   ? G HOH .   ? A HOH 159 ? 1_555 82.2  ? 
42 OE2 ? A GLU 67  ? A GLU 67  ? 1_555 CA ? E CA . ? A CA 150 ? 1_555 O   ? G HOH .   ? A HOH 159 ? 1_555 78.3  ? 
43 OD1 ? A ASP 93  ? A ASP 93  ? 1_555 CA ? C CA . ? A CA 151 ? 1_555 OD1 ? A ASP 95  ? A ASP 95  ? 1_555 80.8  ? 
44 OD1 ? A ASP 93  ? A ASP 93  ? 1_555 CA ? C CA . ? A CA 151 ? 1_555 OD1 ? A ASN 97  ? A ASN 97  ? 1_555 84.5  ? 
45 OD1 ? A ASP 95  ? A ASP 95  ? 1_555 CA ? C CA . ? A CA 151 ? 1_555 OD1 ? A ASN 97  ? A ASN 97  ? 1_555 76.4  ? 
46 OD1 ? A ASP 93  ? A ASP 93  ? 1_555 CA ? C CA . ? A CA 151 ? 1_555 O   ? A TYR 99  ? A TYR 99  ? 1_555 89.8  ? 
47 OD1 ? A ASP 95  ? A ASP 95  ? 1_555 CA ? C CA . ? A CA 151 ? 1_555 O   ? A TYR 99  ? A TYR 99  ? 1_555 157.8 ? 
48 OD1 ? A ASN 97  ? A ASN 97  ? 1_555 CA ? C CA . ? A CA 151 ? 1_555 O   ? A TYR 99  ? A TYR 99  ? 1_555 82.8  ? 
49 OD1 ? A ASP 93  ? A ASP 93  ? 1_555 CA ? C CA . ? A CA 151 ? 1_555 OE2 ? A GLU 104 ? A GLU 104 ? 1_555 105.2 ? 
50 OD1 ? A ASP 95  ? A ASP 95  ? 1_555 CA ? C CA . ? A CA 151 ? 1_555 OE2 ? A GLU 104 ? A GLU 104 ? 1_555 75.3  ? 
51 OD1 ? A ASN 97  ? A ASN 97  ? 1_555 CA ? C CA . ? A CA 151 ? 1_555 OE2 ? A GLU 104 ? A GLU 104 ? 1_555 148.0 ? 
52 O   ? A TYR 99  ? A TYR 99  ? 1_555 CA ? C CA . ? A CA 151 ? 1_555 OE2 ? A GLU 104 ? A GLU 104 ? 1_555 126.7 ? 
53 OD1 ? A ASP 93  ? A ASP 93  ? 1_555 CA ? C CA . ? A CA 151 ? 1_555 OE1 ? A GLU 104 ? A GLU 104 ? 1_555 101.1 ? 
54 OD1 ? A ASP 95  ? A ASP 95  ? 1_555 CA ? C CA . ? A CA 151 ? 1_555 OE1 ? A GLU 104 ? A GLU 104 ? 1_555 126.2 ? 
55 OD1 ? A ASN 97  ? A ASN 97  ? 1_555 CA ? C CA . ? A CA 151 ? 1_555 OE1 ? A GLU 104 ? A GLU 104 ? 1_555 157.2 ? 
56 O   ? A TYR 99  ? A TYR 99  ? 1_555 CA ? C CA . ? A CA 151 ? 1_555 OE1 ? A GLU 104 ? A GLU 104 ? 1_555 75.1  ? 
57 OE2 ? A GLU 104 ? A GLU 104 ? 1_555 CA ? C CA . ? A CA 151 ? 1_555 OE1 ? A GLU 104 ? A GLU 104 ? 1_555 52.0  ? 
58 OD1 ? A ASP 93  ? A ASP 93  ? 1_555 CA ? C CA . ? A CA 151 ? 1_555 O   ? G HOH .   ? A HOH 196 ? 1_555 174.5 ? 
59 OD1 ? A ASP 95  ? A ASP 95  ? 1_555 CA ? C CA . ? A CA 151 ? 1_555 O   ? G HOH .   ? A HOH 196 ? 1_555 95.9  ? 
60 OD1 ? A ASN 97  ? A ASN 97  ? 1_555 CA ? C CA . ? A CA 151 ? 1_555 O   ? G HOH .   ? A HOH 196 ? 1_555 90.5  ? 
61 O   ? A TYR 99  ? A TYR 99  ? 1_555 CA ? C CA . ? A CA 151 ? 1_555 O   ? G HOH .   ? A HOH 196 ? 1_555 91.8  ? 
62 OE2 ? A GLU 104 ? A GLU 104 ? 1_555 CA ? C CA . ? A CA 151 ? 1_555 O   ? G HOH .   ? A HOH 196 ? 1_555 78.0  ? 
63 OE1 ? A GLU 104 ? A GLU 104 ? 1_555 CA ? C CA . ? A CA 151 ? 1_555 O   ? G HOH .   ? A HOH 196 ? 1_555 84.4  ? 
64 OD1 ? A ASP 129 ? A ASP 129 ? 1_555 CA ? D CA . ? A CA 152 ? 1_555 OD1 ? A ASP 131 ? A ASP 131 ? 1_555 81.0  ? 
65 OD1 ? A ASP 129 ? A ASP 129 ? 1_555 CA ? D CA . ? A CA 152 ? 1_555 OD1 ? A ASP 133 ? A ASP 133 ? 1_555 87.7  ? 
66 OD1 ? A ASP 131 ? A ASP 131 ? 1_555 CA ? D CA . ? A CA 152 ? 1_555 OD1 ? A ASP 133 ? A ASP 133 ? 1_555 80.5  ? 
67 OD1 ? A ASP 129 ? A ASP 129 ? 1_555 CA ? D CA . ? A CA 152 ? 1_555 O   ? A GLN 135 ? A GLN 135 ? 1_555 92.4  ? 
68 OD1 ? A ASP 131 ? A ASP 131 ? 1_555 CA ? D CA . ? A CA 152 ? 1_555 O   ? A GLN 135 ? A GLN 135 ? 1_555 158.6 ? 
69 OD1 ? A ASP 133 ? A ASP 133 ? 1_555 CA ? D CA . ? A CA 152 ? 1_555 O   ? A GLN 135 ? A GLN 135 ? 1_555 78.9  ? 
70 OD1 ? A ASP 129 ? A ASP 129 ? 1_555 CA ? D CA . ? A CA 152 ? 1_555 OE2 ? A GLU 140 ? A GLU 140 ? 1_555 89.1  ? 
71 OD1 ? A ASP 131 ? A ASP 131 ? 1_555 CA ? D CA . ? A CA 152 ? 1_555 OE2 ? A GLU 140 ? A GLU 140 ? 1_555 79.8  ? 
72 OD1 ? A ASP 133 ? A ASP 133 ? 1_555 CA ? D CA . ? A CA 152 ? 1_555 OE2 ? A GLU 140 ? A GLU 140 ? 1_555 160.3 ? 
73 O   ? A GLN 135 ? A GLN 135 ? 1_555 CA ? D CA . ? A CA 152 ? 1_555 OE2 ? A GLU 140 ? A GLU 140 ? 1_555 120.7 ? 
74 OD1 ? A ASP 129 ? A ASP 129 ? 1_555 CA ? D CA . ? A CA 152 ? 1_555 OE1 ? A GLU 140 ? A GLU 140 ? 1_555 109.6 ? 
75 OD1 ? A ASP 131 ? A ASP 131 ? 1_555 CA ? D CA . ? A CA 152 ? 1_555 OE1 ? A GLU 140 ? A GLU 140 ? 1_555 127.9 ? 
76 OD1 ? A ASP 133 ? A ASP 133 ? 1_555 CA ? D CA . ? A CA 152 ? 1_555 OE1 ? A GLU 140 ? A GLU 140 ? 1_555 147.8 ? 
77 O   ? A GLN 135 ? A GLN 135 ? 1_555 CA ? D CA . ? A CA 152 ? 1_555 OE1 ? A GLU 140 ? A GLU 140 ? 1_555 73.5  ? 
78 OE2 ? A GLU 140 ? A GLU 140 ? 1_555 CA ? D CA . ? A CA 152 ? 1_555 OE1 ? A GLU 140 ? A GLU 140 ? 1_555 50.7  ? 
79 OD1 ? A ASP 129 ? A ASP 129 ? 1_555 CA ? D CA . ? A CA 152 ? 1_555 O   ? G HOH .   ? A HOH 168 ? 1_555 159.3 ? 
80 OD1 ? A ASP 131 ? A ASP 131 ? 1_555 CA ? D CA . ? A CA 152 ? 1_555 O   ? G HOH .   ? A HOH 168 ? 1_555 82.1  ? 
81 OD1 ? A ASP 133 ? A ASP 133 ? 1_555 CA ? D CA . ? A CA 152 ? 1_555 O   ? G HOH .   ? A HOH 168 ? 1_555 77.9  ? 
82 O   ? A GLN 135 ? A GLN 135 ? 1_555 CA ? D CA . ? A CA 152 ? 1_555 O   ? G HOH .   ? A HOH 168 ? 1_555 99.1  ? 
83 OE2 ? A GLU 140 ? A GLU 140 ? 1_555 CA ? D CA . ? A CA 152 ? 1_555 O   ? G HOH .   ? A HOH 168 ? 1_555 99.5  ? 
84 OE1 ? A GLU 140 ? A GLU 140 ? 1_555 CA ? D CA . ? A CA 152 ? 1_555 O   ? G HOH .   ? A HOH 168 ? 1_555 90.2  ? 
# 
loop_
_pdbx_audit_revision_history.ordinal 
_pdbx_audit_revision_history.data_content_type 
_pdbx_audit_revision_history.major_revision 
_pdbx_audit_revision_history.minor_revision 
_pdbx_audit_revision_history.revision_date 
1 'Structure model' 1 0 2004-12-21 
2 'Structure model' 1 1 2008-04-30 
3 'Structure model' 1 2 2011-07-13 
4 'Structure model' 1 3 2018-10-03 
5 'Structure model' 1 4 2023-10-25 
# 
_pdbx_audit_revision_details.ordinal             1 
_pdbx_audit_revision_details.revision_ordinal    1 
_pdbx_audit_revision_details.data_content_type   'Structure model' 
_pdbx_audit_revision_details.provider            repository 
_pdbx_audit_revision_details.type                'Initial release' 
_pdbx_audit_revision_details.description         ? 
_pdbx_audit_revision_details.details             ? 
# 
loop_
_pdbx_audit_revision_group.ordinal 
_pdbx_audit_revision_group.revision_ordinal 
_pdbx_audit_revision_group.data_content_type 
_pdbx_audit_revision_group.group 
1 2 'Structure model' 'Version format compliance' 
2 3 'Structure model' Advisory                    
3 3 'Structure model' 'Version format compliance' 
4 4 'Structure model' 'Data collection'           
5 5 'Structure model' 'Data collection'           
6 5 'Structure model' 'Database references'       
7 5 'Structure model' 'Derived calculations'      
8 5 'Structure model' 'Refinement description'    
# 
loop_
_pdbx_audit_revision_category.ordinal 
_pdbx_audit_revision_category.revision_ordinal 
_pdbx_audit_revision_category.data_content_type 
_pdbx_audit_revision_category.category 
1 4 'Structure model' diffrn_source                 
2 5 'Structure model' chem_comp_atom                
3 5 'Structure model' chem_comp_bond                
4 5 'Structure model' database_2                    
5 5 'Structure model' pdbx_initial_refinement_model 
6 5 'Structure model' pdbx_struct_conn_angle        
7 5 'Structure model' struct_conn                   
8 5 'Structure model' struct_site                   
# 
loop_
_pdbx_audit_revision_item.ordinal 
_pdbx_audit_revision_item.revision_ordinal 
_pdbx_audit_revision_item.data_content_type 
_pdbx_audit_revision_item.item 
1  4 'Structure model' '_diffrn_source.pdbx_synchrotron_site'        
2  5 'Structure model' '_database_2.pdbx_DOI'                        
3  5 'Structure model' '_database_2.pdbx_database_accession'         
4  5 'Structure model' '_pdbx_struct_conn_angle.ptnr1_auth_comp_id'  
5  5 'Structure model' '_pdbx_struct_conn_angle.ptnr1_auth_seq_id'   
6  5 'Structure model' '_pdbx_struct_conn_angle.ptnr1_label_asym_id' 
7  5 'Structure model' '_pdbx_struct_conn_angle.ptnr1_label_atom_id' 
8  5 'Structure model' '_pdbx_struct_conn_angle.ptnr1_label_comp_id' 
9  5 'Structure model' '_pdbx_struct_conn_angle.ptnr1_label_seq_id'  
10 5 'Structure model' '_pdbx_struct_conn_angle.ptnr3_auth_comp_id'  
11 5 'Structure model' '_pdbx_struct_conn_angle.ptnr3_auth_seq_id'   
12 5 'Structure model' '_pdbx_struct_conn_angle.ptnr3_label_asym_id' 
13 5 'Structure model' '_pdbx_struct_conn_angle.ptnr3_label_atom_id' 
14 5 'Structure model' '_pdbx_struct_conn_angle.ptnr3_label_comp_id' 
15 5 'Structure model' '_pdbx_struct_conn_angle.ptnr3_label_seq_id'  
16 5 'Structure model' '_pdbx_struct_conn_angle.value'               
17 5 'Structure model' '_struct_conn.pdbx_dist_value'                
18 5 'Structure model' '_struct_conn.ptnr1_auth_comp_id'             
19 5 'Structure model' '_struct_conn.ptnr1_auth_seq_id'              
20 5 'Structure model' '_struct_conn.ptnr1_label_asym_id'            
21 5 'Structure model' '_struct_conn.ptnr1_label_atom_id'            
22 5 'Structure model' '_struct_conn.ptnr1_label_comp_id'            
23 5 'Structure model' '_struct_conn.ptnr1_label_seq_id'             
24 5 'Structure model' '_struct_conn.ptnr2_auth_comp_id'             
25 5 'Structure model' '_struct_conn.ptnr2_auth_seq_id'              
26 5 'Structure model' '_struct_conn.ptnr2_label_asym_id'            
27 5 'Structure model' '_struct_conn.ptnr2_label_atom_id'            
28 5 'Structure model' '_struct_conn.ptnr2_label_comp_id'            
29 5 'Structure model' '_struct_conn.ptnr2_label_seq_id'             
30 5 'Structure model' '_struct_site.pdbx_auth_asym_id'              
31 5 'Structure model' '_struct_site.pdbx_auth_comp_id'              
32 5 'Structure model' '_struct_site.pdbx_auth_seq_id'               
# 
loop_
_pdbx_refine_tls.id 
_pdbx_refine_tls.details 
_pdbx_refine_tls.method 
_pdbx_refine_tls.origin_x 
_pdbx_refine_tls.origin_y 
_pdbx_refine_tls.origin_z 
_pdbx_refine_tls.T[1][1] 
_pdbx_refine_tls.T[2][2] 
_pdbx_refine_tls.T[3][3] 
_pdbx_refine_tls.T[1][2] 
_pdbx_refine_tls.T[1][3] 
_pdbx_refine_tls.T[2][3] 
_pdbx_refine_tls.L[1][1] 
_pdbx_refine_tls.L[2][2] 
_pdbx_refine_tls.L[3][3] 
_pdbx_refine_tls.L[1][2] 
_pdbx_refine_tls.L[1][3] 
_pdbx_refine_tls.L[2][3] 
_pdbx_refine_tls.S[1][1] 
_pdbx_refine_tls.S[1][2] 
_pdbx_refine_tls.S[1][3] 
_pdbx_refine_tls.S[2][1] 
_pdbx_refine_tls.S[2][2] 
_pdbx_refine_tls.S[2][3] 
_pdbx_refine_tls.S[3][1] 
_pdbx_refine_tls.S[3][2] 
_pdbx_refine_tls.S[3][3] 
_pdbx_refine_tls.pdbx_refine_id 
1 ? refined 5.1384  3.8634  7.7353  0.1813 0.1551 0.1465 -0.0188 0.0039 0.0495 4.7031 1.9897 4.8326 1.9797 -3.0742 -1.9992 0.1096 -0.1389 -0.0467 0.1249 -0.1111 -0.0784 -0.2626 0.1412 0.0015 'X-RAY DIFFRACTION' 
2 ? refined -5.2907 -3.9276 -7.7658 0.1356 0.2305 0.1853 0.0140  0.0226 0.1113 2.5037 1.5781 3.9821 0.9447 -0.2353 -0.0248 0.0200 -0.1150 -0.0748 0.0589 -0.0988 -0.2809 -0.0232 0.1808 0.0788 'X-RAY DIFFRACTION' 
# 
loop_
_pdbx_refine_tls_group.id 
_pdbx_refine_tls_group.refine_tls_id 
_pdbx_refine_tls_group.beg_label_asym_id 
_pdbx_refine_tls_group.beg_label_seq_id 
_pdbx_refine_tls_group.beg_auth_seq_id 
_pdbx_refine_tls_group.end_label_asym_id 
_pdbx_refine_tls_group.end_label_seq_id 
_pdbx_refine_tls_group.end_auth_seq_id 
_pdbx_refine_tls_group.selection 
_pdbx_refine_tls_group.beg_auth_asym_id 
_pdbx_refine_tls_group.end_auth_asym_id 
_pdbx_refine_tls_group.pdbx_refine_id 
_pdbx_refine_tls_group.selection_details 
1 1 A 3  3  A 74  74  ? A A 'X-RAY DIFFRACTION' ? 
2 2 A 77 77 A 148 148 ? A A 'X-RAY DIFFRACTION' ? 
# 
loop_
_software.name 
_software.classification 
_software.version 
_software.citation_id 
_software.pdbx_ordinal 
REFMAC refinement       5.1.24 ? 1 
XDS    'data reduction' .      ? 2 
XDS    'data scaling'   .      ? 3 
MOLREP phasing          .      ? 4 
# 
_pdbx_validate_torsion.id              1 
_pdbx_validate_torsion.PDB_model_num   1 
_pdbx_validate_torsion.auth_comp_id    ASP 
_pdbx_validate_torsion.auth_asym_id    A 
_pdbx_validate_torsion.auth_seq_id     80 
_pdbx_validate_torsion.PDB_ins_code    ? 
_pdbx_validate_torsion.label_alt_id    ? 
_pdbx_validate_torsion.phi             93.86 
_pdbx_validate_torsion.psi             26.91 
# 
loop_
_pdbx_unobs_or_zero_occ_atoms.id 
_pdbx_unobs_or_zero_occ_atoms.PDB_model_num 
_pdbx_unobs_or_zero_occ_atoms.polymer_flag 
_pdbx_unobs_or_zero_occ_atoms.occupancy_flag 
_pdbx_unobs_or_zero_occ_atoms.auth_asym_id 
_pdbx_unobs_or_zero_occ_atoms.auth_comp_id 
_pdbx_unobs_or_zero_occ_atoms.auth_seq_id 
_pdbx_unobs_or_zero_occ_atoms.PDB_ins_code 
_pdbx_unobs_or_zero_occ_atoms.auth_atom_id 
_pdbx_unobs_or_zero_occ_atoms.label_alt_id 
_pdbx_unobs_or_zero_occ_atoms.label_asym_id 
_pdbx_unobs_or_zero_occ_atoms.label_comp_id 
_pdbx_unobs_or_zero_occ_atoms.label_seq_id 
_pdbx_unobs_or_zero_occ_atoms.label_atom_id 
1  1 Y 1 A LYS 77  ? CG  ? A LYS 77  CG  
2  1 Y 1 A LYS 77  ? CD  ? A LYS 77  CD  
3  1 Y 1 A LYS 77  ? CE  ? A LYS 77  CE  
4  1 Y 1 A LYS 77  ? NZ  ? A LYS 77  NZ  
5  1 Y 1 A ASP 78  ? CG  ? A ASP 78  CG  
6  1 Y 1 A ASP 78  ? OD1 ? A ASP 78  OD1 
7  1 Y 1 A ASP 78  ? OD2 ? A ASP 78  OD2 
8  1 Y 1 A ASP 80  ? CG  ? A ASP 80  CG  
9  1 Y 1 A ASP 80  ? OD1 ? A ASP 80  OD1 
10 1 Y 1 A ASP 80  ? OD2 ? A ASP 80  OD2 
11 1 Y 1 A LYS 94  ? CE  ? A LYS 94  CE  
12 1 Y 1 A LYS 94  ? NZ  ? A LYS 94  NZ  
13 1 Y 1 A LEU 105 ? CD2 ? A LEU 105 CD2 
14 1 Y 1 A ARG 106 ? CG  ? A ARG 106 CG  
15 1 Y 1 A ARG 106 ? CD  ? A ARG 106 CD  
16 1 Y 1 A ARG 106 ? NE  ? A ARG 106 NE  
17 1 Y 1 A ARG 106 ? CZ  ? A ARG 106 CZ  
18 1 Y 1 A ARG 106 ? NH1 ? A ARG 106 NH1 
19 1 Y 1 A ARG 106 ? NH2 ? A ARG 106 NH2 
20 1 Y 1 A LYS 115 ? CG  ? A LYS 115 CG  
21 1 Y 1 A LYS 115 ? CD  ? A LYS 115 CD  
22 1 Y 1 A LYS 115 ? CE  ? A LYS 115 CE  
23 1 Y 1 A LYS 115 ? NZ  ? A LYS 115 NZ  
24 1 Y 1 A GLU 119 ? CG  ? A GLU 119 CG  
25 1 Y 1 A GLU 119 ? CD  ? A GLU 119 CD  
26 1 Y 1 A GLU 119 ? OE1 ? A GLU 119 OE1 
27 1 Y 1 A GLU 119 ? OE2 ? A GLU 119 OE2 
28 1 Y 1 A GLU 123 ? CG  ? A GLU 123 CG  
29 1 Y 1 A GLU 123 ? CD  ? A GLU 123 CD  
30 1 Y 1 A GLU 123 ? OE1 ? A GLU 123 OE1 
31 1 Y 1 A GLU 123 ? OE2 ? A GLU 123 OE2 
32 1 Y 1 A ARG 126 ? CG  ? A ARG 126 CG  
33 1 Y 1 A ARG 126 ? CD  ? A ARG 126 CD  
34 1 Y 1 A ARG 126 ? NE  ? A ARG 126 NE  
35 1 Y 1 A ARG 126 ? CZ  ? A ARG 126 CZ  
36 1 Y 1 A ARG 126 ? NH1 ? A ARG 126 NH1 
37 1 Y 1 A ARG 126 ? NH2 ? A ARG 126 NH2 
38 1 Y 1 A ILE 130 ? CD1 ? A ILE 130 CD1 
39 1 Y 1 A GLU 139 ? CG  ? A GLU 139 CG  
40 1 Y 1 A GLU 139 ? CD  ? A GLU 139 CD  
41 1 Y 1 A GLU 139 ? OE1 ? A GLU 139 OE1 
42 1 Y 1 A GLU 139 ? OE2 ? A GLU 139 OE2 
# 
loop_
_pdbx_unobs_or_zero_occ_residues.id 
_pdbx_unobs_or_zero_occ_residues.PDB_model_num 
_pdbx_unobs_or_zero_occ_residues.polymer_flag 
_pdbx_unobs_or_zero_occ_residues.occupancy_flag 
_pdbx_unobs_or_zero_occ_residues.auth_asym_id 
_pdbx_unobs_or_zero_occ_residues.auth_comp_id 
_pdbx_unobs_or_zero_occ_residues.auth_seq_id 
_pdbx_unobs_or_zero_occ_residues.PDB_ins_code 
_pdbx_unobs_or_zero_occ_residues.label_asym_id 
_pdbx_unobs_or_zero_occ_residues.label_comp_id 
_pdbx_unobs_or_zero_occ_residues.label_seq_id 
1 1 Y 1 A ALA 1  ? A ALA 1  
2 1 Y 1 A ASP 2  ? A ASP 2  
3 1 Y 1 A LYS 75 ? A LYS 75 
4 1 Y 1 A MET 76 ? A MET 76 
# 
loop_
_chem_comp_atom.comp_id 
_chem_comp_atom.atom_id 
_chem_comp_atom.type_symbol 
_chem_comp_atom.pdbx_aromatic_flag 
_chem_comp_atom.pdbx_stereo_config 
_chem_comp_atom.pdbx_ordinal 
ALA N    N  N N 1   
ALA CA   C  N S 2   
ALA C    C  N N 3   
ALA O    O  N N 4   
ALA CB   C  N N 5   
ALA OXT  O  N N 6   
ALA H    H  N N 7   
ALA H2   H  N N 8   
ALA HA   H  N N 9   
ALA HB1  H  N N 10  
ALA HB2  H  N N 11  
ALA HB3  H  N N 12  
ALA HXT  H  N N 13  
ARG N    N  N N 14  
ARG CA   C  N S 15  
ARG C    C  N N 16  
ARG O    O  N N 17  
ARG CB   C  N N 18  
ARG CG   C  N N 19  
ARG CD   C  N N 20  
ARG NE   N  N N 21  
ARG CZ   C  N N 22  
ARG NH1  N  N N 23  
ARG NH2  N  N N 24  
ARG OXT  O  N N 25  
ARG H    H  N N 26  
ARG H2   H  N N 27  
ARG HA   H  N N 28  
ARG HB2  H  N N 29  
ARG HB3  H  N N 30  
ARG HG2  H  N N 31  
ARG HG3  H  N N 32  
ARG HD2  H  N N 33  
ARG HD3  H  N N 34  
ARG HE   H  N N 35  
ARG HH11 H  N N 36  
ARG HH12 H  N N 37  
ARG HH21 H  N N 38  
ARG HH22 H  N N 39  
ARG HXT  H  N N 40  
ASN N    N  N N 41  
ASN CA   C  N S 42  
ASN C    C  N N 43  
ASN O    O  N N 44  
ASN CB   C  N N 45  
ASN CG   C  N N 46  
ASN OD1  O  N N 47  
ASN ND2  N  N N 48  
ASN OXT  O  N N 49  
ASN H    H  N N 50  
ASN H2   H  N N 51  
ASN HA   H  N N 52  
ASN HB2  H  N N 53  
ASN HB3  H  N N 54  
ASN HD21 H  N N 55  
ASN HD22 H  N N 56  
ASN HXT  H  N N 57  
ASP N    N  N N 58  
ASP CA   C  N S 59  
ASP C    C  N N 60  
ASP O    O  N N 61  
ASP CB   C  N N 62  
ASP CG   C  N N 63  
ASP OD1  O  N N 64  
ASP OD2  O  N N 65  
ASP OXT  O  N N 66  
ASP H    H  N N 67  
ASP H2   H  N N 68  
ASP HA   H  N N 69  
ASP HB2  H  N N 70  
ASP HB3  H  N N 71  
ASP HD2  H  N N 72  
ASP HXT  H  N N 73  
CA  CA   CA N N 74  
GLN N    N  N N 75  
GLN CA   C  N S 76  
GLN C    C  N N 77  
GLN O    O  N N 78  
GLN CB   C  N N 79  
GLN CG   C  N N 80  
GLN CD   C  N N 81  
GLN OE1  O  N N 82  
GLN NE2  N  N N 83  
GLN OXT  O  N N 84  
GLN H    H  N N 85  
GLN H2   H  N N 86  
GLN HA   H  N N 87  
GLN HB2  H  N N 88  
GLN HB3  H  N N 89  
GLN HG2  H  N N 90  
GLN HG3  H  N N 91  
GLN HE21 H  N N 92  
GLN HE22 H  N N 93  
GLN HXT  H  N N 94  
GLU N    N  N N 95  
GLU CA   C  N S 96  
GLU C    C  N N 97  
GLU O    O  N N 98  
GLU CB   C  N N 99  
GLU CG   C  N N 100 
GLU CD   C  N N 101 
GLU OE1  O  N N 102 
GLU OE2  O  N N 103 
GLU OXT  O  N N 104 
GLU H    H  N N 105 
GLU H2   H  N N 106 
GLU HA   H  N N 107 
GLU HB2  H  N N 108 
GLU HB3  H  N N 109 
GLU HG2  H  N N 110 
GLU HG3  H  N N 111 
GLU HE2  H  N N 112 
GLU HXT  H  N N 113 
GLY N    N  N N 114 
GLY CA   C  N N 115 
GLY C    C  N N 116 
GLY O    O  N N 117 
GLY OXT  O  N N 118 
GLY H    H  N N 119 
GLY H2   H  N N 120 
GLY HA2  H  N N 121 
GLY HA3  H  N N 122 
GLY HXT  H  N N 123 
HIS N    N  N N 124 
HIS CA   C  N S 125 
HIS C    C  N N 126 
HIS O    O  N N 127 
HIS CB   C  N N 128 
HIS CG   C  Y N 129 
HIS ND1  N  Y N 130 
HIS CD2  C  Y N 131 
HIS CE1  C  Y N 132 
HIS NE2  N  Y N 133 
HIS OXT  O  N N 134 
HIS H    H  N N 135 
HIS H2   H  N N 136 
HIS HA   H  N N 137 
HIS HB2  H  N N 138 
HIS HB3  H  N N 139 
HIS HD1  H  N N 140 
HIS HD2  H  N N 141 
HIS HE1  H  N N 142 
HIS HE2  H  N N 143 
HIS HXT  H  N N 144 
HOH O    O  N N 145 
HOH H1   H  N N 146 
HOH H2   H  N N 147 
ILE N    N  N N 148 
ILE CA   C  N S 149 
ILE C    C  N N 150 
ILE O    O  N N 151 
ILE CB   C  N S 152 
ILE CG1  C  N N 153 
ILE CG2  C  N N 154 
ILE CD1  C  N N 155 
ILE OXT  O  N N 156 
ILE H    H  N N 157 
ILE H2   H  N N 158 
ILE HA   H  N N 159 
ILE HB   H  N N 160 
ILE HG12 H  N N 161 
ILE HG13 H  N N 162 
ILE HG21 H  N N 163 
ILE HG22 H  N N 164 
ILE HG23 H  N N 165 
ILE HD11 H  N N 166 
ILE HD12 H  N N 167 
ILE HD13 H  N N 168 
ILE HXT  H  N N 169 
KAR O1   O  N N 170 
KAR C11  C  N N 171 
KAR O2   O  N N 172 
KAR C9   C  N N 173 
KAR C10  C  N S 174 
KAR C12  C  Y N 175 
KAR C14  C  Y N 176 
KAR C15  C  Y N 177 
KAR C18  C  Y N 178 
KAR O19  O  N N 179 
KAR C20  C  N N 180 
KAR C17  C  Y N 181 
KAR C16  C  Y N 182 
KAR N24  N  N N 183 
KAR C25  C  N N 184 
KAR C22  C  N R 185 
KAR C21  C  N R 186 
KAR C23  C  N N 187 
KAR C27  C  N S 188 
KAR N30  N  N N 189 
KAR C34  C  N N 190 
KAR C31  C  N N 191 
KAR C29  C  N R 192 
KAR C32  C  N N 193 
KAR C33  C  N N 194 
KAR C35  C  N N 195 
KAR C36  C  N N 196 
KAR C26  C  N R 197 
KAR C83  C  N N 198 
KAR O4   O  N N 199 
KAR C28  C  N N 200 
KAR O61  O  N N 201 
KAR C24  C  N N 202 
KAR O3   O  N N 203 
KAR N85  N  N N 204 
KAR C19  C  N N 205 
KAR C30  C  N N 206 
KAR CL1  CL N N 207 
KAR C13  C  N N 208 
KAR C41  C  N R 209 
KAR C91  C  N N 210 
KAR C92  C  N N 211 
KAR C46  C  N S 212 
KAR O10  O  N N 213 
KAR C94  C  N N 214 
KAR C45  C  N N 215 
KAR C95  C  N N 216 
KAR N48  N  N N 217 
KAR C90  C  N N 218 
KAR C89  C  N N 219 
KAR C7   C  Y N 220 
KAR C3   C  Y N 221 
KAR C4   C  Y N 222 
KAR C5   C  Y N 223 
KAR N9   N  Y N 224 
KAR C8   C  Y N 225 
KAR C2   C  Y N 226 
KAR C1   C  Y N 227 
KAR C6   C  Y N 228 
KAR H91  H  N N 229 
KAR H92  H  N N 230 
KAR H93  H  N N 231 
KAR H14  H  N N 232 
KAR H201 H  N N 233 
KAR H202 H  N N 234 
KAR H203 H  N N 235 
KAR H17  H  N N 236 
KAR H251 H  N N 237 
KAR H252 H  N N 238 
KAR H253 H  N N 239 
KAR H22  H  N N 240 
KAR H231 H  N N 241 
KAR H232 H  N N 242 
KAR H27  H  N N 243 
KAR H341 H  N N 244 
KAR H342 H  N N 245 
KAR H311 H  N N 246 
KAR H312 H  N N 247 
KAR H32  H  N N 248 
KAR H33  H  N N 249 
KAR H351 H  N N 250 
KAR H352 H  N N 251 
KAR H361 H  N N 252 
KAR H362 H  N N 253 
KAR H363 H  N N 254 
KAR H281 H  N N 255 
KAR H282 H  N N 256 
KAR H191 H  N N 257 
KAR H192 H  N N 258 
KAR H301 H  N N 259 
KAR H302 H  N N 260 
KAR H131 H  N N 261 
KAR H132 H  N N 262 
KAR H41  H  N N 263 
KAR H911 H  N N 264 
KAR H912 H  N N 265 
KAR H921 H  N N 266 
KAR H922 H  N N 267 
KAR H10  H  N N 268 
KAR H941 H  N N 269 
KAR H942 H  N N 270 
KAR H451 H  N N 271 
KAR H452 H  N N 272 
KAR H453 H  N N 273 
KAR H951 H  N N 274 
KAR H952 H  N N 275 
KAR H901 H  N N 276 
KAR H902 H  N N 277 
KAR H891 H  N N 278 
KAR H892 H  N N 279 
KAR H5   H  N N 280 
KAR HN9  H  N N 281 
KAR H2   H  N N 282 
KAR H1   H  N N 283 
KAR H6   H  N N 284 
LEU N    N  N N 285 
LEU CA   C  N S 286 
LEU C    C  N N 287 
LEU O    O  N N 288 
LEU CB   C  N N 289 
LEU CG   C  N N 290 
LEU CD1  C  N N 291 
LEU CD2  C  N N 292 
LEU OXT  O  N N 293 
LEU H    H  N N 294 
LEU H2   H  N N 295 
LEU HA   H  N N 296 
LEU HB2  H  N N 297 
LEU HB3  H  N N 298 
LEU HG   H  N N 299 
LEU HD11 H  N N 300 
LEU HD12 H  N N 301 
LEU HD13 H  N N 302 
LEU HD21 H  N N 303 
LEU HD22 H  N N 304 
LEU HD23 H  N N 305 
LEU HXT  H  N N 306 
LYS N    N  N N 307 
LYS CA   C  N S 308 
LYS C    C  N N 309 
LYS O    O  N N 310 
LYS CB   C  N N 311 
LYS CG   C  N N 312 
LYS CD   C  N N 313 
LYS CE   C  N N 314 
LYS NZ   N  N N 315 
LYS OXT  O  N N 316 
LYS H    H  N N 317 
LYS H2   H  N N 318 
LYS HA   H  N N 319 
LYS HB2  H  N N 320 
LYS HB3  H  N N 321 
LYS HG2  H  N N 322 
LYS HG3  H  N N 323 
LYS HD2  H  N N 324 
LYS HD3  H  N N 325 
LYS HE2  H  N N 326 
LYS HE3  H  N N 327 
LYS HZ1  H  N N 328 
LYS HZ2  H  N N 329 
LYS HZ3  H  N N 330 
LYS HXT  H  N N 331 
MET N    N  N N 332 
MET CA   C  N S 333 
MET C    C  N N 334 
MET O    O  N N 335 
MET CB   C  N N 336 
MET CG   C  N N 337 
MET SD   S  N N 338 
MET CE   C  N N 339 
MET OXT  O  N N 340 
MET H    H  N N 341 
MET H2   H  N N 342 
MET HA   H  N N 343 
MET HB2  H  N N 344 
MET HB3  H  N N 345 
MET HG2  H  N N 346 
MET HG3  H  N N 347 
MET HE1  H  N N 348 
MET HE2  H  N N 349 
MET HE3  H  N N 350 
MET HXT  H  N N 351 
PHE N    N  N N 352 
PHE CA   C  N S 353 
PHE C    C  N N 354 
PHE O    O  N N 355 
PHE CB   C  N N 356 
PHE CG   C  Y N 357 
PHE CD1  C  Y N 358 
PHE CD2  C  Y N 359 
PHE CE1  C  Y N 360 
PHE CE2  C  Y N 361 
PHE CZ   C  Y N 362 
PHE OXT  O  N N 363 
PHE H    H  N N 364 
PHE H2   H  N N 365 
PHE HA   H  N N 366 
PHE HB2  H  N N 367 
PHE HB3  H  N N 368 
PHE HD1  H  N N 369 
PHE HD2  H  N N 370 
PHE HE1  H  N N 371 
PHE HE2  H  N N 372 
PHE HZ   H  N N 373 
PHE HXT  H  N N 374 
PRO N    N  N N 375 
PRO CA   C  N S 376 
PRO C    C  N N 377 
PRO O    O  N N 378 
PRO CB   C  N N 379 
PRO CG   C  N N 380 
PRO CD   C  N N 381 
PRO OXT  O  N N 382 
PRO H    H  N N 383 
PRO HA   H  N N 384 
PRO HB2  H  N N 385 
PRO HB3  H  N N 386 
PRO HG2  H  N N 387 
PRO HG3  H  N N 388 
PRO HD2  H  N N 389 
PRO HD3  H  N N 390 
PRO HXT  H  N N 391 
SER N    N  N N 392 
SER CA   C  N S 393 
SER C    C  N N 394 
SER O    O  N N 395 
SER CB   C  N N 396 
SER OG   O  N N 397 
SER OXT  O  N N 398 
SER H    H  N N 399 
SER H2   H  N N 400 
SER HA   H  N N 401 
SER HB2  H  N N 402 
SER HB3  H  N N 403 
SER HG   H  N N 404 
SER HXT  H  N N 405 
THR N    N  N N 406 
THR CA   C  N S 407 
THR C    C  N N 408 
THR O    O  N N 409 
THR CB   C  N R 410 
THR OG1  O  N N 411 
THR CG2  C  N N 412 
THR OXT  O  N N 413 
THR H    H  N N 414 
THR H2   H  N N 415 
THR HA   H  N N 416 
THR HB   H  N N 417 
THR HG1  H  N N 418 
THR HG21 H  N N 419 
THR HG22 H  N N 420 
THR HG23 H  N N 421 
THR HXT  H  N N 422 
TYR N    N  N N 423 
TYR CA   C  N S 424 
TYR C    C  N N 425 
TYR O    O  N N 426 
TYR CB   C  N N 427 
TYR CG   C  Y N 428 
TYR CD1  C  Y N 429 
TYR CD2  C  Y N 430 
TYR CE1  C  Y N 431 
TYR CE2  C  Y N 432 
TYR CZ   C  Y N 433 
TYR OH   O  N N 434 
TYR OXT  O  N N 435 
TYR H    H  N N 436 
TYR H2   H  N N 437 
TYR HA   H  N N 438 
TYR HB2  H  N N 439 
TYR HB3  H  N N 440 
TYR HD1  H  N N 441 
TYR HD2  H  N N 442 
TYR HE1  H  N N 443 
TYR HE2  H  N N 444 
TYR HH   H  N N 445 
TYR HXT  H  N N 446 
VAL N    N  N N 447 
VAL CA   C  N S 448 
VAL C    C  N N 449 
VAL O    O  N N 450 
VAL CB   C  N N 451 
VAL CG1  C  N N 452 
VAL CG2  C  N N 453 
VAL OXT  O  N N 454 
VAL H    H  N N 455 
VAL H2   H  N N 456 
VAL HA   H  N N 457 
VAL HB   H  N N 458 
VAL HG11 H  N N 459 
VAL HG12 H  N N 460 
VAL HG13 H  N N 461 
VAL HG21 H  N N 462 
VAL HG22 H  N N 463 
VAL HG23 H  N N 464 
VAL HXT  H  N N 465 
# 
loop_
_chem_comp_bond.comp_id 
_chem_comp_bond.atom_id_1 
_chem_comp_bond.atom_id_2 
_chem_comp_bond.value_order 
_chem_comp_bond.pdbx_aromatic_flag 
_chem_comp_bond.pdbx_stereo_config 
_chem_comp_bond.pdbx_ordinal 
ALA N   CA   sing N N 1   
ALA N   H    sing N N 2   
ALA N   H2   sing N N 3   
ALA CA  C    sing N N 4   
ALA CA  CB   sing N N 5   
ALA CA  HA   sing N N 6   
ALA C   O    doub N N 7   
ALA C   OXT  sing N N 8   
ALA CB  HB1  sing N N 9   
ALA CB  HB2  sing N N 10  
ALA CB  HB3  sing N N 11  
ALA OXT HXT  sing N N 12  
ARG N   CA   sing N N 13  
ARG N   H    sing N N 14  
ARG N   H2   sing N N 15  
ARG CA  C    sing N N 16  
ARG CA  CB   sing N N 17  
ARG CA  HA   sing N N 18  
ARG C   O    doub N N 19  
ARG C   OXT  sing N N 20  
ARG CB  CG   sing N N 21  
ARG CB  HB2  sing N N 22  
ARG CB  HB3  sing N N 23  
ARG CG  CD   sing N N 24  
ARG CG  HG2  sing N N 25  
ARG CG  HG3  sing N N 26  
ARG CD  NE   sing N N 27  
ARG CD  HD2  sing N N 28  
ARG CD  HD3  sing N N 29  
ARG NE  CZ   sing N N 30  
ARG NE  HE   sing N N 31  
ARG CZ  NH1  sing N N 32  
ARG CZ  NH2  doub N N 33  
ARG NH1 HH11 sing N N 34  
ARG NH1 HH12 sing N N 35  
ARG NH2 HH21 sing N N 36  
ARG NH2 HH22 sing N N 37  
ARG OXT HXT  sing N N 38  
ASN N   CA   sing N N 39  
ASN N   H    sing N N 40  
ASN N   H2   sing N N 41  
ASN CA  C    sing N N 42  
ASN CA  CB   sing N N 43  
ASN CA  HA   sing N N 44  
ASN C   O    doub N N 45  
ASN C   OXT  sing N N 46  
ASN CB  CG   sing N N 47  
ASN CB  HB2  sing N N 48  
ASN CB  HB3  sing N N 49  
ASN CG  OD1  doub N N 50  
ASN CG  ND2  sing N N 51  
ASN ND2 HD21 sing N N 52  
ASN ND2 HD22 sing N N 53  
ASN OXT HXT  sing N N 54  
ASP N   CA   sing N N 55  
ASP N   H    sing N N 56  
ASP N   H2   sing N N 57  
ASP CA  C    sing N N 58  
ASP CA  CB   sing N N 59  
ASP CA  HA   sing N N 60  
ASP C   O    doub N N 61  
ASP C   OXT  sing N N 62  
ASP CB  CG   sing N N 63  
ASP CB  HB2  sing N N 64  
ASP CB  HB3  sing N N 65  
ASP CG  OD1  doub N N 66  
ASP CG  OD2  sing N N 67  
ASP OD2 HD2  sing N N 68  
ASP OXT HXT  sing N N 69  
GLN N   CA   sing N N 70  
GLN N   H    sing N N 71  
GLN N   H2   sing N N 72  
GLN CA  C    sing N N 73  
GLN CA  CB   sing N N 74  
GLN CA  HA   sing N N 75  
GLN C   O    doub N N 76  
GLN C   OXT  sing N N 77  
GLN CB  CG   sing N N 78  
GLN CB  HB2  sing N N 79  
GLN CB  HB3  sing N N 80  
GLN CG  CD   sing N N 81  
GLN CG  HG2  sing N N 82  
GLN CG  HG3  sing N N 83  
GLN CD  OE1  doub N N 84  
GLN CD  NE2  sing N N 85  
GLN NE2 HE21 sing N N 86  
GLN NE2 HE22 sing N N 87  
GLN OXT HXT  sing N N 88  
GLU N   CA   sing N N 89  
GLU N   H    sing N N 90  
GLU N   H2   sing N N 91  
GLU CA  C    sing N N 92  
GLU CA  CB   sing N N 93  
GLU CA  HA   sing N N 94  
GLU C   O    doub N N 95  
GLU C   OXT  sing N N 96  
GLU CB  CG   sing N N 97  
GLU CB  HB2  sing N N 98  
GLU CB  HB3  sing N N 99  
GLU CG  CD   sing N N 100 
GLU CG  HG2  sing N N 101 
GLU CG  HG3  sing N N 102 
GLU CD  OE1  doub N N 103 
GLU CD  OE2  sing N N 104 
GLU OE2 HE2  sing N N 105 
GLU OXT HXT  sing N N 106 
GLY N   CA   sing N N 107 
GLY N   H    sing N N 108 
GLY N   H2   sing N N 109 
GLY CA  C    sing N N 110 
GLY CA  HA2  sing N N 111 
GLY CA  HA3  sing N N 112 
GLY C   O    doub N N 113 
GLY C   OXT  sing N N 114 
GLY OXT HXT  sing N N 115 
HIS N   CA   sing N N 116 
HIS N   H    sing N N 117 
HIS N   H2   sing N N 118 
HIS CA  C    sing N N 119 
HIS CA  CB   sing N N 120 
HIS CA  HA   sing N N 121 
HIS C   O    doub N N 122 
HIS C   OXT  sing N N 123 
HIS CB  CG   sing N N 124 
HIS CB  HB2  sing N N 125 
HIS CB  HB3  sing N N 126 
HIS CG  ND1  sing Y N 127 
HIS CG  CD2  doub Y N 128 
HIS ND1 CE1  doub Y N 129 
HIS ND1 HD1  sing N N 130 
HIS CD2 NE2  sing Y N 131 
HIS CD2 HD2  sing N N 132 
HIS CE1 NE2  sing Y N 133 
HIS CE1 HE1  sing N N 134 
HIS NE2 HE2  sing N N 135 
HIS OXT HXT  sing N N 136 
HOH O   H1   sing N N 137 
HOH O   H2   sing N N 138 
ILE N   CA   sing N N 139 
ILE N   H    sing N N 140 
ILE N   H2   sing N N 141 
ILE CA  C    sing N N 142 
ILE CA  CB   sing N N 143 
ILE CA  HA   sing N N 144 
ILE C   O    doub N N 145 
ILE C   OXT  sing N N 146 
ILE CB  CG1  sing N N 147 
ILE CB  CG2  sing N N 148 
ILE CB  HB   sing N N 149 
ILE CG1 CD1  sing N N 150 
ILE CG1 HG12 sing N N 151 
ILE CG1 HG13 sing N N 152 
ILE CG2 HG21 sing N N 153 
ILE CG2 HG22 sing N N 154 
ILE CG2 HG23 sing N N 155 
ILE CD1 HD11 sing N N 156 
ILE CD1 HD12 sing N N 157 
ILE CD1 HD13 sing N N 158 
ILE OXT HXT  sing N N 159 
KAR O1  C11  doub N N 160 
KAR C11 O2   sing N N 161 
KAR C11 C10  sing N N 162 
KAR O2  C9   sing N N 163 
KAR C9  H91  sing N N 164 
KAR C9  H92  sing N N 165 
KAR C9  H93  sing N N 166 
KAR C10 C12  sing N N 167 
KAR C10 C13  sing N N 168 
KAR C10 C8   sing N N 169 
KAR C12 C14  doub Y N 170 
KAR C12 C18  sing Y N 171 
KAR C14 C15  sing Y N 172 
KAR C14 H14  sing N N 173 
KAR C15 C16  doub Y N 174 
KAR C15 C21  sing N N 175 
KAR C18 O19  sing N N 176 
KAR C18 C17  doub Y N 177 
KAR O19 C20  sing N N 178 
KAR C20 H201 sing N N 179 
KAR C20 H202 sing N N 180 
KAR C20 H203 sing N N 181 
KAR C17 C16  sing Y N 182 
KAR C17 H17  sing N N 183 
KAR C16 N24  sing N N 184 
KAR N24 C25  sing N N 185 
KAR N24 C22  sing N N 186 
KAR C25 H251 sing N N 187 
KAR C25 H252 sing N N 188 
KAR C25 H253 sing N N 189 
KAR C22 C21  sing N N 190 
KAR C22 C26  sing N N 191 
KAR C22 H22  sing N N 192 
KAR C21 C23  sing N N 193 
KAR C21 C27  sing N N 194 
KAR C23 C31  sing N N 195 
KAR C23 H231 sing N N 196 
KAR C23 H232 sing N N 197 
KAR C27 N30  sing N N 198 
KAR C27 C29  sing N N 199 
KAR C27 H27  sing N N 200 
KAR N30 C34  sing N N 201 
KAR N30 C31  sing N N 202 
KAR C34 C33  sing N N 203 
KAR C34 H341 sing N N 204 
KAR C34 H342 sing N N 205 
KAR C31 H311 sing N N 206 
KAR C31 H312 sing N N 207 
KAR C29 C32  sing N N 208 
KAR C29 C35  sing N N 209 
KAR C29 C28  sing N N 210 
KAR C32 C33  doub N N 211 
KAR C32 H32  sing N N 212 
KAR C33 H33  sing N N 213 
KAR C35 C36  sing N N 214 
KAR C35 H351 sing N N 215 
KAR C35 H352 sing N N 216 
KAR C36 H361 sing N N 217 
KAR C36 H362 sing N N 218 
KAR C36 H363 sing N N 219 
KAR C26 C83  sing N N 220 
KAR C26 C28  sing N N 221 
KAR C26 O61  sing N N 222 
KAR C83 O4   doub N N 223 
KAR C83 N85  sing N N 224 
KAR C28 H281 sing N N 225 
KAR C28 H282 sing N N 226 
KAR O61 C24  sing N N 227 
KAR C24 O3   doub N N 228 
KAR C24 N85  sing N N 229 
KAR N85 C19  sing N N 230 
KAR C19 C30  sing N N 231 
KAR C19 H191 sing N N 232 
KAR C19 H192 sing N N 233 
KAR C30 CL1  sing N N 234 
KAR C30 H301 sing N N 235 
KAR C30 H302 sing N N 236 
KAR C13 C41  sing N N 237 
KAR C13 H131 sing N N 238 
KAR C13 H132 sing N N 239 
KAR C41 C91  sing N N 240 
KAR C41 C92  sing N N 241 
KAR C41 H41  sing N N 242 
KAR C91 N48  sing N N 243 
KAR C91 H911 sing N N 244 
KAR C91 H912 sing N N 245 
KAR C92 C46  sing N N 246 
KAR C92 H921 sing N N 247 
KAR C92 H922 sing N N 248 
KAR C46 O10  sing N N 249 
KAR C46 C94  sing N N 250 
KAR C46 C95  sing N N 251 
KAR O10 H10  sing N N 252 
KAR C94 C45  sing N N 253 
KAR C94 H941 sing N N 254 
KAR C94 H942 sing N N 255 
KAR C45 H451 sing N N 256 
KAR C45 H452 sing N N 257 
KAR C45 H453 sing N N 258 
KAR C95 N48  sing N N 259 
KAR C95 H951 sing N N 260 
KAR C95 H952 sing N N 261 
KAR N48 C90  sing N N 262 
KAR C90 C89  sing N N 263 
KAR C90 H901 sing N N 264 
KAR C90 H902 sing N N 265 
KAR C89 C7   sing N N 266 
KAR C89 H891 sing N N 267 
KAR C89 H892 sing N N 268 
KAR C7  C3   sing Y N 269 
KAR C7  C8   doub Y N 270 
KAR C3  C4   doub Y N 271 
KAR C3  C2   sing Y N 272 
KAR C4  C5   sing Y N 273 
KAR C4  N9   sing Y N 274 
KAR C5  C6   doub Y N 275 
KAR C5  H5   sing N N 276 
KAR N9  C8   sing Y N 277 
KAR N9  HN9  sing N N 278 
KAR C2  C1   doub Y N 279 
KAR C2  H2   sing N N 280 
KAR C1  C6   sing Y N 281 
KAR C1  H1   sing N N 282 
KAR C6  H6   sing N N 283 
LEU N   CA   sing N N 284 
LEU N   H    sing N N 285 
LEU N   H2   sing N N 286 
LEU CA  C    sing N N 287 
LEU CA  CB   sing N N 288 
LEU CA  HA   sing N N 289 
LEU C   O    doub N N 290 
LEU C   OXT  sing N N 291 
LEU CB  CG   sing N N 292 
LEU CB  HB2  sing N N 293 
LEU CB  HB3  sing N N 294 
LEU CG  CD1  sing N N 295 
LEU CG  CD2  sing N N 296 
LEU CG  HG   sing N N 297 
LEU CD1 HD11 sing N N 298 
LEU CD1 HD12 sing N N 299 
LEU CD1 HD13 sing N N 300 
LEU CD2 HD21 sing N N 301 
LEU CD2 HD22 sing N N 302 
LEU CD2 HD23 sing N N 303 
LEU OXT HXT  sing N N 304 
LYS N   CA   sing N N 305 
LYS N   H    sing N N 306 
LYS N   H2   sing N N 307 
LYS CA  C    sing N N 308 
LYS CA  CB   sing N N 309 
LYS CA  HA   sing N N 310 
LYS C   O    doub N N 311 
LYS C   OXT  sing N N 312 
LYS CB  CG   sing N N 313 
LYS CB  HB2  sing N N 314 
LYS CB  HB3  sing N N 315 
LYS CG  CD   sing N N 316 
LYS CG  HG2  sing N N 317 
LYS CG  HG3  sing N N 318 
LYS CD  CE   sing N N 319 
LYS CD  HD2  sing N N 320 
LYS CD  HD3  sing N N 321 
LYS CE  NZ   sing N N 322 
LYS CE  HE2  sing N N 323 
LYS CE  HE3  sing N N 324 
LYS NZ  HZ1  sing N N 325 
LYS NZ  HZ2  sing N N 326 
LYS NZ  HZ3  sing N N 327 
LYS OXT HXT  sing N N 328 
MET N   CA   sing N N 329 
MET N   H    sing N N 330 
MET N   H2   sing N N 331 
MET CA  C    sing N N 332 
MET CA  CB   sing N N 333 
MET CA  HA   sing N N 334 
MET C   O    doub N N 335 
MET C   OXT  sing N N 336 
MET CB  CG   sing N N 337 
MET CB  HB2  sing N N 338 
MET CB  HB3  sing N N 339 
MET CG  SD   sing N N 340 
MET CG  HG2  sing N N 341 
MET CG  HG3  sing N N 342 
MET SD  CE   sing N N 343 
MET CE  HE1  sing N N 344 
MET CE  HE2  sing N N 345 
MET CE  HE3  sing N N 346 
MET OXT HXT  sing N N 347 
PHE N   CA   sing N N 348 
PHE N   H    sing N N 349 
PHE N   H2   sing N N 350 
PHE CA  C    sing N N 351 
PHE CA  CB   sing N N 352 
PHE CA  HA   sing N N 353 
PHE C   O    doub N N 354 
PHE C   OXT  sing N N 355 
PHE CB  CG   sing N N 356 
PHE CB  HB2  sing N N 357 
PHE CB  HB3  sing N N 358 
PHE CG  CD1  doub Y N 359 
PHE CG  CD2  sing Y N 360 
PHE CD1 CE1  sing Y N 361 
PHE CD1 HD1  sing N N 362 
PHE CD2 CE2  doub Y N 363 
PHE CD2 HD2  sing N N 364 
PHE CE1 CZ   doub Y N 365 
PHE CE1 HE1  sing N N 366 
PHE CE2 CZ   sing Y N 367 
PHE CE2 HE2  sing N N 368 
PHE CZ  HZ   sing N N 369 
PHE OXT HXT  sing N N 370 
PRO N   CA   sing N N 371 
PRO N   CD   sing N N 372 
PRO N   H    sing N N 373 
PRO CA  C    sing N N 374 
PRO CA  CB   sing N N 375 
PRO CA  HA   sing N N 376 
PRO C   O    doub N N 377 
PRO C   OXT  sing N N 378 
PRO CB  CG   sing N N 379 
PRO CB  HB2  sing N N 380 
PRO CB  HB3  sing N N 381 
PRO CG  CD   sing N N 382 
PRO CG  HG2  sing N N 383 
PRO CG  HG3  sing N N 384 
PRO CD  HD2  sing N N 385 
PRO CD  HD3  sing N N 386 
PRO OXT HXT  sing N N 387 
SER N   CA   sing N N 388 
SER N   H    sing N N 389 
SER N   H2   sing N N 390 
SER CA  C    sing N N 391 
SER CA  CB   sing N N 392 
SER CA  HA   sing N N 393 
SER C   O    doub N N 394 
SER C   OXT  sing N N 395 
SER CB  OG   sing N N 396 
SER CB  HB2  sing N N 397 
SER CB  HB3  sing N N 398 
SER OG  HG   sing N N 399 
SER OXT HXT  sing N N 400 
THR N   CA   sing N N 401 
THR N   H    sing N N 402 
THR N   H2   sing N N 403 
THR CA  C    sing N N 404 
THR CA  CB   sing N N 405 
THR CA  HA   sing N N 406 
THR C   O    doub N N 407 
THR C   OXT  sing N N 408 
THR CB  OG1  sing N N 409 
THR CB  CG2  sing N N 410 
THR CB  HB   sing N N 411 
THR OG1 HG1  sing N N 412 
THR CG2 HG21 sing N N 413 
THR CG2 HG22 sing N N 414 
THR CG2 HG23 sing N N 415 
THR OXT HXT  sing N N 416 
TYR N   CA   sing N N 417 
TYR N   H    sing N N 418 
TYR N   H2   sing N N 419 
TYR CA  C    sing N N 420 
TYR CA  CB   sing N N 421 
TYR CA  HA   sing N N 422 
TYR C   O    doub N N 423 
TYR C   OXT  sing N N 424 
TYR CB  CG   sing N N 425 
TYR CB  HB2  sing N N 426 
TYR CB  HB3  sing N N 427 
TYR CG  CD1  doub Y N 428 
TYR CG  CD2  sing Y N 429 
TYR CD1 CE1  sing Y N 430 
TYR CD1 HD1  sing N N 431 
TYR CD2 CE2  doub Y N 432 
TYR CD2 HD2  sing N N 433 
TYR CE1 CZ   doub Y N 434 
TYR CE1 HE1  sing N N 435 
TYR CE2 CZ   sing Y N 436 
TYR CE2 HE2  sing N N 437 
TYR CZ  OH   sing N N 438 
TYR OH  HH   sing N N 439 
TYR OXT HXT  sing N N 440 
VAL N   CA   sing N N 441 
VAL N   H    sing N N 442 
VAL N   H2   sing N N 443 
VAL CA  C    sing N N 444 
VAL CA  CB   sing N N 445 
VAL CA  HA   sing N N 446 
VAL C   O    doub N N 447 
VAL C   OXT  sing N N 448 
VAL CB  CG1  sing N N 449 
VAL CB  CG2  sing N N 450 
VAL CB  HB   sing N N 451 
VAL CG1 HG11 sing N N 452 
VAL CG1 HG12 sing N N 453 
VAL CG1 HG13 sing N N 454 
VAL CG2 HG21 sing N N 455 
VAL CG2 HG22 sing N N 456 
VAL CG2 HG23 sing N N 457 
VAL OXT HXT  sing N N 458 
# 
loop_
_pdbx_entity_nonpoly.entity_id 
_pdbx_entity_nonpoly.name 
_pdbx_entity_nonpoly.comp_id 
2 'CALCIUM ION'                                                                       CA  
3 
;3"-(BETA-CHLOROETHYL)-2",4"-DIOXO-3, 5"-SPIRO-OXAZOLIDINO-4-DEACETOXY-VINBLASTINE
;
KAR 
4 water                                                                               HOH 
# 
_pdbx_initial_refinement_model.id               1 
_pdbx_initial_refinement_model.entity_id_list   ? 
_pdbx_initial_refinement_model.type             'experimental model' 
_pdbx_initial_refinement_model.source_name      PDB 
_pdbx_initial_refinement_model.accession_code   1LIN 
_pdbx_initial_refinement_model.details          'C-terminal domain of pdb entry 1lin truncated to poly-ALA' 
# 
